data_2KVS
#
_entry.id   2KVS
#
_cell.length_a   1.000
_cell.length_b   1.000
_cell.length_c   1.000
_cell.angle_alpha   90.00
_cell.angle_beta   90.00
_cell.angle_gamma   90.00
#
_symmetry.space_group_name_H-M   'P 1'
#
_entity_poly.entity_id   1
_entity_poly.type   'polypeptide(L)'
_entity_poly.pdbx_seq_one_letter_code
;MAGDPMTFYNFIMGFQNDNTPFGILAEHVSEDKAFPRLEERHQVIRAYVMSNYTDHQLIETTNRAISLYMANLEHHHHHH
;
_entity_poly.pdbx_strand_id   A
#
# COMPACT_ATOMS: atom_id res chain seq x y z
N MET A 1 -22.42 3.13 -2.58
CA MET A 1 -21.99 1.71 -2.58
C MET A 1 -20.49 1.58 -2.30
N ALA A 2 -20.10 0.49 -1.64
CA ALA A 2 -18.69 0.23 -1.35
C ALA A 2 -17.95 -0.38 -2.55
N GLY A 3 -16.82 0.24 -2.94
CA GLY A 3 -16.01 -0.27 -4.03
C GLY A 3 -14.57 -0.57 -3.59
N ASP A 4 -14.38 -1.74 -2.99
CA ASP A 4 -13.08 -2.12 -2.44
C ASP A 4 -12.39 -3.24 -3.26
N PRO A 5 -11.45 -2.88 -4.16
CA PRO A 5 -10.65 -3.87 -4.90
C PRO A 5 -9.45 -4.37 -4.08
N MET A 6 -9.05 -3.59 -3.06
CA MET A 6 -7.94 -3.94 -2.16
C MET A 6 -6.64 -4.29 -2.91
N THR A 7 -6.42 -3.63 -4.05
CA THR A 7 -5.23 -3.87 -4.88
C THR A 7 -3.93 -3.80 -4.07
N PHE A 8 -3.69 -2.65 -3.44
CA PHE A 8 -2.50 -2.45 -2.59
C PHE A 8 -2.35 -3.57 -1.54
N TYR A 9 -3.47 -3.95 -0.91
CA TYR A 9 -3.46 -4.99 0.13
C TYR A 9 -3.12 -6.37 -0.47
N ASN A 10 -3.61 -6.63 -1.68
CA ASN A 10 -3.32 -7.88 -2.39
C ASN A 10 -1.81 -8.02 -2.66
N PHE A 11 -1.16 -6.89 -2.92
CA PHE A 11 0.29 -6.87 -3.18
C PHE A 11 1.09 -7.20 -1.91
N ILE A 12 0.69 -6.60 -0.78
CA ILE A 12 1.41 -6.78 0.48
C ILE A 12 1.08 -8.12 1.16
N MET A 13 -0.06 -8.72 0.81
CA MET A 13 -0.39 -10.06 1.32
C MET A 13 0.62 -11.09 0.83
N GLY A 14 0.93 -12.06 1.68
CA GLY A 14 2.05 -12.95 1.44
C GLY A 14 3.21 -12.64 2.38
N PHE A 15 3.49 -11.35 2.54
CA PHE A 15 4.48 -10.89 3.53
C PHE A 15 3.90 -10.99 4.95
N GLN A 16 2.59 -10.75 5.07
CA GLN A 16 1.90 -10.90 6.35
C GLN A 16 1.65 -12.39 6.66
N ASN A 17 2.64 -13.03 7.27
CA ASN A 17 2.56 -14.43 7.68
C ASN A 17 3.79 -14.79 8.51
N ASP A 18 4.96 -14.45 7.96
CA ASP A 18 6.23 -14.57 8.68
C ASP A 18 6.66 -13.21 9.24
N ASN A 19 7.53 -13.22 10.25
CA ASN A 19 7.98 -11.98 10.88
C ASN A 19 8.87 -11.14 9.93
N THR A 20 8.22 -10.30 9.12
CA THR A 20 8.92 -9.44 8.15
C THR A 20 8.51 -7.97 8.31
N PRO A 21 9.45 -7.02 8.11
CA PRO A 21 9.15 -5.58 8.15
C PRO A 21 7.98 -5.20 7.23
N PHE A 22 7.90 -5.86 6.07
CA PHE A 22 6.80 -5.66 5.12
C PHE A 22 5.48 -6.20 5.70
N GLY A 23 5.55 -7.37 6.34
CA GLY A 23 4.39 -7.98 6.97
C GLY A 23 3.81 -7.13 8.10
N ILE A 24 4.68 -6.47 8.86
CA ILE A 24 4.26 -5.56 9.94
C ILE A 24 3.33 -4.46 9.40
N LEU A 25 3.63 -3.96 8.21
CA LEU A 25 2.80 -2.95 7.55
C LEU A 25 1.37 -3.49 7.32
N ALA A 26 1.28 -4.61 6.60
CA ALA A 26 -0.01 -5.26 6.32
C ALA A 26 -0.76 -5.59 7.62
N GLU A 27 -0.02 -6.11 8.60
CA GLU A 27 -0.59 -6.49 9.90
C GLU A 27 -1.18 -5.26 10.63
N HIS A 28 -0.42 -4.17 10.68
CA HIS A 28 -0.86 -2.96 11.40
C HIS A 28 -2.02 -2.25 10.68
N VAL A 29 -2.02 -2.26 9.34
CA VAL A 29 -3.11 -1.64 8.58
C VAL A 29 -4.35 -2.54 8.60
N SER A 30 -4.14 -3.85 8.70
CA SER A 30 -5.24 -4.82 8.81
C SER A 30 -5.93 -4.69 10.18
N GLU A 31 -5.25 -4.03 11.13
CA GLU A 31 -5.82 -3.70 12.44
C GLU A 31 -7.02 -2.75 12.30
N ASP A 32 -6.94 -1.83 11.35
CA ASP A 32 -8.01 -0.84 11.12
C ASP A 32 -9.23 -1.49 10.43
N LYS A 33 -10.36 -0.78 10.41
CA LYS A 33 -11.59 -1.31 9.83
C LYS A 33 -11.48 -1.46 8.30
N ALA A 34 -10.56 -0.71 7.69
CA ALA A 34 -10.34 -0.75 6.23
C ALA A 34 -11.58 -0.31 5.45
N PHE A 35 -12.49 0.39 6.13
CA PHE A 35 -13.73 0.87 5.49
C PHE A 35 -13.45 2.10 4.60
N PRO A 36 -13.84 2.06 3.32
CA PRO A 36 -13.58 3.15 2.35
C PRO A 36 -14.03 4.54 2.85
N ARG A 37 -13.19 5.56 2.59
CA ARG A 37 -13.48 6.93 3.00
C ARG A 37 -13.45 7.88 1.79
N LEU A 38 -12.25 8.08 1.27
CA LEU A 38 -12.02 8.99 0.13
C LEU A 38 -10.59 8.78 -0.39
N GLU A 39 -10.37 7.63 -1.01
CA GLU A 39 -9.04 7.23 -1.49
C GLU A 39 -8.70 7.93 -2.81
N GLU A 40 -9.38 7.52 -3.89
CA GLU A 40 -9.22 8.12 -5.22
C GLU A 40 -7.81 7.88 -5.80
N ARG A 41 -6.80 8.52 -5.22
CA ARG A 41 -5.41 8.39 -5.68
C ARG A 41 -4.56 7.57 -4.68
N HIS A 42 -3.27 7.43 -4.98
CA HIS A 42 -2.36 6.67 -4.10
C HIS A 42 -1.47 7.59 -3.26
N GLN A 43 -1.20 8.79 -3.78
CA GLN A 43 -0.34 9.77 -3.10
C GLN A 43 -0.95 10.19 -1.74
N VAL A 44 -2.27 10.36 -1.69
CA VAL A 44 -2.97 10.69 -0.44
C VAL A 44 -2.72 9.61 0.63
N ILE A 45 -2.74 8.34 0.21
CA ILE A 45 -2.44 7.22 1.11
C ILE A 45 -1.00 7.33 1.64
N ARG A 46 -0.08 7.68 0.75
CA ARG A 46 1.32 7.90 1.10
C ARG A 46 1.44 8.94 2.23
N ALA A 47 0.77 10.08 2.04
CA ALA A 47 0.79 11.17 3.04
C ALA A 47 0.27 10.70 4.41
N TYR A 48 -0.87 10.01 4.41
CA TYR A 48 -1.46 9.51 5.66
C TYR A 48 -0.53 8.55 6.41
N VAL A 49 -0.09 7.48 5.75
CA VAL A 49 0.75 6.47 6.39
C VAL A 49 2.09 7.06 6.89
N MET A 50 2.69 7.95 6.10
CA MET A 50 3.98 8.57 6.47
C MET A 50 3.83 9.56 7.63
N SER A 51 2.62 10.07 7.83
CA SER A 51 2.33 11.00 8.93
C SER A 51 2.11 10.25 10.25
N ASN A 52 1.52 9.05 10.17
CA ASN A 52 1.26 8.23 11.36
C ASN A 52 2.46 7.33 11.70
N TYR A 53 2.92 6.56 10.73
CA TYR A 53 4.05 5.63 10.94
C TYR A 53 5.39 6.34 10.76
N THR A 54 6.20 6.36 11.82
CA THR A 54 7.56 6.92 11.75
C THR A 54 8.57 5.85 11.34
N ASP A 55 8.13 4.59 11.36
CA ASP A 55 8.98 3.46 11.02
C ASP A 55 9.41 3.50 9.54
N HIS A 56 10.71 3.54 9.30
CA HIS A 56 11.26 3.68 7.95
C HIS A 56 10.81 2.55 7.01
N GLN A 57 10.80 1.32 7.51
CA GLN A 57 10.36 0.17 6.71
C GLN A 57 8.87 0.26 6.32
N LEU A 58 8.03 0.71 7.26
CA LEU A 58 6.59 0.85 6.99
C LEU A 58 6.33 1.93 5.93
N ILE A 59 7.05 3.05 6.04
CA ILE A 59 6.98 4.12 5.05
C ILE A 59 7.51 3.66 3.68
N GLU A 60 8.72 3.11 3.68
CA GLU A 60 9.39 2.65 2.46
C GLU A 60 8.54 1.63 1.68
N THR A 61 8.08 0.59 2.37
CA THR A 61 7.23 -0.43 1.76
C THR A 61 6.03 0.19 1.03
N THR A 62 5.38 1.16 1.68
CA THR A 62 4.20 1.82 1.11
C THR A 62 4.53 2.59 -0.19
N ASN A 63 5.46 3.54 -0.12
CA ASN A 63 5.78 4.36 -1.31
C ASN A 63 6.45 3.52 -2.41
N ARG A 64 7.07 2.41 -2.03
CA ARG A 64 7.62 1.46 -3.00
C ARG A 64 6.50 0.80 -3.82
N ALA A 65 5.53 0.20 -3.11
CA ALA A 65 4.38 -0.43 -3.77
C ALA A 65 3.61 0.58 -4.64
N ILE A 66 3.38 1.78 -4.11
CA ILE A 66 2.73 2.85 -4.87
C ILE A 66 3.52 3.19 -6.14
N SER A 67 4.82 3.39 -6.00
CA SER A 67 5.71 3.68 -7.14
C SER A 67 5.59 2.61 -8.22
N LEU A 68 5.68 1.34 -7.81
CA LEU A 68 5.57 0.22 -8.73
C LEU A 68 4.23 0.22 -9.48
N TYR A 69 3.13 0.31 -8.73
CA TYR A 69 1.78 0.31 -9.32
C TYR A 69 1.53 1.51 -10.26
N MET A 70 2.45 2.47 -10.26
CA MET A 70 2.38 3.58 -11.21
C MET A 70 3.29 3.32 -12.43
N ALA A 71 4.60 3.20 -12.17
CA ALA A 71 5.59 3.00 -13.23
C ALA A 71 5.36 1.69 -14.02
N ASN A 72 5.13 0.59 -13.29
CA ASN A 72 4.87 -0.72 -13.91
C ASN A 72 3.60 -0.68 -14.77
N LEU A 73 2.56 -0.03 -14.25
CA LEU A 73 1.28 0.10 -14.95
C LEU A 73 1.45 0.86 -16.27
N GLU A 74 2.00 2.07 -16.18
CA GLU A 74 2.24 2.91 -17.37
C GLU A 74 3.09 2.18 -18.42
N HIS A 75 4.16 1.52 -17.97
CA HIS A 75 5.06 0.79 -18.89
C HIS A 75 4.48 -0.58 -19.29
N HIS A 76 3.25 -0.86 -18.88
CA HIS A 76 2.51 -2.01 -19.44
C HIS A 76 1.42 -1.52 -20.40
N HIS A 77 1.09 -0.22 -20.35
CA HIS A 77 0.28 0.42 -21.39
C HIS A 77 1.18 0.88 -22.55
N HIS A 78 2.43 1.18 -22.22
CA HIS A 78 3.46 1.52 -23.22
C HIS A 78 4.76 0.75 -22.92
N HIS A 79 5.02 -0.32 -23.66
CA HIS A 79 6.20 -1.15 -23.39
C HIS A 79 6.99 -1.47 -24.68
N HIS A 80 7.90 -0.56 -25.03
CA HIS A 80 8.78 -0.70 -26.22
C HIS A 80 7.98 -0.90 -27.52
N MET A 1 -17.57 -4.00 -1.46
CA MET A 1 -17.58 -4.50 -2.87
C MET A 1 -17.62 -3.33 -3.86
N ALA A 2 -18.73 -2.59 -3.89
CA ALA A 2 -18.85 -1.40 -4.73
C ALA A 2 -18.15 -0.21 -4.07
N GLY A 3 -16.86 -0.37 -3.83
CA GLY A 3 -16.09 0.61 -3.08
C GLY A 3 -14.90 -0.04 -2.39
N ASP A 4 -14.01 0.77 -1.81
CA ASP A 4 -12.78 0.26 -1.19
C ASP A 4 -11.95 -0.55 -2.21
N PRO A 5 -11.14 0.12 -3.04
CA PRO A 5 -10.39 -0.53 -4.13
C PRO A 5 -9.43 -1.64 -3.66
N MET A 6 -9.03 -1.57 -2.39
CA MET A 6 -8.12 -2.56 -1.78
C MET A 6 -6.79 -2.68 -2.55
N THR A 7 -6.80 -3.47 -3.63
CA THR A 7 -5.59 -3.78 -4.45
C THR A 7 -4.31 -3.99 -3.61
N PHE A 8 -3.69 -2.90 -3.17
CA PHE A 8 -2.45 -2.97 -2.39
C PHE A 8 -2.65 -3.74 -1.08
N TYR A 9 -3.84 -3.61 -0.50
CA TYR A 9 -4.19 -4.35 0.73
C TYR A 9 -4.03 -5.87 0.51
N ASN A 10 -4.48 -6.34 -0.65
CA ASN A 10 -4.33 -7.76 -1.01
C ASN A 10 -2.85 -8.10 -1.28
N PHE A 11 -2.18 -7.22 -2.01
CA PHE A 11 -0.76 -7.42 -2.36
C PHE A 11 0.13 -7.55 -1.11
N ILE A 12 0.00 -6.60 -0.19
CA ILE A 12 0.85 -6.56 1.01
C ILE A 12 0.62 -7.79 1.92
N MET A 13 -0.64 -8.22 2.05
CA MET A 13 -0.96 -9.40 2.88
C MET A 13 -0.28 -10.67 2.36
N GLY A 14 0.07 -10.69 1.07
CA GLY A 14 0.80 -11.81 0.50
C GLY A 14 2.14 -12.08 1.21
N PHE A 15 2.76 -11.01 1.71
CA PHE A 15 4.05 -11.12 2.41
C PHE A 15 3.83 -11.32 3.93
N GLN A 16 2.59 -11.20 4.38
CA GLN A 16 2.23 -11.32 5.80
C GLN A 16 2.37 -12.77 6.30
N ASN A 17 2.57 -13.71 5.36
CA ASN A 17 2.73 -15.12 5.71
C ASN A 17 4.08 -15.40 6.39
N ASP A 18 5.17 -15.00 5.72
CA ASP A 18 6.53 -15.21 6.24
C ASP A 18 6.95 -14.09 7.21
N ASN A 19 8.05 -14.32 7.94
CA ASN A 19 8.61 -13.30 8.82
C ASN A 19 9.21 -12.15 7.98
N THR A 20 8.39 -11.14 7.69
CA THR A 20 8.82 -10.01 6.88
C THR A 20 8.35 -8.68 7.47
N PRO A 21 9.15 -7.60 7.31
CA PRO A 21 8.73 -6.26 7.73
C PRO A 21 7.49 -5.77 6.95
N PHE A 22 7.31 -6.34 5.75
CA PHE A 22 6.12 -6.07 4.94
C PHE A 22 4.87 -6.64 5.61
N GLY A 23 5.01 -7.82 6.21
CA GLY A 23 3.94 -8.43 6.97
C GLY A 23 3.47 -7.56 8.13
N ILE A 24 4.43 -6.92 8.80
CA ILE A 24 4.11 -5.99 9.90
C ILE A 24 3.24 -4.82 9.40
N LEU A 25 3.56 -4.32 8.21
CA LEU A 25 2.75 -3.28 7.57
C LEU A 25 1.32 -3.82 7.29
N ALA A 26 1.25 -5.02 6.73
CA ALA A 26 -0.04 -5.67 6.41
C ALA A 26 -0.91 -5.86 7.65
N GLU A 27 -0.37 -6.48 8.69
CA GLU A 27 -1.13 -6.75 9.92
C GLU A 27 -1.54 -5.43 10.61
N HIS A 28 -0.73 -4.38 10.47
CA HIS A 28 -1.03 -3.10 11.10
C HIS A 28 -2.16 -2.35 10.38
N VAL A 29 -2.18 -2.40 9.05
CA VAL A 29 -3.27 -1.75 8.29
C VAL A 29 -4.57 -2.56 8.36
N SER A 30 -4.43 -3.86 8.64
CA SER A 30 -5.58 -4.73 8.88
C SER A 30 -6.16 -4.51 10.29
N GLU A 31 -5.27 -4.48 11.28
CA GLU A 31 -5.65 -4.27 12.69
C GLU A 31 -5.44 -2.79 13.10
N ASP A 32 -5.10 -2.55 14.37
CA ASP A 32 -4.76 -1.21 14.86
C ASP A 32 -5.99 -0.28 14.92
N LYS A 33 -6.46 0.17 13.76
CA LYS A 33 -7.60 1.09 13.70
C LYS A 33 -8.39 0.94 12.39
N ALA A 34 -7.68 0.69 11.28
CA ALA A 34 -8.31 0.55 9.96
C ALA A 34 -9.18 1.77 9.59
N PHE A 35 -8.82 2.93 10.16
CA PHE A 35 -9.59 4.17 9.98
C PHE A 35 -9.59 4.63 8.51
N PRO A 36 -10.77 4.67 7.86
CA PRO A 36 -10.91 5.11 6.46
C PRO A 36 -10.75 6.63 6.30
N ARG A 37 -10.23 7.05 5.14
CA ARG A 37 -10.04 8.47 4.84
C ARG A 37 -10.99 8.92 3.71
N LEU A 38 -10.79 8.33 2.53
CA LEU A 38 -11.63 8.57 1.35
C LEU A 38 -11.06 7.76 0.17
N GLU A 39 -11.37 6.46 0.15
CA GLU A 39 -10.72 5.51 -0.75
C GLU A 39 -11.27 5.61 -2.19
N GLU A 40 -10.66 6.48 -2.99
CA GLU A 40 -11.00 6.59 -4.41
C GLU A 40 -9.76 6.38 -5.29
N ARG A 41 -8.66 7.07 -4.95
CA ARG A 41 -7.39 6.91 -5.67
C ARG A 41 -6.31 6.24 -4.79
N HIS A 42 -5.33 5.60 -5.43
CA HIS A 42 -4.23 4.95 -4.71
C HIS A 42 -3.08 5.93 -4.46
N GLN A 43 -2.93 6.92 -5.34
CA GLN A 43 -1.88 7.94 -5.25
C GLN A 43 -1.83 8.62 -3.87
N VAL A 44 -3.00 8.90 -3.31
CA VAL A 44 -3.10 9.66 -2.05
C VAL A 44 -2.56 8.90 -0.83
N ILE A 45 -2.61 7.56 -0.89
CA ILE A 45 -2.18 6.71 0.24
C ILE A 45 -0.73 7.03 0.66
N ARG A 46 0.10 7.36 -0.33
CA ARG A 46 1.50 7.71 -0.08
C ARG A 46 1.66 8.86 0.93
N ALA A 47 0.77 9.85 0.84
CA ALA A 47 0.86 11.03 1.69
C ALA A 47 0.58 10.71 3.16
N TYR A 48 -0.47 9.91 3.41
CA TYR A 48 -0.90 9.59 4.78
C TYR A 48 0.21 8.92 5.60
N VAL A 49 0.78 7.82 5.08
CA VAL A 49 1.77 7.04 5.81
C VAL A 49 2.96 7.89 6.30
N MET A 50 3.43 8.82 5.46
CA MET A 50 4.56 9.69 5.79
C MET A 50 4.19 10.69 6.91
N SER A 51 2.95 11.14 6.92
CA SER A 51 2.47 12.10 7.93
C SER A 51 1.88 11.39 9.17
N ASN A 52 1.85 10.05 9.15
CA ASN A 52 1.34 9.27 10.29
C ASN A 52 2.48 8.57 11.06
N TYR A 53 3.22 7.70 10.38
CA TYR A 53 4.22 6.84 11.04
C TYR A 53 5.59 7.53 11.16
N THR A 54 6.53 6.84 11.83
CA THR A 54 7.91 7.34 11.99
C THR A 54 8.94 6.26 11.59
N ASP A 55 8.59 5.00 11.82
CA ASP A 55 9.46 3.86 11.46
C ASP A 55 9.76 3.83 9.95
N HIS A 56 10.87 3.17 9.58
CA HIS A 56 11.23 3.04 8.16
C HIS A 56 10.19 2.24 7.37
N GLN A 57 10.08 0.94 7.67
CA GLN A 57 9.23 0.04 6.87
C GLN A 57 7.75 0.41 6.90
N LEU A 58 7.26 0.97 8.01
CA LEU A 58 5.86 1.40 8.10
C LEU A 58 5.52 2.52 7.09
N ILE A 59 6.55 3.20 6.59
CA ILE A 59 6.39 4.25 5.57
C ILE A 59 7.02 3.81 4.24
N GLU A 60 8.31 3.50 4.29
CA GLU A 60 9.09 3.07 3.11
C GLU A 60 8.35 2.02 2.26
N THR A 61 7.79 0.99 2.91
CA THR A 61 7.05 -0.06 2.18
C THR A 61 5.97 0.53 1.27
N THR A 62 5.04 1.28 1.85
CA THR A 62 3.94 1.90 1.10
C THR A 62 4.45 2.91 0.06
N ASN A 63 5.27 3.86 0.51
CA ASN A 63 5.80 4.92 -0.36
C ASN A 63 6.56 4.33 -1.57
N ARG A 64 7.44 3.36 -1.29
CA ARG A 64 8.23 2.70 -2.33
C ARG A 64 7.34 1.85 -3.25
N ALA A 65 6.46 1.05 -2.65
CA ALA A 65 5.55 0.18 -3.43
C ALA A 65 4.71 0.98 -4.42
N ILE A 66 4.09 2.06 -3.95
CA ILE A 66 3.29 2.93 -4.83
C ILE A 66 4.15 3.51 -5.97
N SER A 67 5.42 3.80 -5.68
CA SER A 67 6.37 4.23 -6.72
C SER A 67 6.58 3.13 -7.76
N LEU A 68 6.76 1.89 -7.29
CA LEU A 68 6.88 0.74 -8.19
C LEU A 68 5.60 0.52 -9.01
N TYR A 69 4.44 0.82 -8.42
CA TYR A 69 3.17 0.79 -9.15
C TYR A 69 3.17 1.83 -10.28
N MET A 70 3.63 3.05 -9.97
CA MET A 70 3.75 4.12 -10.98
C MET A 70 4.64 3.68 -12.16
N ALA A 71 5.80 3.10 -11.84
CA ALA A 71 6.74 2.62 -12.85
C ALA A 71 6.16 1.43 -13.66
N ASN A 72 5.75 0.39 -12.94
CA ASN A 72 5.23 -0.83 -13.55
C ASN A 72 4.00 -0.56 -14.43
N LEU A 73 3.05 0.22 -13.91
CA LEU A 73 1.80 0.52 -14.65
C LEU A 73 2.11 1.13 -16.02
N GLU A 74 2.86 2.23 -16.03
CA GLU A 74 3.18 2.95 -17.27
C GLU A 74 4.07 2.11 -18.21
N HIS A 75 4.95 1.29 -17.66
CA HIS A 75 5.84 0.45 -18.48
C HIS A 75 5.07 -0.74 -19.07
N HIS A 76 4.12 -1.27 -18.32
CA HIS A 76 3.27 -2.37 -18.78
C HIS A 76 2.29 -1.86 -19.85
N HIS A 77 1.76 -0.66 -19.64
CA HIS A 77 0.86 -0.01 -20.59
C HIS A 77 1.65 0.59 -21.78
N HIS A 78 2.98 0.64 -21.63
CA HIS A 78 3.91 1.04 -22.70
C HIS A 78 3.74 2.52 -23.12
N HIS A 79 4.58 3.39 -22.56
CA HIS A 79 4.63 4.82 -22.95
C HIS A 79 5.98 5.45 -22.62
N HIS A 80 6.60 6.07 -23.62
CA HIS A 80 7.86 6.80 -23.43
C HIS A 80 7.58 8.29 -23.16
N MET A 1 -18.74 -1.54 -1.99
CA MET A 1 -18.39 -0.46 -2.96
C MET A 1 -18.15 -1.03 -4.37
N ALA A 2 -18.59 -0.31 -5.39
CA ALA A 2 -18.37 -0.72 -6.79
C ALA A 2 -16.92 -0.46 -7.23
N GLY A 3 -16.05 -1.42 -6.96
CA GLY A 3 -14.63 -1.29 -7.31
C GLY A 3 -13.72 -1.86 -6.23
N ASP A 4 -12.43 -1.52 -6.28
CA ASP A 4 -11.49 -1.97 -5.25
C ASP A 4 -10.35 -0.95 -5.02
N PRO A 5 -10.47 -0.12 -3.96
CA PRO A 5 -9.38 0.77 -3.52
C PRO A 5 -8.32 0.02 -2.69
N MET A 6 -8.59 -1.24 -2.38
CA MET A 6 -7.72 -2.06 -1.51
C MET A 6 -6.52 -2.62 -2.29
N THR A 7 -6.40 -2.26 -3.56
CA THR A 7 -5.26 -2.67 -4.41
C THR A 7 -3.90 -2.46 -3.73
N PHE A 8 -3.77 -1.37 -2.97
CA PHE A 8 -2.55 -1.14 -2.16
C PHE A 8 -2.31 -2.32 -1.20
N TYR A 9 -3.35 -2.71 -0.47
CA TYR A 9 -3.27 -3.83 0.46
C TYR A 9 -3.02 -5.15 -0.29
N ASN A 10 -3.70 -5.32 -1.43
CA ASN A 10 -3.53 -6.51 -2.27
C ASN A 10 -2.07 -6.71 -2.69
N PHE A 11 -1.37 -5.61 -2.94
CA PHE A 11 0.04 -5.66 -3.34
C PHE A 11 0.91 -6.24 -2.22
N ILE A 12 0.85 -5.64 -1.02
CA ILE A 12 1.66 -6.10 0.11
C ILE A 12 1.26 -7.51 0.58
N MET A 13 -0.01 -7.88 0.36
CA MET A 13 -0.48 -9.25 0.68
C MET A 13 0.33 -10.31 -0.09
N GLY A 14 0.89 -9.91 -1.24
CA GLY A 14 1.73 -10.82 -2.03
C GLY A 14 3.05 -11.15 -1.37
N PHE A 15 3.44 -10.35 -0.37
CA PHE A 15 4.70 -10.55 0.37
C PHE A 15 4.43 -10.85 1.85
N GLN A 16 3.17 -11.14 2.18
CA GLN A 16 2.75 -11.33 3.58
C GLN A 16 3.04 -12.75 4.11
N ASN A 17 3.23 -13.71 3.21
CA ASN A 17 3.37 -15.13 3.59
C ASN A 17 4.79 -15.46 4.09
N ASP A 18 5.41 -14.52 4.81
CA ASP A 18 6.75 -14.70 5.37
C ASP A 18 7.01 -13.68 6.48
N ASN A 19 7.72 -14.09 7.54
CA ASN A 19 8.04 -13.19 8.65
C ASN A 19 8.96 -12.06 8.19
N THR A 20 8.35 -10.96 7.75
CA THR A 20 9.09 -9.79 7.26
C THR A 20 8.70 -8.52 8.05
N PRO A 21 9.68 -7.71 8.48
CA PRO A 21 9.41 -6.43 9.14
C PRO A 21 8.56 -5.48 8.27
N PHE A 22 8.56 -5.75 6.96
CA PHE A 22 7.79 -4.95 5.99
C PHE A 22 6.32 -5.40 5.95
N GLY A 23 6.09 -6.72 5.98
CA GLY A 23 4.73 -7.26 5.96
C GLY A 23 3.88 -6.77 7.14
N ILE A 24 4.56 -6.34 8.21
CA ILE A 24 3.89 -5.76 9.38
C ILE A 24 2.98 -4.57 8.99
N LEU A 25 3.31 -3.92 7.86
CA LEU A 25 2.47 -2.85 7.33
C LEU A 25 1.05 -3.38 7.04
N ALA A 26 0.97 -4.49 6.31
CA ALA A 26 -0.32 -5.13 5.99
C ALA A 26 -1.07 -5.52 7.27
N GLU A 27 -0.33 -6.05 8.23
CA GLU A 27 -0.89 -6.38 9.55
C GLU A 27 -1.47 -5.14 10.24
N HIS A 28 -0.66 -4.08 10.31
CA HIS A 28 -1.02 -2.88 11.05
C HIS A 28 -2.27 -2.19 10.47
N VAL A 29 -2.33 -2.08 9.13
CA VAL A 29 -3.51 -1.49 8.48
C VAL A 29 -4.75 -2.38 8.67
N SER A 30 -4.53 -3.69 8.79
CA SER A 30 -5.60 -4.65 9.12
C SER A 30 -6.04 -4.50 10.58
N GLU A 31 -5.07 -4.18 11.44
CA GLU A 31 -5.35 -3.91 12.86
C GLU A 31 -6.25 -2.68 13.01
N ASP A 32 -5.95 -1.63 12.24
CA ASP A 32 -6.77 -0.43 12.21
C ASP A 32 -8.20 -0.73 11.70
N LYS A 33 -8.37 -0.78 10.38
CA LYS A 33 -9.68 -1.07 9.77
C LYS A 33 -9.52 -1.75 8.40
N ALA A 34 -8.66 -1.17 7.55
CA ALA A 34 -8.45 -1.66 6.18
C ALA A 34 -9.69 -1.44 5.28
N PHE A 35 -10.67 -0.71 5.80
CA PHE A 35 -11.91 -0.42 5.07
C PHE A 35 -11.81 0.94 4.35
N PRO A 36 -12.05 0.97 3.01
CA PRO A 36 -12.01 2.21 2.22
C PRO A 36 -13.00 3.28 2.71
N ARG A 37 -12.48 4.35 3.30
CA ARG A 37 -13.29 5.44 3.84
C ARG A 37 -13.28 6.67 2.92
N LEU A 38 -12.12 6.93 2.31
CA LEU A 38 -11.93 8.13 1.49
C LEU A 38 -10.79 7.93 0.48
N GLU A 39 -9.78 7.16 0.89
CA GLU A 39 -8.56 6.95 0.11
C GLU A 39 -8.75 5.94 -1.04
N GLU A 40 -9.65 6.26 -1.97
CA GLU A 40 -9.79 5.48 -3.20
C GLU A 40 -8.65 5.81 -4.18
N ARG A 41 -7.96 6.92 -3.90
CA ARG A 41 -6.88 7.42 -4.76
C ARG A 41 -5.51 7.02 -4.19
N HIS A 42 -4.77 6.22 -4.94
CA HIS A 42 -3.47 5.68 -4.51
C HIS A 42 -2.49 6.80 -4.12
N GLN A 43 -2.66 7.97 -4.73
CA GLN A 43 -1.79 9.13 -4.48
C GLN A 43 -1.74 9.52 -2.99
N VAL A 44 -2.90 9.53 -2.33
CA VAL A 44 -2.98 9.99 -0.93
C VAL A 44 -2.45 8.94 0.06
N ILE A 45 -2.38 7.67 -0.36
CA ILE A 45 -1.88 6.59 0.49
C ILE A 45 -0.46 6.90 1.01
N ARG A 46 0.40 7.33 0.08
CA ARG A 46 1.77 7.73 0.42
C ARG A 46 1.77 8.86 1.47
N ALA A 47 0.84 9.79 1.34
CA ALA A 47 0.71 10.92 2.27
C ALA A 47 0.28 10.44 3.68
N TYR A 48 -0.69 9.53 3.73
CA TYR A 48 -1.19 8.99 5.01
C TYR A 48 -0.06 8.51 5.94
N VAL A 49 0.73 7.55 5.47
CA VAL A 49 1.79 6.96 6.29
C VAL A 49 2.84 8.00 6.73
N MET A 50 3.25 8.86 5.80
CA MET A 50 4.27 9.88 6.10
C MET A 50 3.72 10.98 7.03
N SER A 51 2.41 11.19 6.98
CA SER A 51 1.76 12.23 7.80
C SER A 51 1.20 11.68 9.11
N ASN A 52 1.43 10.39 9.38
CA ASN A 52 0.97 9.76 10.63
C ASN A 52 2.08 8.92 11.29
N TYR A 53 2.47 7.84 10.64
CA TYR A 53 3.43 6.89 11.22
C TYR A 53 4.86 7.47 11.26
N THR A 54 5.60 7.10 12.30
CA THR A 54 7.03 7.41 12.38
C THR A 54 7.87 6.15 12.13
N ASP A 55 7.19 5.01 12.08
CA ASP A 55 7.84 3.71 11.88
C ASP A 55 8.44 3.60 10.47
N HIS A 56 9.76 3.63 10.37
CA HIS A 56 10.44 3.60 9.07
C HIS A 56 10.02 2.37 8.24
N GLN A 57 9.85 1.22 8.89
CA GLN A 57 9.44 0.00 8.20
C GLN A 57 8.02 0.12 7.60
N LEU A 58 7.10 0.73 8.34
CA LEU A 58 5.72 0.90 7.85
C LEU A 58 5.67 1.92 6.69
N ILE A 59 6.40 3.01 6.84
CA ILE A 59 6.46 4.05 5.80
C ILE A 59 7.14 3.52 4.52
N GLU A 60 8.36 3.02 4.66
CA GLU A 60 9.17 2.55 3.51
C GLU A 60 8.42 1.51 2.67
N THR A 61 7.77 0.56 3.34
CA THR A 61 6.96 -0.46 2.65
C THR A 61 5.87 0.18 1.77
N THR A 62 5.27 1.26 2.29
CA THR A 62 4.18 1.94 1.59
C THR A 62 4.63 2.61 0.28
N ASN A 63 5.65 3.49 0.37
CA ASN A 63 6.17 4.15 -0.85
C ASN A 63 6.75 3.11 -1.83
N ARG A 64 7.36 2.06 -1.29
CA ARG A 64 7.86 0.94 -2.10
C ARG A 64 6.69 0.26 -2.85
N ALA A 65 5.56 0.09 -2.18
CA ALA A 65 4.38 -0.52 -2.78
C ALA A 65 3.76 0.38 -3.87
N ILE A 66 3.29 1.57 -3.47
CA ILE A 66 2.62 2.51 -4.39
C ILE A 66 3.49 2.87 -5.62
N SER A 67 4.74 3.25 -5.38
CA SER A 67 5.63 3.69 -6.46
C SER A 67 5.89 2.57 -7.48
N LEU A 68 6.30 1.40 -7.00
CA LEU A 68 6.56 0.26 -7.89
C LEU A 68 5.28 -0.26 -8.55
N TYR A 69 4.13 -0.11 -7.86
CA TYR A 69 2.84 -0.52 -8.41
C TYR A 69 2.51 0.28 -9.69
N MET A 70 2.56 1.61 -9.60
CA MET A 70 2.30 2.48 -10.76
C MET A 70 3.41 2.35 -11.81
N ALA A 71 4.66 2.19 -11.34
CA ALA A 71 5.81 2.04 -12.24
C ALA A 71 5.70 0.75 -13.07
N ASN A 72 5.21 -0.31 -12.44
CA ASN A 72 4.95 -1.56 -13.13
C ASN A 72 3.78 -1.42 -14.12
N LEU A 73 2.67 -0.85 -13.63
CA LEU A 73 1.47 -0.63 -14.45
C LEU A 73 1.83 0.09 -15.77
N GLU A 74 2.70 1.11 -15.68
CA GLU A 74 3.14 1.85 -16.87
C GLU A 74 3.67 0.89 -17.95
N HIS A 75 4.69 0.11 -17.61
CA HIS A 75 5.30 -0.83 -18.57
C HIS A 75 4.42 -2.08 -18.79
N HIS A 76 3.46 -2.30 -17.89
CA HIS A 76 2.52 -3.42 -18.02
C HIS A 76 1.46 -3.10 -19.11
N HIS A 77 1.14 -1.82 -19.26
CA HIS A 77 0.26 -1.35 -20.33
C HIS A 77 1.08 -0.91 -21.56
N HIS A 78 2.33 -0.55 -21.33
CA HIS A 78 3.22 -0.11 -22.41
C HIS A 78 3.47 -1.24 -23.44
N HIS A 79 2.94 -1.07 -24.65
CA HIS A 79 3.02 -2.10 -25.69
C HIS A 79 2.35 -3.41 -25.20
N HIS A 80 1.05 -3.35 -24.93
CA HIS A 80 0.29 -4.51 -24.45
C HIS A 80 -1.22 -4.32 -24.69
N MET A 1 -22.90 1.09 -5.47
CA MET A 1 -21.72 0.24 -5.79
C MET A 1 -20.42 0.90 -5.28
N ALA A 2 -19.63 0.16 -4.50
CA ALA A 2 -18.35 0.66 -3.99
C ALA A 2 -17.19 0.31 -4.93
N GLY A 3 -16.16 1.16 -4.95
CA GLY A 3 -15.05 0.96 -5.88
C GLY A 3 -13.84 0.26 -5.27
N ASP A 4 -12.77 0.16 -6.07
CA ASP A 4 -11.49 -0.47 -5.67
C ASP A 4 -11.65 -1.97 -5.33
N PRO A 5 -11.07 -2.86 -6.17
CA PRO A 5 -11.02 -4.30 -5.90
C PRO A 5 -9.88 -4.68 -4.91
N MET A 6 -9.66 -3.85 -3.90
CA MET A 6 -8.62 -4.10 -2.87
C MET A 6 -7.22 -4.13 -3.49
N THR A 7 -6.99 -3.31 -4.52
CA THR A 7 -5.72 -3.31 -5.29
C THR A 7 -4.48 -3.17 -4.38
N PHE A 8 -4.45 -2.12 -3.57
CA PHE A 8 -3.29 -1.87 -2.69
C PHE A 8 -3.04 -3.04 -1.72
N TYR A 9 -4.09 -3.46 -1.01
CA TYR A 9 -3.97 -4.55 -0.03
C TYR A 9 -3.55 -5.86 -0.71
N ASN A 10 -4.06 -6.09 -1.93
CA ASN A 10 -3.73 -7.29 -2.70
C ASN A 10 -2.21 -7.53 -2.78
N PHE A 11 -1.46 -6.47 -3.07
CA PHE A 11 0.00 -6.58 -3.22
C PHE A 11 0.70 -6.95 -1.90
N ILE A 12 0.32 -6.28 -0.81
CA ILE A 12 1.03 -6.43 0.47
C ILE A 12 0.73 -7.77 1.16
N MET A 13 -0.36 -8.46 0.75
CA MET A 13 -0.74 -9.74 1.37
C MET A 13 0.40 -10.78 1.32
N GLY A 14 1.14 -10.82 0.21
CA GLY A 14 2.25 -11.76 0.08
C GLY A 14 3.32 -11.56 1.15
N PHE A 15 3.57 -10.31 1.52
CA PHE A 15 4.57 -9.98 2.54
C PHE A 15 4.11 -10.40 3.95
N GLN A 16 2.81 -10.69 4.09
CA GLN A 16 2.26 -11.15 5.37
C GLN A 16 2.52 -12.65 5.58
N ASN A 17 2.62 -13.40 4.50
CA ASN A 17 2.87 -14.86 4.58
C ASN A 17 4.18 -15.13 5.35
N ASP A 18 5.27 -14.53 4.89
CA ASP A 18 6.54 -14.57 5.61
C ASP A 18 6.57 -13.49 6.71
N ASN A 19 6.73 -13.93 7.97
CA ASN A 19 6.76 -12.99 9.11
C ASN A 19 7.94 -12.00 9.02
N THR A 20 7.76 -10.96 8.23
CA THR A 20 8.81 -9.94 7.98
C THR A 20 8.38 -8.56 8.50
N PRO A 21 9.31 -7.59 8.61
CA PRO A 21 8.96 -6.19 8.94
C PRO A 21 7.96 -5.61 7.92
N PHE A 22 8.03 -6.11 6.68
CA PHE A 22 7.05 -5.76 5.65
C PHE A 22 5.67 -6.31 6.00
N GLY A 23 5.65 -7.54 6.53
CA GLY A 23 4.41 -8.13 7.01
C GLY A 23 3.77 -7.36 8.16
N ILE A 24 4.61 -6.73 8.99
CA ILE A 24 4.14 -5.90 10.10
C ILE A 24 3.25 -4.76 9.58
N LEU A 25 3.62 -4.19 8.42
CA LEU A 25 2.82 -3.16 7.77
C LEU A 25 1.41 -3.70 7.47
N ALA A 26 1.35 -4.82 6.75
CA ALA A 26 0.07 -5.48 6.41
C ALA A 26 -0.73 -5.85 7.68
N GLU A 27 0.00 -6.20 8.74
CA GLU A 27 -0.61 -6.58 10.01
C GLU A 27 -1.30 -5.37 10.67
N HIS A 28 -0.56 -4.28 10.85
CA HIS A 28 -1.08 -3.10 11.54
C HIS A 28 -2.19 -2.40 10.75
N VAL A 29 -2.07 -2.34 9.42
CA VAL A 29 -3.13 -1.73 8.60
C VAL A 29 -4.43 -2.54 8.67
N SER A 30 -4.30 -3.84 8.96
CA SER A 30 -5.47 -4.71 9.16
C SER A 30 -6.12 -4.47 10.53
N GLU A 31 -5.37 -3.83 11.43
CA GLU A 31 -5.88 -3.47 12.76
C GLU A 31 -6.99 -2.41 12.65
N ASP A 32 -6.84 -1.50 11.68
CA ASP A 32 -7.85 -0.46 11.43
C ASP A 32 -9.02 -1.04 10.59
N LYS A 33 -10.08 -0.24 10.45
CA LYS A 33 -11.27 -0.64 9.68
C LYS A 33 -10.93 -0.82 8.19
N ALA A 34 -9.97 -0.03 7.69
CA ALA A 34 -9.50 -0.12 6.30
C ALA A 34 -10.62 0.17 5.29
N PHE A 35 -11.56 1.05 5.64
CA PHE A 35 -12.65 1.44 4.73
C PHE A 35 -12.21 2.63 3.85
N PRO A 36 -12.70 2.68 2.59
CA PRO A 36 -12.37 3.78 1.67
C PRO A 36 -12.93 5.13 2.14
N ARG A 37 -12.06 5.94 2.74
CA ARG A 37 -12.42 7.28 3.21
C ARG A 37 -12.11 8.33 2.13
N LEU A 38 -10.82 8.65 1.96
CA LEU A 38 -10.36 9.58 0.92
C LEU A 38 -9.28 8.92 0.04
N GLU A 39 -9.14 7.61 0.17
CA GLU A 39 -8.03 6.86 -0.44
C GLU A 39 -8.36 6.38 -1.87
N GLU A 40 -9.29 7.08 -2.53
CA GLU A 40 -9.66 6.75 -3.92
C GLU A 40 -8.44 6.78 -4.86
N ARG A 41 -7.43 7.57 -4.49
CA ARG A 41 -6.20 7.68 -5.26
C ARG A 41 -5.02 7.03 -4.49
N HIS A 42 -4.32 6.09 -5.12
CA HIS A 42 -3.16 5.45 -4.47
C HIS A 42 -2.05 6.47 -4.17
N GLN A 43 -2.15 7.64 -4.80
CA GLN A 43 -1.22 8.75 -4.57
C GLN A 43 -1.22 9.19 -3.09
N VAL A 44 -2.40 9.47 -2.55
CA VAL A 44 -2.54 9.95 -1.17
C VAL A 44 -2.09 8.89 -0.14
N ILE A 45 -2.19 7.62 -0.50
CA ILE A 45 -1.69 6.52 0.35
C ILE A 45 -0.21 6.74 0.71
N ARG A 46 0.57 7.15 -0.28
CA ARG A 46 2.00 7.38 -0.11
C ARG A 46 2.27 8.57 0.84
N ALA A 47 1.25 9.40 1.07
CA ALA A 47 1.37 10.55 1.97
C ALA A 47 0.94 10.21 3.40
N TYR A 48 -0.19 9.49 3.54
CA TYR A 48 -0.73 9.14 4.87
C TYR A 48 0.33 8.53 5.80
N VAL A 49 1.12 7.61 5.27
CA VAL A 49 2.15 6.92 6.05
C VAL A 49 3.14 7.92 6.69
N MET A 50 3.43 9.03 6.01
CA MET A 50 4.37 10.03 6.51
C MET A 50 3.75 10.88 7.63
N SER A 51 2.43 10.80 7.80
CA SER A 51 1.72 11.56 8.84
C SER A 51 1.26 10.65 10.00
N ASN A 52 0.99 9.38 9.69
CA ASN A 52 0.50 8.45 10.71
C ASN A 52 1.62 7.63 11.36
N TYR A 53 2.71 7.41 10.64
CA TYR A 53 3.83 6.59 11.14
C TYR A 53 5.14 7.38 11.21
N THR A 54 6.10 6.87 11.98
CA THR A 54 7.41 7.52 12.12
C THR A 54 8.56 6.61 11.67
N ASP A 55 8.40 5.30 11.84
CA ASP A 55 9.45 4.34 11.47
C ASP A 55 9.52 4.16 9.93
N HIS A 56 10.73 3.96 9.41
CA HIS A 56 10.96 3.85 7.96
C HIS A 56 10.31 2.59 7.36
N GLN A 57 10.31 1.49 8.11
CA GLN A 57 9.71 0.23 7.63
C GLN A 57 8.18 0.33 7.53
N LEU A 58 7.59 1.37 8.12
CA LEU A 58 6.16 1.64 8.00
C LEU A 58 5.89 2.68 6.91
N ILE A 59 6.74 3.71 6.84
CA ILE A 59 6.61 4.77 5.84
C ILE A 59 7.23 4.37 4.50
N GLU A 60 8.54 4.13 4.51
CA GLU A 60 9.32 3.90 3.29
C GLU A 60 8.88 2.64 2.52
N THR A 61 8.41 1.63 3.25
CA THR A 61 7.88 0.40 2.62
C THR A 61 6.74 0.76 1.65
N THR A 62 5.78 1.53 2.14
CA THR A 62 4.67 2.01 1.29
C THR A 62 5.18 2.97 0.21
N ASN A 63 6.10 3.85 0.60
CA ASN A 63 6.73 4.79 -0.34
C ASN A 63 7.32 4.05 -1.56
N ARG A 64 7.96 2.91 -1.30
CA ARG A 64 8.53 2.07 -2.36
C ARG A 64 7.43 1.34 -3.15
N ALA A 65 6.50 0.71 -2.43
CA ALA A 65 5.41 -0.06 -3.06
C ALA A 65 4.60 0.77 -4.06
N ILE A 66 4.21 1.98 -3.65
CA ILE A 66 3.47 2.89 -4.52
C ILE A 66 4.26 3.23 -5.79
N SER A 67 5.55 3.48 -5.64
CA SER A 67 6.44 3.74 -6.79
C SER A 67 6.41 2.58 -7.78
N LEU A 68 6.55 1.36 -7.24
CA LEU A 68 6.54 0.14 -8.05
C LEU A 68 5.22 0.01 -8.84
N TYR A 69 4.08 0.21 -8.15
CA TYR A 69 2.77 0.12 -8.78
C TYR A 69 2.57 1.19 -9.86
N MET A 70 3.11 2.38 -9.65
CA MET A 70 3.06 3.45 -10.66
C MET A 70 3.85 3.06 -11.92
N ALA A 71 5.08 2.60 -11.73
CA ALA A 71 5.94 2.17 -12.84
C ALA A 71 5.38 0.90 -13.52
N ASN A 72 4.78 0.03 -12.72
CA ASN A 72 4.15 -1.20 -13.21
C ASN A 72 2.95 -0.88 -14.10
N LEU A 73 2.01 -0.11 -13.57
CA LEU A 73 0.79 0.28 -14.30
C LEU A 73 1.17 0.99 -15.62
N GLU A 74 2.13 1.90 -15.55
CA GLU A 74 2.62 2.62 -16.73
C GLU A 74 3.05 1.66 -17.85
N HIS A 75 4.05 0.82 -17.58
CA HIS A 75 4.56 -0.11 -18.60
C HIS A 75 3.52 -1.17 -18.98
N HIS A 76 2.68 -1.56 -18.02
CA HIS A 76 1.62 -2.53 -18.29
C HIS A 76 0.62 -1.98 -19.32
N HIS A 77 0.35 -0.68 -19.22
CA HIS A 77 -0.49 0.01 -20.21
C HIS A 77 0.33 0.38 -21.45
N HIS A 78 1.63 0.58 -21.25
CA HIS A 78 2.55 0.93 -22.33
C HIS A 78 3.05 -0.35 -23.03
N HIS A 79 2.20 -0.95 -23.88
CA HIS A 79 2.51 -2.23 -24.52
C HIS A 79 3.77 -2.16 -25.39
N HIS A 80 3.80 -1.22 -26.33
CA HIS A 80 4.97 -1.03 -27.20
C HIS A 80 5.98 -0.05 -26.59
N MET A 1 -17.78 0.60 2.84
CA MET A 1 -18.07 0.02 1.52
C MET A 1 -18.29 1.12 0.47
N ALA A 2 -17.27 1.38 -0.34
CA ALA A 2 -17.35 2.40 -1.40
C ALA A 2 -16.23 2.20 -2.42
N GLY A 3 -16.48 1.37 -3.43
CA GLY A 3 -15.45 1.03 -4.41
C GLY A 3 -14.43 0.03 -3.87
N ASP A 4 -13.75 0.42 -2.79
CA ASP A 4 -12.82 -0.45 -2.06
C ASP A 4 -11.74 -1.06 -2.99
N PRO A 5 -10.74 -0.26 -3.40
CA PRO A 5 -9.66 -0.73 -4.29
C PRO A 5 -8.78 -1.80 -3.63
N MET A 6 -8.29 -1.51 -2.42
CA MET A 6 -7.46 -2.45 -1.65
C MET A 6 -6.23 -2.95 -2.43
N THR A 7 -5.79 -2.17 -3.42
CA THR A 7 -4.63 -2.55 -4.25
C THR A 7 -3.37 -2.78 -3.40
N PHE A 8 -2.95 -1.75 -2.66
CA PHE A 8 -1.80 -1.86 -1.75
C PHE A 8 -1.95 -3.08 -0.82
N TYR A 9 -3.15 -3.26 -0.29
CA TYR A 9 -3.47 -4.41 0.57
C TYR A 9 -3.23 -5.74 -0.15
N ASN A 10 -3.74 -5.85 -1.38
CA ASN A 10 -3.60 -7.05 -2.19
C ASN A 10 -2.12 -7.38 -2.45
N PHE A 11 -1.31 -6.34 -2.67
CA PHE A 11 0.13 -6.50 -2.93
C PHE A 11 0.87 -7.06 -1.70
N ILE A 12 0.68 -6.41 -0.55
CA ILE A 12 1.47 -6.71 0.65
C ILE A 12 1.13 -8.11 1.26
N MET A 13 -0.08 -8.61 1.01
CA MET A 13 -0.51 -9.90 1.58
C MET A 13 0.47 -11.05 1.26
N GLY A 14 1.08 -11.01 0.09
CA GLY A 14 2.01 -12.06 -0.32
C GLY A 14 3.21 -12.22 0.61
N PHE A 15 3.62 -11.11 1.25
CA PHE A 15 4.79 -11.10 2.13
C PHE A 15 4.42 -11.42 3.59
N GLN A 16 3.12 -11.56 3.86
CA GLN A 16 2.61 -11.86 5.20
C GLN A 16 2.71 -13.37 5.50
N ASN A 17 2.98 -14.16 4.46
CA ASN A 17 3.07 -15.63 4.58
C ASN A 17 4.08 -16.06 5.66
N ASP A 18 5.14 -15.28 5.85
CA ASP A 18 6.18 -15.59 6.84
C ASP A 18 6.44 -14.42 7.79
N ASN A 19 7.22 -14.70 8.85
CA ASN A 19 7.62 -13.67 9.81
C ASN A 19 8.55 -12.63 9.16
N THR A 20 7.95 -11.57 8.62
CA THR A 20 8.71 -10.49 7.96
C THR A 20 8.17 -9.12 8.38
N PRO A 21 9.01 -8.07 8.34
CA PRO A 21 8.55 -6.68 8.58
C PRO A 21 7.36 -6.31 7.70
N PHE A 22 7.36 -6.84 6.46
CA PHE A 22 6.24 -6.66 5.53
C PHE A 22 4.96 -7.31 6.07
N GLY A 23 5.11 -8.49 6.68
CA GLY A 23 3.99 -9.17 7.30
C GLY A 23 3.38 -8.36 8.45
N ILE A 24 4.24 -7.74 9.26
CA ILE A 24 3.80 -6.86 10.34
C ILE A 24 3.09 -5.61 9.77
N LEU A 25 3.60 -5.11 8.65
CA LEU A 25 2.96 -3.99 7.94
C LEU A 25 1.56 -4.40 7.48
N ALA A 26 1.46 -5.51 6.74
CA ALA A 26 0.18 -6.04 6.28
C ALA A 26 -0.82 -6.23 7.42
N GLU A 27 -0.34 -6.85 8.50
CA GLU A 27 -1.16 -7.09 9.69
C GLU A 27 -1.79 -5.80 10.22
N HIS A 28 -0.99 -4.74 10.33
CA HIS A 28 -1.45 -3.48 10.89
C HIS A 28 -2.39 -2.72 9.92
N VAL A 29 -1.99 -2.61 8.65
CA VAL A 29 -2.82 -1.89 7.66
C VAL A 29 -4.14 -2.61 7.38
N SER A 30 -4.15 -3.93 7.56
CA SER A 30 -5.38 -4.73 7.42
C SER A 30 -6.37 -4.41 8.57
N GLU A 31 -5.83 -3.88 9.67
CA GLU A 31 -6.64 -3.54 10.84
C GLU A 31 -6.97 -2.04 10.88
N ASP A 32 -5.94 -1.21 11.09
CA ASP A 32 -6.09 0.26 11.14
C ASP A 32 -6.94 0.71 12.35
N LYS A 33 -6.96 2.02 12.61
CA LYS A 33 -7.79 2.60 13.68
C LYS A 33 -9.24 2.82 13.18
N ALA A 34 -9.51 2.33 11.97
CA ALA A 34 -10.84 2.38 11.35
C ALA A 34 -11.23 3.79 10.92
N PHE A 35 -10.45 4.36 9.99
CA PHE A 35 -10.75 5.67 9.41
C PHE A 35 -10.87 5.60 7.88
N PRO A 36 -11.94 6.16 7.30
CA PRO A 36 -12.06 6.29 5.84
C PRO A 36 -11.41 7.59 5.33
N ARG A 37 -10.21 7.48 4.74
CA ARG A 37 -9.48 8.66 4.25
C ARG A 37 -9.72 8.91 2.75
N LEU A 38 -10.48 8.02 2.10
CA LEU A 38 -10.66 8.06 0.64
C LEU A 38 -9.32 7.82 -0.06
N GLU A 39 -9.07 6.59 -0.46
CA GLU A 39 -7.74 6.13 -0.87
C GLU A 39 -7.77 5.34 -2.19
N GLU A 40 -8.48 5.89 -3.18
CA GLU A 40 -8.54 5.31 -4.52
C GLU A 40 -7.19 5.47 -5.25
N ARG A 41 -6.66 6.69 -5.23
CA ARG A 41 -5.37 6.99 -5.85
C ARG A 41 -4.21 6.76 -4.87
N HIS A 42 -3.33 5.82 -5.23
CA HIS A 42 -2.20 5.41 -4.36
C HIS A 42 -1.46 6.59 -3.71
N GLN A 43 -1.29 7.68 -4.47
CA GLN A 43 -0.50 8.84 -4.04
C GLN A 43 -0.92 9.36 -2.63
N VAL A 44 -2.23 9.44 -2.39
CA VAL A 44 -2.72 10.01 -1.11
C VAL A 44 -2.37 9.12 0.09
N ILE A 45 -2.30 7.81 -0.11
CA ILE A 45 -1.95 6.87 0.97
C ILE A 45 -0.59 7.24 1.58
N ARG A 46 0.38 7.56 0.72
CA ARG A 46 1.70 8.02 1.14
C ARG A 46 1.59 9.26 2.04
N ALA A 47 0.67 10.16 1.69
CA ALA A 47 0.46 11.40 2.45
C ALA A 47 -0.11 11.14 3.86
N TYR A 48 -0.95 10.11 3.98
CA TYR A 48 -1.58 9.77 5.27
C TYR A 48 -0.56 9.12 6.23
N VAL A 49 0.13 8.09 5.76
CA VAL A 49 1.09 7.37 6.60
C VAL A 49 2.19 8.29 7.15
N MET A 50 2.64 9.26 6.35
CA MET A 50 3.67 10.22 6.79
C MET A 50 3.12 11.20 7.84
N SER A 51 1.81 11.35 7.89
CA SER A 51 1.16 12.24 8.86
C SER A 51 1.11 11.63 10.27
N ASN A 52 0.80 10.33 10.34
CA ASN A 52 0.65 9.63 11.63
C ASN A 52 1.94 8.92 12.08
N TYR A 53 2.55 8.13 11.20
CA TYR A 53 3.64 7.23 11.58
C TYR A 53 5.04 7.83 11.29
N THR A 54 5.83 8.00 12.35
CA THR A 54 7.22 8.47 12.22
C THR A 54 8.20 7.30 12.26
N ASP A 55 8.33 6.60 11.13
CA ASP A 55 9.22 5.44 11.02
C ASP A 55 9.61 5.18 9.57
N HIS A 56 10.91 5.08 9.30
CA HIS A 56 11.41 4.88 7.94
C HIS A 56 10.96 3.55 7.33
N GLN A 57 10.94 2.49 8.14
CA GLN A 57 10.61 1.14 7.63
C GLN A 57 9.16 1.06 7.14
N LEU A 58 8.24 1.59 7.95
CA LEU A 58 6.82 1.65 7.58
C LEU A 58 6.60 2.51 6.32
N ILE A 59 7.14 3.74 6.34
CA ILE A 59 7.02 4.66 5.20
C ILE A 59 7.67 4.06 3.92
N GLU A 60 8.83 3.43 4.09
CA GLU A 60 9.56 2.83 2.97
C GLU A 60 8.74 1.73 2.31
N THR A 61 8.28 0.77 3.11
CA THR A 61 7.43 -0.33 2.61
C THR A 61 6.21 0.22 1.88
N THR A 62 5.62 1.29 2.43
CA THR A 62 4.43 1.92 1.85
C THR A 62 4.72 2.58 0.49
N ASN A 63 5.56 3.63 0.49
CA ASN A 63 5.78 4.43 -0.73
C ASN A 63 6.33 3.58 -1.89
N ARG A 64 7.02 2.49 -1.56
CA ARG A 64 7.55 1.57 -2.56
C ARG A 64 6.43 0.93 -3.40
N ALA A 65 5.51 0.24 -2.73
CA ALA A 65 4.37 -0.40 -3.41
C ALA A 65 3.46 0.64 -4.08
N ILE A 66 3.29 1.79 -3.42
CA ILE A 66 2.51 2.90 -3.94
C ILE A 66 3.03 3.36 -5.32
N SER A 67 4.33 3.63 -5.40
CA SER A 67 4.95 4.12 -6.63
C SER A 67 5.05 3.03 -7.70
N LEU A 68 5.57 1.86 -7.31
CA LEU A 68 5.81 0.76 -8.26
C LEU A 68 4.54 0.38 -9.05
N TYR A 69 3.38 0.40 -8.39
CA TYR A 69 2.10 0.10 -9.07
C TYR A 69 1.88 1.02 -10.28
N MET A 70 1.95 2.32 -10.06
CA MET A 70 1.68 3.31 -11.12
C MET A 70 2.89 3.47 -12.07
N ALA A 71 4.08 3.13 -11.57
CA ALA A 71 5.30 3.18 -12.39
C ALA A 71 5.33 2.03 -13.41
N ASN A 72 4.96 0.83 -12.97
CA ASN A 72 4.95 -0.36 -13.84
C ASN A 72 3.62 -0.43 -14.64
N LEU A 73 2.61 0.30 -14.18
CA LEU A 73 1.30 0.33 -14.85
C LEU A 73 1.46 0.69 -16.34
N GLU A 74 2.05 1.85 -16.63
CA GLU A 74 2.25 2.29 -18.02
C GLU A 74 3.18 1.33 -18.77
N HIS A 75 4.09 0.68 -18.05
CA HIS A 75 4.97 -0.33 -18.66
C HIS A 75 4.16 -1.48 -19.27
N HIS A 76 3.12 -1.92 -18.55
CA HIS A 76 2.18 -2.94 -19.06
C HIS A 76 1.25 -2.33 -20.12
N HIS A 77 0.73 -1.14 -19.82
CA HIS A 77 -0.19 -0.43 -20.73
C HIS A 77 0.50 -0.10 -22.06
N HIS A 78 1.83 0.05 -22.04
CA HIS A 78 2.61 0.27 -23.27
C HIS A 78 2.81 -1.03 -24.04
N HIS A 79 2.78 -2.15 -23.31
CA HIS A 79 2.89 -3.50 -23.90
C HIS A 79 4.24 -3.72 -24.60
N HIS A 80 4.41 -4.91 -25.20
CA HIS A 80 5.62 -5.24 -25.97
C HIS A 80 5.37 -6.42 -26.93
N MET A 1 -18.46 6.53 -2.76
CA MET A 1 -18.79 5.52 -1.72
C MET A 1 -17.99 4.21 -1.92
N ALA A 2 -17.43 4.02 -3.12
CA ALA A 2 -16.67 2.81 -3.45
C ALA A 2 -15.31 2.78 -2.74
N GLY A 3 -15.33 2.39 -1.47
CA GLY A 3 -14.09 2.28 -0.70
C GLY A 3 -13.61 0.84 -0.57
N ASP A 4 -13.77 0.06 -1.65
CA ASP A 4 -13.40 -1.36 -1.64
C ASP A 4 -12.48 -1.77 -2.83
N PRO A 5 -11.57 -0.90 -3.34
CA PRO A 5 -10.62 -1.32 -4.40
C PRO A 5 -9.63 -2.38 -3.90
N MET A 6 -8.98 -2.08 -2.78
CA MET A 6 -8.09 -3.03 -2.08
C MET A 6 -6.94 -3.57 -2.95
N THR A 7 -6.76 -3.01 -4.15
CA THR A 7 -5.69 -3.45 -5.07
C THR A 7 -4.31 -3.35 -4.40
N PHE A 8 -3.98 -2.16 -3.91
CA PHE A 8 -2.72 -1.91 -3.21
C PHE A 8 -2.47 -2.92 -2.07
N TYR A 9 -3.51 -3.19 -1.27
CA TYR A 9 -3.37 -4.13 -0.15
C TYR A 9 -3.16 -5.55 -0.67
N ASN A 10 -3.95 -5.97 -1.66
CA ASN A 10 -3.81 -7.29 -2.28
C ASN A 10 -2.37 -7.48 -2.81
N PHE A 11 -1.75 -6.40 -3.26
CA PHE A 11 -0.36 -6.42 -3.73
C PHE A 11 0.63 -6.77 -2.59
N ILE A 12 0.39 -6.21 -1.41
CA ILE A 12 1.28 -6.46 -0.25
C ILE A 12 0.85 -7.74 0.52
N MET A 13 -0.34 -8.25 0.21
CA MET A 13 -0.87 -9.45 0.88
C MET A 13 -0.15 -10.74 0.46
N GLY A 14 1.00 -10.62 -0.19
CA GLY A 14 1.82 -11.79 -0.49
C GLY A 14 3.00 -11.95 0.47
N PHE A 15 3.16 -10.99 1.38
CA PHE A 15 4.34 -10.96 2.26
C PHE A 15 4.01 -11.33 3.73
N GLN A 16 2.74 -11.22 4.14
CA GLN A 16 2.39 -11.46 5.55
C GLN A 16 2.59 -12.93 5.96
N ASN A 17 2.44 -13.85 5.01
CA ASN A 17 2.62 -15.28 5.26
C ASN A 17 4.11 -15.63 5.49
N ASP A 18 4.98 -14.66 5.23
CA ASP A 18 6.43 -14.83 5.43
C ASP A 18 6.95 -13.82 6.47
N ASN A 19 7.92 -14.23 7.29
CA ASN A 19 8.51 -13.35 8.29
C ASN A 19 9.37 -12.27 7.62
N THR A 20 8.73 -11.17 7.20
CA THR A 20 9.40 -10.08 6.49
C THR A 20 8.95 -8.71 7.02
N PRO A 21 9.83 -7.69 6.96
CA PRO A 21 9.47 -6.30 7.33
C PRO A 21 8.23 -5.81 6.57
N PHE A 22 8.04 -6.30 5.35
CA PHE A 22 6.86 -5.98 4.55
C PHE A 22 5.60 -6.59 5.16
N GLY A 23 5.73 -7.81 5.69
CA GLY A 23 4.63 -8.46 6.40
C GLY A 23 4.18 -7.67 7.62
N ILE A 24 5.14 -7.09 8.32
CA ILE A 24 4.85 -6.21 9.48
C ILE A 24 3.87 -5.09 9.08
N LEU A 25 4.16 -4.43 7.96
CA LEU A 25 3.31 -3.36 7.43
C LEU A 25 1.93 -3.93 7.01
N ALA A 26 1.95 -4.99 6.21
CA ALA A 26 0.72 -5.65 5.75
C ALA A 26 -0.21 -6.04 6.91
N GLU A 27 0.40 -6.43 8.03
CA GLU A 27 -0.36 -6.79 9.23
C GLU A 27 -0.92 -5.54 9.94
N HIS A 28 -0.09 -4.50 10.09
CA HIS A 28 -0.51 -3.29 10.79
C HIS A 28 -1.66 -2.57 10.06
N VAL A 29 -1.56 -2.45 8.74
CA VAL A 29 -2.62 -1.80 7.95
C VAL A 29 -3.96 -2.56 8.07
N SER A 30 -3.88 -3.86 8.39
CA SER A 30 -5.07 -4.67 8.67
C SER A 30 -5.77 -4.17 9.95
N GLU A 31 -4.99 -3.62 10.88
CA GLU A 31 -5.51 -3.06 12.13
C GLU A 31 -6.21 -1.71 11.88
N ASP A 32 -5.53 -0.82 11.16
CA ASP A 32 -6.11 0.49 10.80
C ASP A 32 -7.22 0.35 9.75
N LYS A 33 -7.31 -0.82 9.13
CA LYS A 33 -8.41 -1.14 8.21
C LYS A 33 -9.78 -1.00 8.87
N ALA A 34 -9.80 -1.00 10.21
CA ALA A 34 -11.04 -0.84 10.99
C ALA A 34 -11.82 0.43 10.61
N PHE A 35 -11.12 1.43 10.09
CA PHE A 35 -11.75 2.70 9.69
C PHE A 35 -11.73 2.87 8.16
N PRO A 36 -12.86 2.57 7.48
CA PRO A 36 -12.98 2.77 6.02
C PRO A 36 -12.84 4.26 5.63
N ARG A 37 -11.73 4.61 4.99
CA ARG A 37 -11.44 6.00 4.63
C ARG A 37 -12.07 6.41 3.28
N LEU A 38 -12.16 5.47 2.34
CA LEU A 38 -12.73 5.73 1.01
C LEU A 38 -11.94 6.81 0.25
N GLU A 39 -10.61 6.80 0.41
CA GLU A 39 -9.71 7.80 -0.22
C GLU A 39 -10.00 8.01 -1.71
N GLU A 40 -10.42 6.95 -2.41
CA GLU A 40 -10.67 6.96 -3.86
C GLU A 40 -9.36 7.02 -4.68
N ARG A 41 -8.44 7.90 -4.28
CA ARG A 41 -7.16 8.07 -4.98
C ARG A 41 -6.14 7.00 -4.54
N HIS A 42 -4.97 6.99 -5.18
CA HIS A 42 -3.93 5.99 -4.88
C HIS A 42 -2.75 6.58 -4.10
N GLN A 43 -2.14 7.62 -4.66
CA GLN A 43 -0.88 8.16 -4.12
C GLN A 43 -1.08 8.96 -2.82
N VAL A 44 -2.33 9.34 -2.53
CA VAL A 44 -2.64 10.06 -1.29
C VAL A 44 -2.08 9.34 -0.04
N ILE A 45 -2.11 8.01 -0.06
CA ILE A 45 -1.56 7.21 1.03
C ILE A 45 -0.10 7.59 1.33
N ARG A 46 0.67 7.80 0.27
CA ARG A 46 2.08 8.22 0.36
C ARG A 46 2.25 9.51 1.19
N ALA A 47 1.20 10.33 1.24
CA ALA A 47 1.21 11.56 2.03
C ALA A 47 0.81 11.30 3.49
N TYR A 48 -0.28 10.57 3.68
CA TYR A 48 -0.83 10.33 5.03
C TYR A 48 0.08 9.43 5.89
N VAL A 49 0.71 8.43 5.29
CA VAL A 49 1.61 7.54 6.05
C VAL A 49 2.71 8.33 6.78
N MET A 50 3.27 9.35 6.10
CA MET A 50 4.30 10.20 6.69
C MET A 50 3.73 11.11 7.79
N SER A 51 2.45 11.45 7.67
CA SER A 51 1.78 12.33 8.64
C SER A 51 1.41 11.59 9.92
N ASN A 52 1.12 10.29 9.81
CA ASN A 52 0.70 9.49 10.97
C ASN A 52 1.88 8.75 11.62
N TYR A 53 2.53 7.88 10.86
CA TYR A 53 3.56 6.99 11.41
C TYR A 53 4.91 7.69 11.64
N THR A 54 5.70 7.15 12.56
CA THR A 54 7.05 7.65 12.83
C THR A 54 8.13 6.72 12.26
N ASP A 55 7.88 5.41 12.38
CA ASP A 55 8.83 4.39 11.91
C ASP A 55 8.82 4.27 10.37
N HIS A 56 10.00 4.35 9.77
CA HIS A 56 10.14 4.22 8.30
C HIS A 56 9.54 2.90 7.81
N GLN A 57 9.62 1.87 8.65
CA GLN A 57 9.11 0.53 8.32
C GLN A 57 7.60 0.54 8.03
N LEU A 58 6.89 1.52 8.58
CA LEU A 58 5.45 1.67 8.32
C LEU A 58 5.18 2.78 7.28
N ILE A 59 6.21 3.57 6.99
CA ILE A 59 6.10 4.70 6.05
C ILE A 59 6.68 4.36 4.66
N GLU A 60 8.01 4.26 4.60
CA GLU A 60 8.71 4.08 3.33
C GLU A 60 8.47 2.69 2.72
N THR A 61 8.16 1.70 3.56
CA THR A 61 7.73 0.38 3.07
C THR A 61 6.46 0.51 2.22
N THR A 62 5.46 1.19 2.78
CA THR A 62 4.21 1.48 2.08
C THR A 62 4.48 2.26 0.79
N ASN A 63 5.27 3.33 0.89
CA ASN A 63 5.64 4.15 -0.27
C ASN A 63 6.32 3.30 -1.36
N ARG A 64 7.24 2.43 -0.95
CA ARG A 64 7.95 1.55 -1.88
C ARG A 64 6.96 0.65 -2.64
N ALA A 65 6.00 0.07 -1.93
CA ALA A 65 4.96 -0.75 -2.55
C ALA A 65 4.14 0.07 -3.57
N ILE A 66 3.83 1.32 -3.22
CA ILE A 66 3.13 2.23 -4.15
C ILE A 66 3.97 2.50 -5.40
N SER A 67 5.26 2.77 -5.20
CA SER A 67 6.19 3.06 -6.30
C SER A 67 6.32 1.87 -7.26
N LEU A 68 6.36 0.66 -6.69
CA LEU A 68 6.41 -0.57 -7.50
C LEU A 68 5.06 -0.84 -8.19
N TYR A 69 3.97 -0.59 -7.46
CA TYR A 69 2.61 -0.78 -7.99
C TYR A 69 2.38 0.03 -9.28
N MET A 70 2.60 1.33 -9.20
CA MET A 70 2.41 2.21 -10.36
C MET A 70 3.38 1.84 -11.51
N ALA A 71 4.61 1.49 -11.16
CA ALA A 71 5.63 1.11 -12.15
C ALA A 71 5.18 -0.11 -12.98
N ASN A 72 4.65 -1.12 -12.29
CA ASN A 72 4.12 -2.32 -12.96
C ASN A 72 3.03 -1.95 -13.99
N LEU A 73 2.11 -1.08 -13.57
CA LEU A 73 1.00 -0.66 -14.43
C LEU A 73 1.51 0.11 -15.66
N GLU A 74 2.15 1.26 -15.43
CA GLU A 74 2.58 2.15 -16.52
C GLU A 74 3.44 1.42 -17.57
N HIS A 75 4.42 0.63 -17.12
CA HIS A 75 5.33 -0.06 -18.05
C HIS A 75 4.60 -1.12 -18.88
N HIS A 76 3.69 -1.86 -18.24
CA HIS A 76 2.87 -2.86 -18.96
C HIS A 76 1.67 -2.20 -19.65
N HIS A 77 1.56 -0.88 -19.52
CA HIS A 77 0.64 -0.09 -20.34
C HIS A 77 1.40 0.59 -21.49
N HIS A 78 2.73 0.62 -21.37
CA HIS A 78 3.60 1.14 -22.43
C HIS A 78 4.08 0.00 -23.34
N HIS A 79 4.18 -1.21 -22.78
CA HIS A 79 4.57 -2.41 -23.53
C HIS A 79 3.77 -3.63 -23.09
N HIS A 80 4.21 -4.82 -23.53
CA HIS A 80 3.56 -6.09 -23.17
C HIS A 80 3.74 -6.45 -21.69
N MET A 1 -17.59 1.41 -5.91
CA MET A 1 -16.43 0.52 -6.18
C MET A 1 -16.21 0.33 -7.68
N ALA A 2 -15.10 0.87 -8.20
CA ALA A 2 -14.79 0.78 -9.63
C ALA A 2 -13.63 -0.20 -9.89
N GLY A 3 -13.96 -1.47 -10.12
CA GLY A 3 -12.95 -2.48 -10.44
C GLY A 3 -11.99 -2.77 -9.28
N ASP A 4 -10.88 -2.03 -9.24
CA ASP A 4 -9.85 -2.22 -8.23
C ASP A 4 -9.80 -1.03 -7.23
N PRO A 5 -10.41 -1.20 -6.04
CA PRO A 5 -10.40 -0.15 -5.01
C PRO A 5 -9.06 -0.05 -4.25
N MET A 6 -8.55 -1.17 -3.74
CA MET A 6 -7.32 -1.17 -2.94
C MET A 6 -6.30 -2.20 -3.48
N THR A 7 -5.54 -1.79 -4.50
CA THR A 7 -4.49 -2.63 -5.07
C THR A 7 -3.40 -2.94 -4.03
N PHE A 8 -2.91 -1.90 -3.37
CA PHE A 8 -1.89 -2.03 -2.32
C PHE A 8 -2.28 -3.07 -1.27
N TYR A 9 -3.51 -2.97 -0.75
CA TYR A 9 -3.98 -3.90 0.29
C TYR A 9 -3.88 -5.37 -0.15
N ASN A 10 -4.32 -5.65 -1.38
CA ASN A 10 -4.28 -7.01 -1.93
C ASN A 10 -2.84 -7.52 -2.13
N PHE A 11 -1.89 -6.60 -2.24
CA PHE A 11 -0.48 -6.96 -2.45
C PHE A 11 0.28 -7.07 -1.11
N ILE A 12 0.12 -6.07 -0.25
CA ILE A 12 0.88 -6.00 1.01
C ILE A 12 0.64 -7.22 1.92
N MET A 13 -0.58 -7.76 1.90
CA MET A 13 -0.91 -8.94 2.72
C MET A 13 -0.01 -10.14 2.35
N GLY A 14 0.60 -10.10 1.17
CA GLY A 14 1.51 -11.16 0.76
C GLY A 14 2.74 -11.28 1.66
N PHE A 15 3.13 -10.16 2.28
CA PHE A 15 4.27 -10.15 3.22
C PHE A 15 3.83 -10.46 4.66
N GLN A 16 2.54 -10.76 4.84
CA GLN A 16 1.99 -11.06 6.17
C GLN A 16 2.09 -12.57 6.47
N ASN A 17 2.05 -13.39 5.42
CA ASN A 17 2.19 -14.85 5.58
C ASN A 17 3.61 -15.20 6.09
N ASP A 18 4.61 -14.94 5.25
CA ASP A 18 6.01 -15.07 5.68
C ASP A 18 6.49 -13.74 6.30
N ASN A 19 6.69 -13.76 7.62
CA ASN A 19 7.04 -12.55 8.38
C ASN A 19 8.32 -11.88 7.86
N THR A 20 8.16 -10.69 7.30
CA THR A 20 9.29 -9.89 6.79
C THR A 20 9.23 -8.46 7.36
N PRO A 21 10.31 -7.67 7.21
CA PRO A 21 10.27 -6.23 7.58
C PRO A 21 9.08 -5.49 6.94
N PHE A 22 8.61 -6.01 5.81
CA PHE A 22 7.43 -5.47 5.13
C PHE A 22 6.13 -5.95 5.82
N GLY A 23 6.18 -7.17 6.35
CA GLY A 23 5.05 -7.74 7.06
C GLY A 23 4.61 -6.90 8.27
N ILE A 24 5.56 -6.16 8.85
CA ILE A 24 5.27 -5.26 9.98
C ILE A 24 4.13 -4.28 9.63
N LEU A 25 4.10 -3.82 8.37
CA LEU A 25 3.03 -2.95 7.88
C LEU A 25 1.80 -3.78 7.47
N ALA A 26 2.07 -4.94 6.85
CA ALA A 26 0.99 -5.84 6.40
C ALA A 26 0.04 -6.22 7.54
N GLU A 27 0.59 -6.53 8.71
CA GLU A 27 -0.25 -6.86 9.87
C GLU A 27 -0.97 -5.62 10.41
N HIS A 28 -0.34 -4.44 10.27
CA HIS A 28 -0.95 -3.18 10.70
C HIS A 28 -2.24 -2.89 9.91
N VAL A 29 -2.16 -2.98 8.58
CA VAL A 29 -3.35 -2.75 7.74
C VAL A 29 -4.41 -3.84 7.96
N SER A 30 -3.97 -5.03 8.35
CA SER A 30 -4.88 -6.13 8.73
C SER A 30 -5.54 -5.83 10.09
N GLU A 31 -4.81 -5.15 10.97
CA GLU A 31 -5.29 -4.81 12.31
C GLU A 31 -6.32 -3.67 12.28
N ASP A 32 -6.01 -2.60 11.57
CA ASP A 32 -6.85 -1.40 11.54
C ASP A 32 -7.76 -1.37 10.28
N LYS A 33 -7.95 -2.53 9.64
CA LYS A 33 -8.73 -2.63 8.40
C LYS A 33 -10.22 -2.28 8.60
N ALA A 34 -10.66 -2.17 9.85
CA ALA A 34 -12.07 -1.91 10.17
C ALA A 34 -12.49 -0.45 9.94
N PHE A 35 -11.63 0.34 9.28
CA PHE A 35 -11.95 1.74 8.98
C PHE A 35 -12.18 1.93 7.47
N PRO A 36 -13.46 1.97 7.04
CA PRO A 36 -13.80 2.10 5.60
C PRO A 36 -13.50 3.52 5.04
N ARG A 37 -12.38 3.63 4.32
CA ARG A 37 -11.96 4.93 3.76
C ARG A 37 -12.56 5.19 2.36
N LEU A 38 -12.67 4.12 1.55
CA LEU A 38 -13.27 4.21 0.20
C LEU A 38 -12.59 5.27 -0.70
N GLU A 39 -11.38 5.69 -0.33
CA GLU A 39 -10.65 6.71 -1.08
C GLU A 39 -10.34 6.27 -2.52
N GLU A 40 -10.03 4.97 -2.69
CA GLU A 40 -9.71 4.38 -4.00
C GLU A 40 -8.33 4.81 -4.53
N ARG A 41 -8.09 6.12 -4.56
CA ARG A 41 -6.84 6.69 -5.06
C ARG A 41 -5.66 6.33 -4.14
N HIS A 42 -4.68 5.61 -4.67
CA HIS A 42 -3.58 5.07 -3.86
C HIS A 42 -2.44 6.08 -3.68
N GLN A 43 -2.33 7.04 -4.60
CA GLN A 43 -1.27 8.05 -4.53
C GLN A 43 -1.37 8.94 -3.27
N VAL A 44 -2.60 9.21 -2.81
CA VAL A 44 -2.80 10.01 -1.59
C VAL A 44 -2.32 9.25 -0.34
N ILE A 45 -2.42 7.92 -0.37
CA ILE A 45 -1.96 7.07 0.74
C ILE A 45 -0.45 7.17 0.92
N ARG A 46 0.28 7.17 -0.21
CA ARG A 46 1.74 7.28 -0.19
C ARG A 46 2.20 8.55 0.57
N ALA A 47 1.49 9.64 0.37
CA ALA A 47 1.78 10.89 1.09
C ALA A 47 1.31 10.82 2.54
N TYR A 48 0.07 10.36 2.74
CA TYR A 48 -0.53 10.27 4.08
C TYR A 48 0.36 9.50 5.08
N VAL A 49 0.86 8.34 4.67
CA VAL A 49 1.68 7.50 5.56
C VAL A 49 2.96 8.24 5.99
N MET A 50 3.53 9.06 5.11
CA MET A 50 4.74 9.81 5.45
C MET A 50 4.44 10.98 6.41
N SER A 51 3.22 11.50 6.33
CA SER A 51 2.79 12.63 7.18
C SER A 51 2.44 12.18 8.60
N ASN A 52 1.95 10.95 8.74
CA ASN A 52 1.43 10.47 10.03
C ASN A 52 2.34 9.40 10.68
N TYR A 53 2.79 8.42 9.91
CA TYR A 53 3.57 7.30 10.46
C TYR A 53 5.02 7.70 10.77
N THR A 54 5.60 7.02 11.75
CA THR A 54 6.99 7.26 12.17
C THR A 54 7.93 6.13 11.70
N ASP A 55 7.59 4.89 12.07
CA ASP A 55 8.40 3.72 11.70
C ASP A 55 8.60 3.61 10.19
N HIS A 56 9.86 3.58 9.75
CA HIS A 56 10.18 3.45 8.32
C HIS A 56 9.79 2.07 7.79
N GLN A 57 9.70 1.07 8.68
CA GLN A 57 9.20 -0.26 8.31
C GLN A 57 7.70 -0.22 7.99
N LEU A 58 7.05 0.89 8.33
CA LEU A 58 5.66 1.12 7.95
C LEU A 58 5.60 2.05 6.71
N ILE A 59 6.36 3.14 6.77
CA ILE A 59 6.42 4.11 5.67
C ILE A 59 7.04 3.53 4.39
N GLU A 60 8.33 3.14 4.47
CA GLU A 60 9.08 2.68 3.30
C GLU A 60 8.51 1.39 2.70
N THR A 61 7.77 0.64 3.51
CA THR A 61 7.06 -0.54 3.01
C THR A 61 5.85 -0.13 2.16
N THR A 62 5.05 0.80 2.68
CA THR A 62 3.86 1.28 1.98
C THR A 62 4.20 1.98 0.65
N ASN A 63 5.08 2.98 0.73
CA ASN A 63 5.46 3.76 -0.46
C ASN A 63 6.20 2.91 -1.51
N ARG A 64 6.90 1.86 -1.05
CA ARG A 64 7.55 0.90 -1.94
C ARG A 64 6.55 0.29 -2.93
N ALA A 65 5.53 -0.37 -2.40
CA ALA A 65 4.51 -1.04 -3.23
C ALA A 65 3.75 -0.02 -4.11
N ILE A 66 3.34 1.09 -3.50
CA ILE A 66 2.58 2.12 -4.23
C ILE A 66 3.38 2.71 -5.40
N SER A 67 4.68 2.95 -5.20
CA SER A 67 5.54 3.44 -6.28
C SER A 67 5.71 2.37 -7.38
N LEU A 68 5.78 1.11 -6.99
CA LEU A 68 5.81 0.00 -7.95
C LEU A 68 4.53 -0.03 -8.79
N TYR A 69 3.38 0.25 -8.16
CA TYR A 69 2.10 0.37 -8.86
C TYR A 69 2.00 1.68 -9.66
N MET A 70 3.13 2.39 -9.78
CA MET A 70 3.23 3.55 -10.68
C MET A 70 4.23 3.25 -11.81
N ALA A 71 5.50 3.00 -11.42
CA ALA A 71 6.57 2.71 -12.38
C ALA A 71 6.25 1.47 -13.24
N ASN A 72 5.93 0.36 -12.59
CA ASN A 72 5.58 -0.89 -13.29
C ASN A 72 4.24 -0.73 -14.04
N LEU A 73 3.27 -0.09 -13.39
CA LEU A 73 1.96 0.16 -13.99
C LEU A 73 2.12 0.83 -15.37
N GLU A 74 2.93 1.89 -15.43
CA GLU A 74 3.19 2.60 -16.70
C GLU A 74 3.86 1.70 -17.76
N HIS A 75 4.54 0.65 -17.32
CA HIS A 75 5.17 -0.31 -18.24
C HIS A 75 4.12 -1.23 -18.89
N HIS A 76 2.95 -1.33 -18.29
CA HIS A 76 1.82 -2.06 -18.88
C HIS A 76 0.82 -1.08 -19.53
N HIS A 77 0.69 0.09 -18.94
CA HIS A 77 -0.21 1.14 -19.45
C HIS A 77 0.36 1.79 -20.73
N HIS A 78 1.69 1.80 -20.84
CA HIS A 78 2.37 2.20 -22.08
C HIS A 78 2.86 0.95 -22.81
N HIS A 79 1.95 0.28 -23.51
CA HIS A 79 2.26 -1.01 -24.15
C HIS A 79 3.31 -0.83 -25.26
N HIS A 80 3.12 0.14 -26.15
CA HIS A 80 4.10 0.50 -27.18
C HIS A 80 3.75 1.84 -27.87
N MET A 1 -21.74 3.49 0.48
CA MET A 1 -21.27 2.16 0.00
C MET A 1 -19.79 1.95 0.31
N ALA A 2 -19.28 0.75 0.03
CA ALA A 2 -17.88 0.43 0.29
C ALA A 2 -16.93 1.08 -0.74
N GLY A 3 -16.36 2.23 -0.38
CA GLY A 3 -15.41 2.91 -1.25
C GLY A 3 -13.97 2.68 -0.83
N ASP A 4 -13.66 1.45 -0.44
CA ASP A 4 -12.33 1.08 0.06
C ASP A 4 -11.96 -0.39 -0.23
N PRO A 5 -11.89 -0.79 -1.51
CA PRO A 5 -11.53 -2.18 -1.90
C PRO A 5 -10.05 -2.54 -1.63
N MET A 6 -9.33 -1.67 -0.90
CA MET A 6 -7.94 -1.95 -0.49
C MET A 6 -7.02 -2.21 -1.69
N THR A 7 -7.12 -1.39 -2.73
CA THR A 7 -6.30 -1.55 -3.95
C THR A 7 -4.80 -1.61 -3.61
N PHE A 8 -4.37 -0.80 -2.63
CA PHE A 8 -2.98 -0.83 -2.16
C PHE A 8 -2.63 -2.17 -1.50
N TYR A 9 -3.52 -2.69 -0.66
CA TYR A 9 -3.29 -3.93 0.08
C TYR A 9 -3.00 -5.11 -0.86
N ASN A 10 -3.69 -5.15 -2.00
CA ASN A 10 -3.51 -6.23 -2.99
C ASN A 10 -2.04 -6.44 -3.37
N PHE A 11 -1.25 -5.37 -3.34
CA PHE A 11 0.17 -5.45 -3.69
C PHE A 11 1.03 -5.78 -2.46
N ILE A 12 0.90 -4.99 -1.40
CA ILE A 12 1.76 -5.12 -0.21
C ILE A 12 1.50 -6.44 0.58
N MET A 13 0.31 -7.04 0.39
CA MET A 13 -0.05 -8.27 1.13
C MET A 13 0.94 -9.41 0.85
N GLY A 14 1.68 -9.32 -0.25
CA GLY A 14 2.66 -10.34 -0.62
C GLY A 14 3.75 -10.53 0.43
N PHE A 15 3.93 -9.54 1.32
CA PHE A 15 4.90 -9.64 2.41
C PHE A 15 4.24 -10.12 3.72
N GLN A 16 2.91 -10.14 3.75
CA GLN A 16 2.17 -10.52 4.96
C GLN A 16 1.95 -12.04 5.04
N ASN A 17 1.73 -12.67 3.88
CA ASN A 17 1.54 -14.13 3.80
C ASN A 17 2.67 -14.88 4.52
N ASP A 18 3.87 -14.85 3.95
CA ASP A 18 5.05 -15.37 4.62
C ASP A 18 5.69 -14.26 5.46
N ASN A 19 5.67 -14.45 6.79
CA ASN A 19 5.92 -13.38 7.75
C ASN A 19 7.28 -12.69 7.56
N THR A 20 7.23 -11.44 7.13
CA THR A 20 8.43 -10.58 7.01
C THR A 20 8.24 -9.29 7.82
N PRO A 21 9.33 -8.61 8.22
CA PRO A 21 9.24 -7.32 8.94
C PRO A 21 8.37 -6.29 8.20
N PHE A 22 8.38 -6.37 6.86
CA PHE A 22 7.54 -5.50 6.03
C PHE A 22 6.09 -5.97 6.04
N GLY A 23 5.89 -7.27 6.23
CA GLY A 23 4.55 -7.84 6.31
C GLY A 23 3.73 -7.28 7.46
N ILE A 24 4.42 -6.82 8.52
CA ILE A 24 3.76 -6.19 9.67
C ILE A 24 3.02 -4.91 9.23
N LEU A 25 3.57 -4.21 8.24
CA LEU A 25 2.92 -3.04 7.66
C LEU A 25 1.61 -3.47 6.96
N ALA A 26 1.72 -4.49 6.11
CA ALA A 26 0.56 -5.07 5.41
C ALA A 26 -0.49 -5.59 6.42
N GLU A 27 -0.01 -6.18 7.51
CA GLU A 27 -0.89 -6.62 8.59
C GLU A 27 -1.62 -5.44 9.23
N HIS A 28 -0.86 -4.40 9.56
CA HIS A 28 -1.42 -3.21 10.22
C HIS A 28 -2.50 -2.56 9.35
N VAL A 29 -2.20 -2.29 8.08
CA VAL A 29 -3.18 -1.67 7.17
C VAL A 29 -4.42 -2.56 6.99
N SER A 30 -4.26 -3.87 7.18
CA SER A 30 -5.41 -4.80 7.19
C SER A 30 -6.33 -4.48 8.39
N GLU A 31 -5.72 -4.16 9.53
CA GLU A 31 -6.48 -3.73 10.71
C GLU A 31 -7.01 -2.29 10.51
N ASP A 32 -6.20 -1.47 9.84
CA ASP A 32 -6.62 -0.11 9.48
C ASP A 32 -7.86 -0.12 8.59
N LYS A 33 -8.02 -1.17 7.77
CA LYS A 33 -9.24 -1.36 6.99
C LYS A 33 -10.47 -1.48 7.89
N ALA A 34 -10.33 -2.19 9.01
CA ALA A 34 -11.41 -2.34 9.97
C ALA A 34 -11.82 -0.97 10.56
N PHE A 35 -10.87 -0.05 10.58
CA PHE A 35 -11.10 1.33 11.03
C PHE A 35 -11.49 2.23 9.84
N PRO A 36 -12.53 3.09 9.98
CA PRO A 36 -12.95 4.00 8.91
C PRO A 36 -11.84 4.93 8.39
N ARG A 37 -11.04 4.42 7.44
CA ARG A 37 -10.04 5.23 6.73
C ARG A 37 -10.46 5.48 5.27
N LEU A 38 -11.25 4.56 4.71
CA LEU A 38 -11.77 4.67 3.33
C LEU A 38 -10.68 5.01 2.30
N GLU A 39 -9.81 4.05 2.01
CA GLU A 39 -8.69 4.30 1.09
C GLU A 39 -8.76 3.41 -0.16
N GLU A 40 -9.27 4.00 -1.23
CA GLU A 40 -9.32 3.35 -2.55
C GLU A 40 -8.21 3.85 -3.46
N ARG A 41 -7.74 5.07 -3.18
CA ARG A 41 -6.65 5.69 -3.95
C ARG A 41 -5.29 5.24 -3.41
N HIS A 42 -4.21 5.86 -3.90
CA HIS A 42 -2.85 5.49 -3.48
C HIS A 42 -2.04 6.69 -2.96
N GLN A 43 -2.05 7.78 -3.71
CA GLN A 43 -1.28 8.99 -3.34
C GLN A 43 -1.73 9.54 -1.97
N VAL A 44 -3.03 9.47 -1.69
CA VAL A 44 -3.56 9.90 -0.39
C VAL A 44 -2.94 9.08 0.76
N ILE A 45 -2.78 7.77 0.54
CA ILE A 45 -2.14 6.89 1.52
C ILE A 45 -0.67 7.28 1.71
N ARG A 46 0.01 7.56 0.59
CA ARG A 46 1.40 8.00 0.61
C ARG A 46 1.56 9.25 1.50
N ALA A 47 0.56 10.14 1.44
CA ALA A 47 0.54 11.33 2.30
C ALA A 47 0.18 10.97 3.75
N TYR A 48 -0.75 10.03 3.92
CA TYR A 48 -1.23 9.62 5.24
C TYR A 48 -0.11 8.94 6.07
N VAL A 49 0.66 8.06 5.42
CA VAL A 49 1.71 7.31 6.11
C VAL A 49 2.82 8.24 6.64
N MET A 50 3.21 9.24 5.85
CA MET A 50 4.23 10.21 6.27
C MET A 50 3.76 11.05 7.46
N SER A 51 2.45 11.08 7.68
CA SER A 51 1.84 11.86 8.75
C SER A 51 1.69 11.06 10.06
N ASN A 52 1.24 9.81 9.94
CA ASN A 52 0.87 8.99 11.12
C ASN A 52 1.94 7.96 11.52
N TYR A 53 2.64 7.39 10.54
CA TYR A 53 3.59 6.30 10.82
C TYR A 53 4.97 6.84 11.22
N THR A 54 5.51 6.32 12.33
CA THR A 54 6.77 6.81 12.90
C THR A 54 8.02 6.35 12.12
N ASP A 55 8.23 5.05 12.01
CA ASP A 55 9.46 4.51 11.41
C ASP A 55 9.50 4.64 9.88
N HIS A 56 10.72 4.77 9.36
CA HIS A 56 10.94 4.91 7.93
C HIS A 56 10.58 3.62 7.16
N GLN A 57 10.83 2.47 7.77
CA GLN A 57 10.47 1.18 7.15
C GLN A 57 8.95 0.92 7.21
N LEU A 58 8.20 1.90 7.70
CA LEU A 58 6.74 1.89 7.58
C LEU A 58 6.31 2.82 6.44
N ILE A 59 6.89 4.01 6.41
CA ILE A 59 6.62 5.01 5.38
C ILE A 59 7.28 4.63 4.03
N GLU A 60 8.61 4.54 4.03
CA GLU A 60 9.38 4.22 2.82
C GLU A 60 8.94 2.91 2.17
N THR A 61 8.53 1.93 2.99
CA THR A 61 7.98 0.67 2.46
C THR A 61 6.70 0.92 1.67
N THR A 62 5.83 1.77 2.21
CA THR A 62 4.60 2.18 1.52
C THR A 62 4.94 2.93 0.23
N ASN A 63 5.88 3.89 0.33
CA ASN A 63 6.36 4.63 -0.84
C ASN A 63 6.90 3.69 -1.92
N ARG A 64 7.72 2.72 -1.50
CA ARG A 64 8.28 1.73 -2.42
C ARG A 64 7.17 0.90 -3.07
N ALA A 65 6.21 0.47 -2.27
CA ALA A 65 5.06 -0.30 -2.76
C ALA A 65 4.28 0.48 -3.83
N ILE A 66 4.07 1.77 -3.58
CA ILE A 66 3.41 2.65 -4.56
C ILE A 66 4.24 2.76 -5.84
N SER A 67 5.54 3.05 -5.70
CA SER A 67 6.45 3.17 -6.85
C SER A 67 6.47 1.89 -7.70
N LEU A 68 6.63 0.73 -7.06
CA LEU A 68 6.65 -0.54 -7.78
C LEU A 68 5.28 -0.85 -8.41
N TYR A 69 4.21 -0.59 -7.66
CA TYR A 69 2.84 -0.75 -8.18
C TYR A 69 2.63 0.08 -9.46
N MET A 70 2.95 1.38 -9.39
CA MET A 70 2.83 2.28 -10.54
C MET A 70 3.75 1.85 -11.68
N ALA A 71 5.02 1.57 -11.36
CA ALA A 71 6.00 1.14 -12.36
C ALA A 71 5.56 -0.14 -13.10
N ASN A 72 5.06 -1.11 -12.34
CA ASN A 72 4.60 -2.38 -12.92
C ASN A 72 3.33 -2.18 -13.76
N LEU A 73 2.47 -1.25 -13.32
CA LEU A 73 1.26 -0.89 -14.06
C LEU A 73 1.60 -0.20 -15.39
N GLU A 74 2.56 0.74 -15.34
CA GLU A 74 3.03 1.42 -16.54
C GLU A 74 3.73 0.45 -17.51
N HIS A 75 4.51 -0.48 -16.96
CA HIS A 75 5.09 -1.56 -17.76
C HIS A 75 3.98 -2.42 -18.40
N HIS A 76 2.89 -2.62 -17.67
CA HIS A 76 1.73 -3.35 -18.19
C HIS A 76 1.00 -2.52 -19.28
N HIS A 77 1.33 -1.23 -19.37
CA HIS A 77 0.77 -0.35 -20.39
C HIS A 77 1.63 -0.37 -21.68
N HIS A 78 2.89 0.06 -21.57
CA HIS A 78 3.81 0.18 -22.72
C HIS A 78 3.42 1.34 -23.67
N HIS A 79 2.16 1.35 -24.12
CA HIS A 79 1.69 2.38 -25.07
C HIS A 79 1.71 3.80 -24.45
N HIS A 80 2.66 4.62 -24.90
CA HIS A 80 2.79 6.02 -24.47
C HIS A 80 2.94 6.17 -22.93
N MET A 1 -15.51 0.89 -14.41
CA MET A 1 -15.17 -0.42 -13.80
C MET A 1 -15.80 -0.55 -12.40
N ALA A 2 -15.62 -1.72 -11.79
CA ALA A 2 -16.17 -1.99 -10.46
C ALA A 2 -15.40 -1.26 -9.35
N GLY A 3 -16.10 -0.89 -8.30
CA GLY A 3 -15.44 -0.26 -7.15
C GLY A 3 -14.64 -1.25 -6.30
N ASP A 4 -13.93 -0.74 -5.30
CA ASP A 4 -13.08 -1.56 -4.42
C ASP A 4 -11.84 -2.11 -5.16
N PRO A 5 -10.62 -1.70 -4.73
CA PRO A 5 -9.38 -2.12 -5.37
C PRO A 5 -8.83 -3.47 -4.84
N MET A 6 -8.38 -3.47 -3.57
CA MET A 6 -7.72 -4.66 -2.95
C MET A 6 -6.33 -4.97 -3.55
N THR A 7 -6.16 -4.79 -4.86
CA THR A 7 -4.88 -5.08 -5.54
C THR A 7 -3.68 -4.46 -4.82
N PHE A 8 -3.84 -3.21 -4.37
CA PHE A 8 -2.80 -2.53 -3.58
C PHE A 8 -2.36 -3.39 -2.38
N TYR A 9 -3.34 -4.04 -1.73
CA TYR A 9 -3.06 -4.93 -0.60
C TYR A 9 -2.49 -6.27 -1.10
N ASN A 10 -3.03 -6.78 -2.22
CA ASN A 10 -2.55 -8.03 -2.82
C ASN A 10 -1.05 -7.97 -3.14
N PHE A 11 -0.57 -6.77 -3.48
CA PHE A 11 0.86 -6.55 -3.78
C PHE A 11 1.75 -7.00 -2.61
N ILE A 12 1.30 -6.75 -1.38
CA ILE A 12 2.07 -7.11 -0.18
C ILE A 12 1.50 -8.36 0.52
N MET A 13 0.26 -8.73 0.17
CA MET A 13 -0.39 -9.89 0.77
C MET A 13 0.42 -11.18 0.52
N GLY A 14 0.41 -12.08 1.50
CA GLY A 14 1.23 -13.28 1.42
C GLY A 14 2.55 -13.15 2.17
N PHE A 15 3.17 -11.97 2.09
CA PHE A 15 4.45 -11.72 2.76
C PHE A 15 4.30 -11.54 4.28
N GLN A 16 3.05 -11.59 4.76
CA GLN A 16 2.77 -11.57 6.21
C GLN A 16 3.09 -12.93 6.86
N ASN A 17 3.25 -13.95 6.03
CA ASN A 17 3.53 -15.31 6.53
C ASN A 17 4.87 -15.36 7.29
N ASP A 18 5.87 -14.64 6.78
CA ASP A 18 7.18 -14.57 7.42
C ASP A 18 7.26 -13.37 8.39
N ASN A 19 8.46 -12.85 8.66
CA ASN A 19 8.63 -11.81 9.67
C ASN A 19 9.26 -10.52 9.10
N THR A 20 9.04 -10.25 7.80
CA THR A 20 9.48 -8.98 7.20
C THR A 20 8.59 -7.82 7.65
N PRO A 21 9.18 -6.65 8.00
CA PRO A 21 8.42 -5.45 8.37
C PRO A 21 7.36 -5.09 7.32
N PHE A 22 7.65 -5.41 6.06
CA PHE A 22 6.70 -5.22 4.96
C PHE A 22 5.43 -6.06 5.19
N GLY A 23 5.62 -7.35 5.46
CA GLY A 23 4.50 -8.23 5.74
C GLY A 23 3.74 -7.84 7.00
N ILE A 24 4.47 -7.38 8.02
CA ILE A 24 3.86 -6.91 9.27
C ILE A 24 2.99 -5.66 9.02
N LEU A 25 3.47 -4.76 8.15
CA LEU A 25 2.73 -3.55 7.79
C LEU A 25 1.36 -3.91 7.19
N ALA A 26 1.32 -4.96 6.36
CA ALA A 26 0.08 -5.45 5.75
C ALA A 26 -1.02 -5.68 6.81
N GLU A 27 -0.66 -6.37 7.90
CA GLU A 27 -1.61 -6.60 9.00
C GLU A 27 -1.79 -5.33 9.85
N HIS A 28 -0.76 -4.50 9.93
CA HIS A 28 -0.83 -3.27 10.72
C HIS A 28 -1.89 -2.30 10.16
N VAL A 29 -1.98 -2.21 8.83
CA VAL A 29 -3.02 -1.39 8.19
C VAL A 29 -4.37 -2.11 8.19
N SER A 30 -4.32 -3.44 8.11
CA SER A 30 -5.54 -4.28 8.20
C SER A 30 -6.07 -4.34 9.65
N GLU A 31 -5.28 -3.81 10.58
CA GLU A 31 -5.69 -3.72 11.99
C GLU A 31 -6.81 -2.70 12.19
N ASP A 32 -6.81 -1.64 11.38
CA ASP A 32 -7.79 -0.57 11.48
C ASP A 32 -9.20 -1.05 11.01
N LYS A 33 -10.16 -0.15 10.92
CA LYS A 33 -11.53 -0.52 10.53
C LYS A 33 -11.62 -0.97 9.06
N ALA A 34 -10.49 -0.89 8.34
CA ALA A 34 -10.36 -1.44 6.98
C ALA A 34 -11.21 -0.67 5.95
N PHE A 35 -11.59 0.56 6.26
CA PHE A 35 -12.36 1.40 5.32
C PHE A 35 -11.60 2.67 4.95
N PRO A 36 -11.01 2.73 3.73
CA PRO A 36 -10.34 3.94 3.22
C PRO A 36 -11.30 5.14 3.10
N ARG A 37 -11.00 6.22 3.82
CA ARG A 37 -11.89 7.38 3.86
C ARG A 37 -11.56 8.40 2.75
N LEU A 38 -10.32 8.87 2.72
CA LEU A 38 -9.87 9.86 1.71
C LEU A 38 -8.75 9.28 0.84
N GLU A 39 -8.44 8.01 1.06
CA GLU A 39 -7.29 7.35 0.43
C GLU A 39 -7.52 7.01 -1.06
N GLU A 40 -8.42 7.75 -1.71
CA GLU A 40 -8.66 7.60 -3.16
C GLU A 40 -7.39 7.90 -3.95
N ARG A 41 -6.75 9.02 -3.62
CA ARG A 41 -5.54 9.48 -4.31
C ARG A 41 -4.28 8.93 -3.63
N HIS A 42 -3.46 8.18 -4.36
CA HIS A 42 -2.23 7.59 -3.80
C HIS A 42 -1.30 8.64 -3.17
N GLN A 43 -1.47 9.91 -3.59
CA GLN A 43 -0.71 11.02 -3.01
C GLN A 43 -1.01 11.18 -1.51
N VAL A 44 -2.29 11.33 -1.17
CA VAL A 44 -2.69 11.51 0.23
C VAL A 44 -2.33 10.29 1.08
N ILE A 45 -2.33 9.11 0.46
CA ILE A 45 -1.88 7.89 1.14
C ILE A 45 -0.43 8.04 1.62
N ARG A 46 0.45 8.42 0.69
CA ARG A 46 1.86 8.66 1.01
C ARG A 46 2.03 9.73 2.10
N ALA A 47 1.27 10.81 1.98
CA ALA A 47 1.31 11.90 2.97
C ALA A 47 0.83 11.44 4.36
N TYR A 48 -0.35 10.85 4.42
CA TYR A 48 -0.98 10.46 5.69
C TYR A 48 -0.21 9.33 6.41
N VAL A 49 0.40 8.41 5.68
CA VAL A 49 1.21 7.37 6.32
C VAL A 49 2.45 7.98 7.00
N MET A 50 3.05 8.99 6.35
CA MET A 50 4.18 9.73 6.95
C MET A 50 3.69 10.72 8.02
N SER A 51 2.41 11.08 7.95
CA SER A 51 1.79 11.98 8.94
C SER A 51 1.44 11.25 10.25
N ASN A 52 0.91 10.04 10.13
CA ASN A 52 0.54 9.24 11.31
C ASN A 52 1.72 8.41 11.84
N TYR A 53 2.50 7.83 10.93
CA TYR A 53 3.63 6.97 11.32
C TYR A 53 4.97 7.69 11.22
N THR A 54 6.03 7.00 11.63
CA THR A 54 7.40 7.53 11.57
C THR A 54 8.40 6.46 11.14
N ASP A 55 8.16 5.21 11.55
CA ASP A 55 9.03 4.08 11.22
C ASP A 55 9.22 3.91 9.71
N HIS A 56 10.46 4.03 9.25
CA HIS A 56 10.79 3.85 7.83
C HIS A 56 10.41 2.44 7.34
N GLN A 57 10.49 1.46 8.23
CA GLN A 57 10.10 0.08 7.91
C GLN A 57 8.64 0.01 7.45
N LEU A 58 7.77 0.77 8.13
CA LEU A 58 6.35 0.81 7.79
C LEU A 58 6.07 1.71 6.58
N ILE A 59 6.63 2.92 6.62
CA ILE A 59 6.41 3.92 5.56
C ILE A 59 6.95 3.44 4.19
N GLU A 60 8.14 2.85 4.17
CA GLU A 60 8.74 2.35 2.93
C GLU A 60 7.85 1.31 2.26
N THR A 61 7.22 0.45 3.06
CA THR A 61 6.33 -0.59 2.54
C THR A 61 5.17 0.00 1.72
N THR A 62 4.38 0.86 2.36
CA THR A 62 3.24 1.51 1.68
C THR A 62 3.71 2.32 0.46
N ASN A 63 4.75 3.15 0.66
CA ASN A 63 5.30 3.98 -0.40
C ASN A 63 5.80 3.12 -1.59
N ARG A 64 6.42 1.99 -1.26
CA ARG A 64 6.92 1.04 -2.28
C ARG A 64 5.77 0.52 -3.15
N ALA A 65 4.69 0.09 -2.51
CA ALA A 65 3.50 -0.41 -3.21
C ALA A 65 2.91 0.66 -4.14
N ILE A 66 2.81 1.90 -3.64
CA ILE A 66 2.28 3.03 -4.42
C ILE A 66 3.07 3.23 -5.73
N SER A 67 4.37 3.48 -5.59
CA SER A 67 5.23 3.77 -6.75
C SER A 67 5.28 2.60 -7.75
N LEU A 68 5.52 1.39 -7.26
CA LEU A 68 5.70 0.22 -8.13
C LEU A 68 4.40 -0.15 -8.87
N TYR A 69 3.27 -0.12 -8.17
CA TYR A 69 1.97 -0.48 -8.78
C TYR A 69 1.60 0.49 -9.91
N MET A 70 1.85 1.79 -9.70
CA MET A 70 1.54 2.81 -10.72
C MET A 70 2.59 2.84 -11.84
N ALA A 71 3.83 2.50 -11.50
CA ALA A 71 4.90 2.39 -12.51
C ALA A 71 4.68 1.15 -13.40
N ASN A 72 4.16 0.08 -12.80
CA ASN A 72 3.85 -1.15 -13.53
C ASN A 72 2.85 -0.88 -14.67
N LEU A 73 1.83 -0.07 -14.37
CA LEU A 73 0.81 0.32 -15.35
C LEU A 73 1.47 0.94 -16.60
N GLU A 74 2.36 1.91 -16.38
CA GLU A 74 3.04 2.63 -17.46
C GLU A 74 3.77 1.66 -18.42
N HIS A 75 4.58 0.75 -17.86
CA HIS A 75 5.35 -0.21 -18.66
C HIS A 75 4.43 -1.28 -19.27
N HIS A 76 3.46 -1.75 -18.49
CA HIS A 76 2.50 -2.77 -18.95
C HIS A 76 1.66 -2.25 -20.13
N HIS A 77 1.62 -0.92 -20.28
CA HIS A 77 0.91 -0.28 -21.40
C HIS A 77 1.56 -0.64 -22.75
N HIS A 78 2.80 -1.15 -22.71
CA HIS A 78 3.51 -1.56 -23.92
C HIS A 78 3.53 -3.08 -24.09
N HIS A 79 3.06 -3.55 -25.24
CA HIS A 79 3.29 -4.93 -25.67
C HIS A 79 4.40 -4.95 -26.71
N HIS A 80 4.20 -4.15 -27.77
CA HIS A 80 5.23 -3.85 -28.77
C HIS A 80 5.06 -2.41 -29.28
N MET A 1 -14.17 -4.58 -0.73
CA MET A 1 -15.00 -4.56 0.50
C MET A 1 -15.85 -3.29 0.57
N ALA A 2 -17.18 -3.44 0.62
CA ALA A 2 -18.11 -2.30 0.75
C ALA A 2 -17.88 -1.24 -0.35
N GLY A 3 -17.29 -1.66 -1.47
CA GLY A 3 -16.95 -0.72 -2.54
C GLY A 3 -15.44 -0.56 -2.74
N ASP A 4 -14.70 -0.45 -1.63
CA ASP A 4 -13.24 -0.25 -1.68
C ASP A 4 -12.53 -1.52 -2.17
N PRO A 5 -11.83 -1.45 -3.33
CA PRO A 5 -11.09 -2.60 -3.89
C PRO A 5 -9.87 -3.01 -3.04
N MET A 6 -9.44 -2.10 -2.15
CA MET A 6 -8.29 -2.34 -1.27
C MET A 6 -7.03 -2.71 -2.08
N THR A 7 -6.69 -1.89 -3.07
CA THR A 7 -5.57 -2.15 -3.98
C THR A 7 -4.26 -2.42 -3.22
N PHE A 8 -3.86 -1.46 -2.38
CA PHE A 8 -2.63 -1.58 -1.58
C PHE A 8 -2.71 -2.77 -0.60
N TYR A 9 -3.88 -2.98 0.00
CA TYR A 9 -4.07 -4.06 0.99
C TYR A 9 -3.82 -5.44 0.35
N ASN A 10 -4.55 -5.73 -0.75
CA ASN A 10 -4.40 -6.99 -1.47
C ASN A 10 -2.94 -7.22 -1.94
N PHE A 11 -2.22 -6.12 -2.16
CA PHE A 11 -0.82 -6.19 -2.60
C PHE A 11 0.11 -6.52 -1.43
N ILE A 12 0.02 -5.75 -0.35
CA ILE A 12 0.94 -5.87 0.79
C ILE A 12 0.79 -7.22 1.54
N MET A 13 -0.41 -7.83 1.45
CA MET A 13 -0.65 -9.14 2.06
C MET A 13 0.36 -10.20 1.60
N GLY A 14 0.88 -10.03 0.38
CA GLY A 14 1.89 -10.95 -0.15
C GLY A 14 3.19 -10.94 0.65
N PHE A 15 3.50 -9.80 1.28
CA PHE A 15 4.71 -9.66 2.09
C PHE A 15 4.52 -10.23 3.50
N GLN A 16 3.27 -10.26 3.97
CA GLN A 16 2.96 -10.83 5.29
C GLN A 16 2.63 -12.33 5.20
N ASN A 17 2.81 -12.92 4.02
CA ASN A 17 2.68 -14.37 3.87
C ASN A 17 3.72 -15.08 4.75
N ASP A 18 4.89 -14.45 4.88
CA ASP A 18 5.93 -14.86 5.82
C ASP A 18 6.31 -13.68 6.74
N ASN A 19 7.20 -13.92 7.70
CA ASN A 19 7.56 -12.87 8.68
C ASN A 19 8.58 -11.88 8.12
N THR A 20 8.10 -10.69 7.74
CA THR A 20 8.96 -9.62 7.19
C THR A 20 8.63 -8.26 7.84
N PRO A 21 9.60 -7.31 7.87
CA PRO A 21 9.35 -5.94 8.35
C PRO A 21 8.24 -5.23 7.54
N PHE A 22 8.16 -5.56 6.26
CA PHE A 22 7.10 -5.04 5.38
C PHE A 22 5.74 -5.64 5.78
N GLY A 23 5.75 -6.93 6.13
CA GLY A 23 4.53 -7.59 6.58
C GLY A 23 3.93 -6.97 7.84
N ILE A 24 4.80 -6.44 8.71
CA ILE A 24 4.35 -5.79 9.96
C ILE A 24 3.26 -4.75 9.66
N LEU A 25 3.46 -3.96 8.61
CA LEU A 25 2.47 -2.98 8.17
C LEU A 25 1.14 -3.68 7.80
N ALA A 26 1.24 -4.69 6.94
CA ALA A 26 0.06 -5.44 6.46
C ALA A 26 -0.76 -6.02 7.61
N GLU A 27 -0.09 -6.72 8.52
CA GLU A 27 -0.77 -7.38 9.64
C GLU A 27 -1.31 -6.36 10.66
N HIS A 28 -0.55 -5.30 10.91
CA HIS A 28 -0.96 -4.28 11.87
C HIS A 28 -2.21 -3.51 11.41
N VAL A 29 -2.30 -3.22 10.10
CA VAL A 29 -3.51 -2.58 9.55
C VAL A 29 -4.69 -3.56 9.50
N SER A 30 -4.37 -4.86 9.40
CA SER A 30 -5.38 -5.91 9.52
C SER A 30 -5.90 -5.99 10.97
N GLU A 31 -4.99 -5.77 11.92
CA GLU A 31 -5.32 -5.68 13.35
C GLU A 31 -6.16 -4.44 13.66
N ASP A 32 -5.86 -3.35 12.95
CA ASP A 32 -6.53 -2.06 13.15
C ASP A 32 -8.02 -2.11 12.74
N LYS A 33 -8.77 -1.09 13.17
CA LYS A 33 -10.21 -0.95 12.88
C LYS A 33 -10.56 -1.27 11.42
N ALA A 34 -9.75 -0.80 10.47
CA ALA A 34 -10.01 -0.98 9.04
C ALA A 34 -11.32 -0.29 8.58
N PHE A 35 -11.23 0.50 7.50
CA PHE A 35 -12.39 1.25 7.02
C PHE A 35 -12.26 1.57 5.51
N PRO A 36 -13.26 1.18 4.69
CA PRO A 36 -13.30 1.52 3.25
C PRO A 36 -13.38 3.04 3.00
N ARG A 37 -12.38 3.59 2.29
CA ARG A 37 -12.28 5.04 2.08
C ARG A 37 -12.34 5.41 0.59
N LEU A 38 -11.75 4.56 -0.26
CA LEU A 38 -11.67 4.80 -1.71
C LEU A 38 -10.85 6.06 -2.04
N GLU A 39 -9.52 5.93 -2.00
CA GLU A 39 -8.61 7.03 -2.35
C GLU A 39 -8.39 7.14 -3.87
N GLU A 40 -8.60 6.02 -4.58
CA GLU A 40 -8.46 5.98 -6.04
C GLU A 40 -7.01 6.20 -6.51
N ARG A 41 -6.51 7.43 -6.40
CA ARG A 41 -5.18 7.79 -6.90
C ARG A 41 -4.05 7.13 -6.08
N HIS A 42 -3.26 6.28 -6.74
CA HIS A 42 -2.18 5.53 -6.07
C HIS A 42 -1.17 6.45 -5.37
N GLN A 43 -0.98 7.66 -5.91
CA GLN A 43 0.05 8.59 -5.42
C GLN A 43 -0.22 9.10 -4.00
N VAL A 44 -1.45 9.56 -3.75
CA VAL A 44 -1.79 10.21 -2.47
C VAL A 44 -1.67 9.26 -1.25
N ILE A 45 -1.66 7.95 -1.51
CA ILE A 45 -1.60 6.95 -0.44
C ILE A 45 -0.38 7.14 0.49
N ARG A 46 0.77 7.49 -0.08
CA ARG A 46 2.01 7.65 0.67
C ARG A 46 1.91 8.75 1.76
N ALA A 47 1.13 9.79 1.48
CA ALA A 47 0.96 10.90 2.42
C ALA A 47 0.33 10.44 3.74
N TYR A 48 -0.66 9.56 3.65
CA TYR A 48 -1.40 9.08 4.83
C TYR A 48 -0.49 8.34 5.82
N VAL A 49 0.29 7.38 5.32
CA VAL A 49 1.16 6.56 6.18
C VAL A 49 2.20 7.42 6.94
N MET A 50 2.76 8.43 6.26
CA MET A 50 3.75 9.33 6.89
C MET A 50 3.09 10.23 7.95
N SER A 51 1.84 10.61 7.71
CA SER A 51 1.09 11.45 8.65
C SER A 51 0.69 10.66 9.92
N ASN A 52 0.66 9.33 9.83
CA ASN A 52 0.24 8.48 10.95
C ASN A 52 1.44 7.89 11.72
N TYR A 53 2.28 7.11 11.04
CA TYR A 53 3.36 6.38 11.69
C TYR A 53 4.73 7.06 11.50
N THR A 54 5.54 7.02 12.55
CA THR A 54 6.92 7.55 12.49
C THR A 54 7.94 6.43 12.24
N ASP A 55 7.47 5.18 12.28
CA ASP A 55 8.33 4.02 12.04
C ASP A 55 8.88 4.01 10.62
N HIS A 56 10.19 4.19 10.50
CA HIS A 56 10.86 4.35 9.20
C HIS A 56 10.56 3.18 8.24
N GLN A 57 10.60 1.95 8.75
CA GLN A 57 10.32 0.77 7.93
C GLN A 57 8.87 0.75 7.43
N LEU A 58 7.91 1.02 8.33
CA LEU A 58 6.49 1.06 7.95
C LEU A 58 6.24 2.12 6.85
N ILE A 59 6.93 3.25 6.95
CA ILE A 59 6.86 4.30 5.94
C ILE A 59 7.47 3.84 4.61
N GLU A 60 8.70 3.31 4.66
CA GLU A 60 9.40 2.85 3.46
C GLU A 60 8.64 1.71 2.76
N THR A 61 7.96 0.87 3.53
CA THR A 61 7.13 -0.21 2.98
C THR A 61 6.14 0.33 1.94
N THR A 62 5.38 1.35 2.33
CA THR A 62 4.41 1.99 1.43
C THR A 62 5.11 2.84 0.37
N ASN A 63 6.05 3.67 0.83
CA ASN A 63 6.82 4.58 -0.06
C ASN A 63 7.41 3.83 -1.27
N ARG A 64 8.04 2.69 -1.01
CA ARG A 64 8.65 1.88 -2.07
C ARG A 64 7.58 1.22 -2.96
N ALA A 65 6.49 0.75 -2.34
CA ALA A 65 5.42 0.05 -3.06
C ALA A 65 4.74 0.95 -4.10
N ILE A 66 4.47 2.21 -3.73
CA ILE A 66 3.81 3.17 -4.64
C ILE A 66 4.55 3.29 -5.97
N SER A 67 5.88 3.17 -5.93
CA SER A 67 6.72 3.21 -7.14
C SER A 67 6.22 2.20 -8.19
N LEU A 68 5.89 0.99 -7.74
CA LEU A 68 5.41 -0.07 -8.63
C LEU A 68 4.04 0.27 -9.24
N TYR A 69 3.17 0.89 -8.45
CA TYR A 69 1.84 1.31 -8.92
C TYR A 69 1.91 2.28 -10.10
N MET A 70 3.02 3.00 -10.21
CA MET A 70 3.25 3.89 -11.35
C MET A 70 3.91 3.12 -12.52
N ALA A 71 5.10 2.60 -12.27
CA ALA A 71 5.90 1.93 -13.30
C ALA A 71 5.19 0.72 -13.93
N ASN A 72 4.65 -0.16 -13.09
CA ASN A 72 3.98 -1.38 -13.58
C ASN A 72 2.72 -1.03 -14.40
N LEU A 73 2.00 0.00 -13.97
CA LEU A 73 0.78 0.44 -14.66
C LEU A 73 1.11 0.93 -16.08
N GLU A 74 1.99 1.94 -16.17
CA GLU A 74 2.38 2.51 -17.47
C GLU A 74 2.95 1.45 -18.43
N HIS A 75 3.71 0.49 -17.89
CA HIS A 75 4.30 -0.58 -18.71
C HIS A 75 3.23 -1.55 -19.23
N HIS A 76 2.14 -1.72 -18.48
CA HIS A 76 0.98 -2.50 -18.96
C HIS A 76 0.39 -1.84 -20.22
N HIS A 77 0.42 -0.52 -20.26
CA HIS A 77 -0.08 0.23 -21.42
C HIS A 77 0.97 0.30 -22.54
N HIS A 78 2.24 0.40 -22.17
CA HIS A 78 3.34 0.45 -23.14
C HIS A 78 4.37 -0.67 -22.90
N HIS A 79 4.27 -1.74 -23.69
CA HIS A 79 5.29 -2.81 -23.68
C HIS A 79 6.44 -2.46 -24.65
N HIS A 80 7.67 -2.50 -24.13
CA HIS A 80 8.88 -2.15 -24.91
C HIS A 80 9.02 -0.63 -25.14
N MET A 1 -18.44 1.92 -1.84
CA MET A 1 -17.42 2.76 -2.52
C MET A 1 -17.40 2.47 -4.03
N ALA A 2 -17.30 3.52 -4.84
CA ALA A 2 -17.28 3.38 -6.31
C ALA A 2 -15.85 3.19 -6.84
N GLY A 3 -14.86 3.50 -5.99
CA GLY A 3 -13.46 3.28 -6.36
C GLY A 3 -12.86 2.03 -5.72
N ASP A 4 -11.54 1.94 -5.71
CA ASP A 4 -10.85 0.79 -5.13
C ASP A 4 -9.74 1.20 -4.14
N PRO A 5 -9.88 0.84 -2.85
CA PRO A 5 -8.81 0.96 -1.86
C PRO A 5 -8.12 -0.41 -1.57
N MET A 6 -8.44 -1.43 -2.37
CA MET A 6 -8.04 -2.80 -2.06
C MET A 6 -6.72 -3.24 -2.74
N THR A 7 -6.48 -2.77 -3.98
CA THR A 7 -5.27 -3.15 -4.73
C THR A 7 -3.99 -2.94 -3.90
N PHE A 8 -3.97 -1.88 -3.09
CA PHE A 8 -2.83 -1.61 -2.20
C PHE A 8 -2.52 -2.81 -1.30
N TYR A 9 -3.52 -3.24 -0.52
CA TYR A 9 -3.35 -4.41 0.36
C TYR A 9 -3.13 -5.69 -0.45
N ASN A 10 -3.88 -5.84 -1.54
CA ASN A 10 -3.80 -7.05 -2.39
C ASN A 10 -2.40 -7.17 -3.03
N PHE A 11 -1.70 -6.03 -3.14
CA PHE A 11 -0.33 -6.02 -3.65
C PHE A 11 0.68 -6.34 -2.53
N ILE A 12 0.65 -5.56 -1.45
CA ILE A 12 1.61 -5.70 -0.35
C ILE A 12 1.43 -7.02 0.43
N MET A 13 0.24 -7.62 0.36
CA MET A 13 -0.04 -8.88 1.08
C MET A 13 0.92 -10.00 0.63
N GLY A 14 1.47 -9.88 -0.58
CA GLY A 14 2.45 -10.85 -1.07
C GLY A 14 3.71 -10.91 -0.20
N PHE A 15 3.96 -9.84 0.54
CA PHE A 15 5.09 -9.78 1.50
C PHE A 15 4.62 -10.13 2.92
N GLN A 16 3.31 -10.18 3.12
CA GLN A 16 2.70 -10.46 4.44
C GLN A 16 2.72 -11.96 4.77
N ASN A 17 2.70 -12.79 3.72
CA ASN A 17 2.66 -14.26 3.87
C ASN A 17 3.54 -14.76 5.03
N ASP A 18 4.81 -14.37 5.04
CA ASP A 18 5.74 -14.75 6.11
C ASP A 18 6.39 -13.52 6.79
N ASN A 19 7.17 -13.77 7.84
CA ASN A 19 7.73 -12.71 8.67
C ASN A 19 8.76 -11.83 7.92
N THR A 20 8.28 -10.72 7.38
CA THR A 20 9.15 -9.71 6.74
C THR A 20 8.86 -8.32 7.33
N PRO A 21 9.83 -7.37 7.23
CA PRO A 21 9.59 -5.97 7.64
C PRO A 21 8.44 -5.33 6.84
N PHE A 22 8.23 -5.84 5.63
CA PHE A 22 7.15 -5.37 4.75
C PHE A 22 5.78 -5.91 5.22
N GLY A 23 5.78 -7.15 5.69
CA GLY A 23 4.55 -7.77 6.21
C GLY A 23 3.94 -6.99 7.37
N ILE A 24 4.78 -6.31 8.14
CA ILE A 24 4.32 -5.45 9.24
C ILE A 24 3.40 -4.32 8.73
N LEU A 25 3.76 -3.75 7.59
CA LEU A 25 2.94 -2.70 6.97
C LEU A 25 1.56 -3.26 6.57
N ALA A 26 1.56 -4.36 5.82
CA ALA A 26 0.32 -5.03 5.40
C ALA A 26 -0.56 -5.40 6.60
N GLU A 27 0.07 -5.91 7.66
CA GLU A 27 -0.63 -6.25 8.90
C GLU A 27 -1.22 -5.00 9.57
N HIS A 28 -0.43 -3.95 9.62
CA HIS A 28 -0.81 -2.71 10.32
C HIS A 28 -1.96 -1.99 9.61
N VAL A 29 -2.03 -2.08 8.28
CA VAL A 29 -3.14 -1.50 7.52
C VAL A 29 -4.37 -2.42 7.54
N SER A 30 -4.14 -3.72 7.73
CA SER A 30 -5.24 -4.71 7.81
C SER A 30 -6.05 -4.54 9.10
N GLU A 31 -5.49 -3.82 10.08
CA GLU A 31 -6.16 -3.59 11.37
C GLU A 31 -7.37 -2.63 11.23
N ASP A 32 -7.58 -2.09 10.02
CA ASP A 32 -8.70 -1.18 9.77
C ASP A 32 -9.95 -1.94 9.27
N LYS A 33 -11.11 -1.55 9.78
CA LYS A 33 -12.38 -2.19 9.41
C LYS A 33 -13.47 -1.17 8.99
N ALA A 34 -13.50 0.00 9.64
CA ALA A 34 -14.57 0.97 9.39
C ALA A 34 -14.13 2.44 9.51
N PHE A 35 -12.83 2.70 9.50
CA PHE A 35 -12.33 4.09 9.60
C PHE A 35 -12.28 4.75 8.21
N PRO A 36 -12.83 5.97 8.06
CA PRO A 36 -12.86 6.67 6.77
C PRO A 36 -11.47 7.17 6.33
N ARG A 37 -10.68 6.28 5.75
CA ARG A 37 -9.36 6.65 5.21
C ARG A 37 -9.47 7.18 3.77
N LEU A 38 -10.54 6.78 3.08
CA LEU A 38 -10.77 7.16 1.67
C LEU A 38 -9.66 6.61 0.75
N GLU A 39 -8.53 7.33 0.69
CA GLU A 39 -7.36 6.92 -0.10
C GLU A 39 -7.73 6.42 -1.52
N GLU A 40 -8.81 6.97 -2.07
CA GLU A 40 -9.30 6.58 -3.40
C GLU A 40 -8.21 6.69 -4.48
N ARG A 41 -7.37 7.70 -4.38
CA ARG A 41 -6.21 7.83 -5.26
C ARG A 41 -5.06 6.93 -4.77
N HIS A 42 -4.74 5.90 -5.52
CA HIS A 42 -3.72 4.91 -5.11
C HIS A 42 -2.33 5.55 -4.85
N GLN A 43 -2.15 6.82 -5.22
CA GLN A 43 -0.89 7.52 -4.99
C GLN A 43 -0.90 8.27 -3.64
N VAL A 44 -2.04 8.90 -3.30
CA VAL A 44 -2.13 9.70 -2.06
C VAL A 44 -1.98 8.84 -0.81
N ILE A 45 -2.20 7.52 -0.94
CA ILE A 45 -2.00 6.57 0.17
C ILE A 45 -0.62 6.78 0.81
N ARG A 46 0.39 6.94 -0.05
CA ARG A 46 1.76 7.19 0.37
C ARG A 46 1.86 8.41 1.31
N ALA A 47 1.17 9.49 0.96
CA ALA A 47 1.17 10.71 1.78
C ALA A 47 0.37 10.52 3.08
N TYR A 48 -0.81 9.92 2.96
CA TYR A 48 -1.72 9.71 4.10
C TYR A 48 -1.03 8.89 5.21
N VAL A 49 -0.41 7.77 4.82
CA VAL A 49 0.26 6.91 5.79
C VAL A 49 1.48 7.59 6.45
N MET A 50 2.29 8.31 5.66
CA MET A 50 3.47 9.01 6.21
C MET A 50 3.08 10.09 7.22
N SER A 51 1.89 10.67 7.03
CA SER A 51 1.38 11.73 7.93
C SER A 51 0.97 11.17 9.31
N ASN A 52 0.97 9.84 9.44
CA ASN A 52 0.53 9.18 10.68
C ASN A 52 1.61 8.23 11.25
N TYR A 53 2.15 7.36 10.40
CA TYR A 53 3.09 6.32 10.85
C TYR A 53 4.42 6.93 11.35
N THR A 54 4.93 6.38 12.46
CA THR A 54 6.11 6.94 13.15
C THR A 54 7.41 6.17 12.83
N ASP A 55 7.32 4.85 12.70
CA ASP A 55 8.52 4.02 12.51
C ASP A 55 9.05 4.06 11.06
N HIS A 56 10.36 3.83 10.91
CA HIS A 56 11.02 3.87 9.61
C HIS A 56 10.43 2.83 8.63
N GLN A 57 10.29 1.58 9.07
CA GLN A 57 9.83 0.48 8.21
C GLN A 57 8.40 0.68 7.70
N LEU A 58 7.54 1.26 8.53
CA LEU A 58 6.15 1.54 8.13
C LEU A 58 6.10 2.49 6.93
N ILE A 59 6.94 3.52 6.96
CA ILE A 59 7.06 4.47 5.86
C ILE A 59 7.90 3.89 4.71
N GLU A 60 8.96 3.16 5.08
CA GLU A 60 9.92 2.58 4.12
C GLU A 60 9.22 1.61 3.16
N THR A 61 8.54 0.61 3.75
CA THR A 61 7.78 -0.38 2.98
C THR A 61 6.82 0.30 1.99
N THR A 62 6.11 1.32 2.46
CA THR A 62 5.16 2.07 1.64
C THR A 62 5.86 2.76 0.45
N ASN A 63 6.95 3.47 0.74
CA ASN A 63 7.70 4.19 -0.30
C ASN A 63 8.21 3.24 -1.41
N ARG A 64 8.64 2.03 -1.02
CA ARG A 64 9.06 1.03 -2.00
C ARG A 64 7.86 0.43 -2.75
N ALA A 65 6.85 0.01 -1.98
CA ALA A 65 5.65 -0.63 -2.55
C ALA A 65 4.92 0.29 -3.53
N ILE A 66 4.53 1.48 -3.08
CA ILE A 66 3.81 2.45 -3.92
C ILE A 66 4.52 2.69 -5.25
N SER A 67 5.84 2.88 -5.19
CA SER A 67 6.64 3.09 -6.41
C SER A 67 6.53 1.90 -7.37
N LEU A 68 6.94 0.72 -6.89
CA LEU A 68 6.91 -0.50 -7.70
C LEU A 68 5.47 -1.02 -7.93
N TYR A 69 4.49 -0.34 -7.35
CA TYR A 69 3.07 -0.62 -7.61
C TYR A 69 2.54 0.25 -8.75
N MET A 70 2.55 1.57 -8.55
CA MET A 70 2.03 2.50 -9.57
C MET A 70 2.86 2.47 -10.85
N ALA A 71 4.18 2.29 -10.72
CA ALA A 71 5.09 2.22 -11.86
C ALA A 71 5.07 0.83 -12.52
N ASN A 72 4.27 -0.08 -11.95
CA ASN A 72 4.10 -1.42 -12.53
C ASN A 72 2.76 -1.51 -13.29
N LEU A 73 1.69 -1.02 -12.65
CA LEU A 73 0.35 -1.05 -13.25
C LEU A 73 0.32 -0.34 -14.61
N GLU A 74 0.59 0.97 -14.63
CA GLU A 74 0.54 1.74 -15.88
C GLU A 74 1.60 1.27 -16.88
N HIS A 75 2.79 0.93 -16.40
CA HIS A 75 3.86 0.40 -17.26
C HIS A 75 3.43 -0.93 -17.90
N HIS A 76 2.64 -1.72 -17.18
CA HIS A 76 2.11 -2.97 -17.70
C HIS A 76 0.96 -2.70 -18.67
N HIS A 77 0.31 -1.54 -18.53
CA HIS A 77 -0.75 -1.12 -19.46
C HIS A 77 -0.16 -0.31 -20.64
N HIS A 78 1.16 -0.10 -20.61
CA HIS A 78 1.89 0.51 -21.72
C HIS A 78 2.94 -0.46 -22.29
N HIS A 79 3.56 -0.09 -23.43
CA HIS A 79 4.60 -0.90 -24.06
C HIS A 79 5.66 -0.03 -24.73
N HIS A 80 6.73 -0.65 -25.22
CA HIS A 80 7.84 0.07 -25.88
C HIS A 80 8.48 -0.75 -27.01
N MET A 1 -19.01 -1.31 -5.85
CA MET A 1 -18.79 -1.56 -7.30
C MET A 1 -17.61 -2.52 -7.53
N ALA A 2 -17.69 -3.27 -8.63
CA ALA A 2 -16.64 -4.25 -8.97
C ALA A 2 -15.35 -3.55 -9.45
N GLY A 3 -14.27 -4.32 -9.58
CA GLY A 3 -12.99 -3.76 -10.00
C GLY A 3 -12.27 -3.03 -8.88
N ASP A 4 -11.45 -3.75 -8.12
CA ASP A 4 -10.74 -3.19 -6.97
C ASP A 4 -9.80 -2.03 -7.35
N PRO A 5 -10.00 -0.85 -6.74
CA PRO A 5 -9.11 0.29 -6.92
C PRO A 5 -8.04 0.40 -5.82
N MET A 6 -8.16 -0.41 -4.77
CA MET A 6 -7.28 -0.31 -3.60
C MET A 6 -5.85 -0.76 -3.91
N THR A 7 -5.71 -1.97 -4.48
CA THR A 7 -4.40 -2.54 -4.89
C THR A 7 -3.40 -2.68 -3.73
N PHE A 8 -2.92 -1.56 -3.20
CA PHE A 8 -1.96 -1.50 -2.08
C PHE A 8 -2.13 -2.66 -1.08
N TYR A 9 -3.28 -2.72 -0.43
CA TYR A 9 -3.56 -3.78 0.55
C TYR A 9 -3.45 -5.18 -0.07
N ASN A 10 -4.06 -5.37 -1.24
CA ASN A 10 -4.08 -6.67 -1.91
C ASN A 10 -2.65 -7.16 -2.25
N PHE A 11 -1.73 -6.21 -2.43
CA PHE A 11 -0.33 -6.53 -2.73
C PHE A 11 0.46 -6.88 -1.45
N ILE A 12 0.40 -6.00 -0.46
CA ILE A 12 1.21 -6.14 0.76
C ILE A 12 0.87 -7.42 1.55
N MET A 13 -0.32 -7.96 1.37
CA MET A 13 -0.72 -9.21 2.06
C MET A 13 0.27 -10.35 1.79
N GLY A 14 0.86 -10.37 0.60
CA GLY A 14 1.83 -11.41 0.26
C GLY A 14 3.01 -11.48 1.24
N PHE A 15 3.33 -10.35 1.86
CA PHE A 15 4.44 -10.28 2.82
C PHE A 15 3.97 -10.66 4.24
N GLN A 16 2.66 -10.59 4.48
CA GLN A 16 2.06 -10.94 5.77
C GLN A 16 2.13 -12.46 6.03
N ASN A 17 2.30 -13.23 4.94
CA ASN A 17 2.43 -14.68 5.04
C ASN A 17 3.63 -15.08 5.93
N ASP A 18 4.66 -14.23 5.93
CA ASP A 18 5.86 -14.44 6.74
C ASP A 18 6.04 -13.30 7.77
N ASN A 19 6.70 -13.58 8.88
CA ASN A 19 6.94 -12.57 9.91
C ASN A 19 8.13 -11.65 9.54
N THR A 20 7.85 -10.63 8.74
CA THR A 20 8.88 -9.70 8.26
C THR A 20 8.47 -8.23 8.50
N PRO A 21 9.44 -7.29 8.56
CA PRO A 21 9.13 -5.85 8.67
C PRO A 21 8.16 -5.37 7.59
N PHE A 22 8.24 -5.98 6.41
CA PHE A 22 7.28 -5.72 5.33
C PHE A 22 5.90 -6.28 5.69
N GLY A 23 5.88 -7.48 6.25
CA GLY A 23 4.64 -8.07 6.75
C GLY A 23 4.02 -7.26 7.88
N ILE A 24 4.85 -6.59 8.67
CA ILE A 24 4.39 -5.69 9.74
C ILE A 24 3.52 -4.56 9.16
N LEU A 25 3.89 -4.06 7.99
CA LEU A 25 3.08 -3.07 7.29
C LEU A 25 1.68 -3.65 7.02
N ALA A 26 1.64 -4.85 6.44
CA ALA A 26 0.38 -5.56 6.19
C ALA A 26 -0.40 -5.81 7.49
N GLU A 27 0.34 -6.11 8.56
CA GLU A 27 -0.27 -6.34 9.88
C GLU A 27 -0.99 -5.09 10.38
N HIS A 28 -0.29 -3.96 10.39
CA HIS A 28 -0.83 -2.73 10.95
C HIS A 28 -1.97 -2.15 10.08
N VAL A 29 -1.90 -2.32 8.77
CA VAL A 29 -3.00 -1.89 7.89
C VAL A 29 -4.22 -2.83 8.04
N SER A 30 -3.95 -4.09 8.38
CA SER A 30 -5.04 -5.04 8.71
C SER A 30 -5.63 -4.72 10.09
N GLU A 31 -4.83 -4.07 10.93
CA GLU A 31 -5.28 -3.61 12.25
C GLU A 31 -6.37 -2.52 12.13
N ASP A 32 -6.27 -1.73 11.05
CA ASP A 32 -7.32 -0.75 10.71
C ASP A 32 -8.54 -1.47 10.11
N LYS A 33 -9.64 -0.74 9.97
CA LYS A 33 -10.89 -1.31 9.42
C LYS A 33 -10.70 -1.82 7.97
N ALA A 34 -9.71 -1.26 7.26
CA ALA A 34 -9.31 -1.76 5.93
C ALA A 34 -10.49 -1.88 4.93
N PHE A 35 -11.55 -1.13 5.18
CA PHE A 35 -12.74 -1.11 4.31
C PHE A 35 -12.77 0.19 3.51
N PRO A 36 -13.15 0.15 2.20
CA PRO A 36 -13.22 1.34 1.33
C PRO A 36 -13.61 2.65 2.05
N ARG A 37 -12.57 3.37 2.49
CA ARG A 37 -12.71 4.68 3.14
C ARG A 37 -12.19 5.78 2.21
N LEU A 38 -10.91 5.69 1.84
CA LEU A 38 -10.32 6.59 0.83
C LEU A 38 -9.08 5.93 0.19
N GLU A 39 -8.95 4.62 0.38
CA GLU A 39 -7.79 3.85 -0.11
C GLU A 39 -7.83 3.60 -1.62
N GLU A 40 -8.83 4.17 -2.30
CA GLU A 40 -8.93 4.09 -3.76
C GLU A 40 -7.80 4.87 -4.43
N ARG A 41 -7.33 5.92 -3.75
CA ARG A 41 -6.31 6.83 -4.28
C ARG A 41 -4.90 6.28 -4.07
N HIS A 42 -4.17 6.07 -5.17
CA HIS A 42 -2.82 5.51 -5.12
C HIS A 42 -1.77 6.60 -4.82
N GLN A 43 -2.20 7.67 -4.13
CA GLN A 43 -1.33 8.82 -3.84
C GLN A 43 -1.41 9.20 -2.36
N VAL A 44 -2.60 9.60 -1.90
CA VAL A 44 -2.81 10.06 -0.52
C VAL A 44 -2.31 9.05 0.53
N ILE A 45 -2.33 7.76 0.19
CA ILE A 45 -1.83 6.70 1.09
C ILE A 45 -0.39 7.01 1.54
N ARG A 46 0.40 7.57 0.63
CA ARG A 46 1.76 8.00 0.93
C ARG A 46 1.77 9.04 2.06
N ALA A 47 0.80 9.95 2.04
CA ALA A 47 0.68 10.98 3.07
C ALA A 47 0.17 10.40 4.40
N TYR A 48 -0.83 9.51 4.33
CA TYR A 48 -1.41 8.89 5.53
C TYR A 48 -0.32 8.30 6.46
N VAL A 49 0.50 7.41 5.91
CA VAL A 49 1.54 6.73 6.70
C VAL A 49 2.52 7.74 7.35
N MET A 50 2.89 8.79 6.62
CA MET A 50 3.83 9.79 7.13
C MET A 50 3.18 10.73 8.15
N SER A 51 1.89 11.02 7.95
CA SER A 51 1.15 11.95 8.83
C SER A 51 0.78 11.31 10.17
N ASN A 52 0.99 10.00 10.30
CA ASN A 52 0.62 9.28 11.53
C ASN A 52 1.78 8.45 12.11
N TYR A 53 2.73 8.03 11.27
CA TYR A 53 3.82 7.16 11.72
C TYR A 53 5.20 7.67 11.25
N THR A 54 6.21 7.50 12.10
CA THR A 54 7.57 7.98 11.82
C THR A 54 8.58 6.82 11.74
N ASP A 55 8.09 5.61 11.45
CA ASP A 55 8.96 4.44 11.32
C ASP A 55 9.23 4.12 9.83
N HIS A 56 10.50 4.17 9.43
CA HIS A 56 10.87 4.03 8.02
C HIS A 56 10.73 2.58 7.51
N GLN A 57 10.71 1.60 8.41
CA GLN A 57 10.45 0.22 8.01
C GLN A 57 8.99 0.05 7.55
N LEU A 58 8.17 1.06 7.84
CA LEU A 58 6.79 1.12 7.35
C LEU A 58 6.68 2.10 6.16
N ILE A 59 7.34 3.25 6.27
CA ILE A 59 7.26 4.31 5.25
C ILE A 59 7.76 3.83 3.86
N GLU A 60 9.05 3.51 3.75
CA GLU A 60 9.61 3.04 2.47
C GLU A 60 8.86 1.80 1.93
N THR A 61 8.45 0.91 2.82
CA THR A 61 7.67 -0.27 2.43
C THR A 61 6.36 0.14 1.73
N THR A 62 5.71 1.16 2.27
CA THR A 62 4.48 1.72 1.67
C THR A 62 4.76 2.25 0.26
N ASN A 63 5.85 2.99 0.11
CA ASN A 63 6.27 3.52 -1.20
C ASN A 63 6.43 2.40 -2.23
N ARG A 64 7.08 1.31 -1.83
CA ARG A 64 7.29 0.16 -2.73
C ARG A 64 5.96 -0.42 -3.21
N ALA A 65 5.07 -0.75 -2.28
CA ALA A 65 3.78 -1.37 -2.60
C ALA A 65 2.98 -0.54 -3.62
N ILE A 66 2.96 0.78 -3.42
CA ILE A 66 2.28 1.69 -4.35
C ILE A 66 3.04 1.82 -5.68
N SER A 67 4.37 1.87 -5.60
CA SER A 67 5.24 2.08 -6.77
C SER A 67 4.94 1.11 -7.92
N LEU A 68 4.80 -0.18 -7.59
CA LEU A 68 4.54 -1.21 -8.61
C LEU A 68 3.25 -0.93 -9.41
N TYR A 69 2.23 -0.40 -8.74
CA TYR A 69 0.95 -0.11 -9.40
C TYR A 69 0.92 1.29 -10.04
N MET A 70 2.08 1.96 -10.04
CA MET A 70 2.24 3.24 -10.72
C MET A 70 3.26 3.12 -11.87
N ALA A 71 4.53 2.89 -11.52
CA ALA A 71 5.61 2.80 -12.51
C ALA A 71 5.37 1.70 -13.55
N ASN A 72 5.11 0.48 -13.08
CA ASN A 72 4.84 -0.65 -13.98
C ASN A 72 3.56 -0.44 -14.77
N LEU A 73 2.49 -0.01 -14.08
CA LEU A 73 1.18 0.22 -14.70
C LEU A 73 1.30 1.13 -15.94
N GLU A 74 2.11 2.19 -15.82
CA GLU A 74 2.36 3.12 -16.93
C GLU A 74 2.93 2.40 -18.17
N HIS A 75 4.11 1.79 -18.01
CA HIS A 75 4.82 1.17 -19.13
C HIS A 75 4.20 -0.19 -19.53
N HIS A 76 3.27 -0.70 -18.72
CA HIS A 76 2.61 -1.97 -19.02
C HIS A 76 1.75 -1.88 -20.29
N HIS A 77 1.28 -0.67 -20.61
CA HIS A 77 0.49 -0.45 -21.83
C HIS A 77 1.41 -0.44 -23.06
N HIS A 78 2.26 0.57 -23.16
CA HIS A 78 3.26 0.65 -24.23
C HIS A 78 4.45 -0.29 -23.95
N HIS A 79 4.36 -1.51 -24.46
CA HIS A 79 5.47 -2.46 -24.38
C HIS A 79 6.65 -2.02 -25.25
N HIS A 80 7.87 -2.35 -24.83
CA HIS A 80 9.10 -1.96 -25.53
C HIS A 80 9.35 -0.44 -25.44
N MET A 1 -14.88 3.67 -5.70
CA MET A 1 -13.83 2.63 -5.63
C MET A 1 -14.14 1.44 -6.56
N ALA A 2 -15.03 1.67 -7.53
CA ALA A 2 -15.51 0.60 -8.42
C ALA A 2 -14.41 0.02 -9.32
N GLY A 3 -13.31 0.76 -9.51
CA GLY A 3 -12.23 0.30 -10.36
C GLY A 3 -11.26 -0.64 -9.65
N ASP A 4 -10.34 -0.07 -8.87
CA ASP A 4 -9.35 -0.85 -8.12
C ASP A 4 -8.80 -0.08 -6.91
N PRO A 5 -9.46 -0.23 -5.73
CA PRO A 5 -9.04 0.44 -4.50
C PRO A 5 -8.01 -0.33 -3.65
N MET A 6 -8.35 -1.56 -3.25
CA MET A 6 -7.57 -2.32 -2.25
C MET A 6 -6.44 -3.15 -2.86
N THR A 7 -5.87 -2.70 -3.98
CA THR A 7 -4.76 -3.40 -4.63
C THR A 7 -3.56 -3.54 -3.68
N PHE A 8 -3.17 -2.43 -3.05
CA PHE A 8 -2.09 -2.41 -2.06
C PHE A 8 -2.23 -3.52 -1.01
N TYR A 9 -3.46 -3.79 -0.58
CA TYR A 9 -3.72 -4.81 0.44
C TYR A 9 -3.30 -6.20 -0.04
N ASN A 10 -3.54 -6.49 -1.32
CA ASN A 10 -3.16 -7.79 -1.90
C ASN A 10 -1.66 -7.83 -2.25
N PHE A 11 -1.08 -6.66 -2.50
CA PHE A 11 0.36 -6.56 -2.81
C PHE A 11 1.22 -6.99 -1.61
N ILE A 12 0.88 -6.50 -0.42
CA ILE A 12 1.62 -6.84 0.80
C ILE A 12 1.12 -8.18 1.41
N MET A 13 0.02 -8.70 0.88
CA MET A 13 -0.55 -9.97 1.35
C MET A 13 0.42 -11.13 1.06
N GLY A 14 0.58 -12.03 2.03
CA GLY A 14 1.54 -13.12 1.88
C GLY A 14 2.76 -12.92 2.78
N PHE A 15 3.32 -11.70 2.76
CA PHE A 15 4.43 -11.35 3.65
C PHE A 15 4.00 -11.47 5.12
N GLN A 16 2.73 -11.17 5.37
CA GLN A 16 2.13 -11.31 6.71
C GLN A 16 2.11 -12.77 7.19
N ASN A 17 2.16 -13.71 6.24
CA ASN A 17 2.10 -15.14 6.54
C ASN A 17 3.48 -15.69 6.98
N ASP A 18 4.51 -14.84 6.87
CA ASP A 18 5.87 -15.20 7.29
C ASP A 18 6.42 -14.13 8.25
N ASN A 19 7.13 -14.54 9.30
CA ASN A 19 7.67 -13.59 10.29
C ASN A 19 8.68 -12.63 9.64
N THR A 20 8.17 -11.54 9.07
CA THR A 20 8.99 -10.54 8.35
C THR A 20 8.78 -9.14 8.91
N PRO A 21 9.77 -8.23 8.75
CA PRO A 21 9.60 -6.80 9.13
C PRO A 21 8.39 -6.14 8.44
N PHE A 22 8.06 -6.63 7.25
CA PHE A 22 6.89 -6.13 6.50
C PHE A 22 5.58 -6.46 7.21
N GLY A 23 5.60 -7.55 7.98
CA GLY A 23 4.42 -7.98 8.74
C GLY A 23 3.91 -6.93 9.71
N ILE A 24 4.79 -6.02 10.15
CA ILE A 24 4.40 -4.94 11.06
C ILE A 24 3.46 -3.94 10.36
N LEU A 25 3.67 -3.74 9.06
CA LEU A 25 2.83 -2.85 8.26
C LEU A 25 1.58 -3.60 7.78
N ALA A 26 1.77 -4.82 7.27
CA ALA A 26 0.66 -5.65 6.78
C ALA A 26 -0.38 -5.92 7.87
N GLU A 27 0.09 -6.26 9.07
CA GLU A 27 -0.80 -6.56 10.21
C GLU A 27 -1.61 -5.32 10.63
N HIS A 28 -1.18 -4.14 10.17
CA HIS A 28 -1.91 -2.90 10.45
C HIS A 28 -2.95 -2.59 9.35
N VAL A 29 -2.61 -2.83 8.08
CA VAL A 29 -3.55 -2.58 6.98
C VAL A 29 -4.71 -3.59 7.01
N SER A 30 -4.49 -4.73 7.66
CA SER A 30 -5.55 -5.72 7.88
C SER A 30 -6.16 -5.57 9.29
N GLU A 31 -5.80 -4.48 9.97
CA GLU A 31 -6.25 -4.22 11.34
C GLU A 31 -7.50 -3.32 11.39
N ASP A 32 -7.37 -2.08 10.89
CA ASP A 32 -8.47 -1.12 10.96
C ASP A 32 -9.12 -0.88 9.58
N LYS A 33 -10.22 -1.58 9.34
CA LYS A 33 -11.05 -1.34 8.15
C LYS A 33 -12.41 -0.75 8.56
N ALA A 34 -12.59 -0.52 9.86
CA ALA A 34 -13.82 0.08 10.40
C ALA A 34 -14.07 1.48 9.80
N PHE A 35 -13.00 2.20 9.50
CA PHE A 35 -13.10 3.51 8.85
C PHE A 35 -13.07 3.36 7.31
N PRO A 36 -14.15 3.74 6.61
CA PRO A 36 -14.24 3.62 5.15
C PRO A 36 -13.15 4.42 4.41
N ARG A 37 -12.15 3.72 3.86
CA ARG A 37 -11.13 4.35 3.04
C ARG A 37 -11.56 4.38 1.56
N LEU A 38 -11.27 3.30 0.83
CA LEU A 38 -11.73 3.14 -0.57
C LEU A 38 -11.40 4.36 -1.46
N GLU A 39 -10.31 5.06 -1.10
CA GLU A 39 -9.87 6.24 -1.87
C GLU A 39 -9.56 5.90 -3.33
N GLU A 40 -9.12 4.66 -3.57
CA GLU A 40 -8.90 4.14 -4.93
C GLU A 40 -7.60 4.68 -5.57
N ARG A 41 -7.41 6.00 -5.54
CA ARG A 41 -6.21 6.63 -6.10
C ARG A 41 -4.97 6.33 -5.25
N HIS A 42 -3.81 6.14 -5.92
CA HIS A 42 -2.59 5.72 -5.24
C HIS A 42 -1.87 6.87 -4.52
N GLN A 43 -1.72 8.01 -5.20
CA GLN A 43 -0.88 9.12 -4.72
C GLN A 43 -1.28 9.64 -3.32
N VAL A 44 -2.58 9.65 -3.03
CA VAL A 44 -3.10 10.25 -1.79
C VAL A 44 -2.71 9.47 -0.51
N ILE A 45 -2.36 8.19 -0.66
CA ILE A 45 -2.09 7.32 0.49
C ILE A 45 -0.81 7.72 1.27
N ARG A 46 0.14 8.36 0.58
CA ARG A 46 1.45 8.71 1.16
C ARG A 46 1.32 9.56 2.45
N ALA A 47 0.37 10.48 2.45
CA ALA A 47 0.23 11.48 3.54
C ALA A 47 -0.04 10.83 4.91
N TYR A 48 -0.46 9.57 4.94
CA TYR A 48 -0.80 8.90 6.21
C TYR A 48 0.44 8.31 6.90
N VAL A 49 1.29 7.62 6.15
CA VAL A 49 2.53 7.06 6.72
C VAL A 49 3.54 8.17 7.05
N MET A 50 3.69 9.13 6.14
CA MET A 50 4.56 10.29 6.39
C MET A 50 3.85 11.31 7.28
N SER A 51 3.58 10.90 8.51
CA SER A 51 2.84 11.72 9.48
C SER A 51 2.71 10.98 10.82
N ASN A 52 2.07 9.81 10.79
CA ASN A 52 1.87 9.01 12.01
C ASN A 52 3.06 8.08 12.29
N TYR A 53 3.56 7.40 11.26
CA TYR A 53 4.63 6.41 11.42
C TYR A 53 6.00 7.01 11.06
N THR A 54 6.95 6.92 11.98
CA THR A 54 8.25 7.59 11.83
C THR A 54 9.26 6.74 11.05
N ASP A 55 9.43 5.48 11.44
CA ASP A 55 10.48 4.62 10.88
C ASP A 55 10.34 4.42 9.35
N HIS A 56 11.48 4.39 8.68
CA HIS A 56 11.56 4.29 7.21
C HIS A 56 10.90 3.01 6.67
N GLN A 57 10.97 1.91 7.42
CA GLN A 57 10.43 0.62 6.95
C GLN A 57 8.91 0.68 6.68
N LEU A 58 8.17 1.20 7.66
CA LEU A 58 6.70 1.30 7.54
C LEU A 58 6.31 2.25 6.40
N ILE A 59 7.06 3.33 6.24
CA ILE A 59 6.83 4.30 5.17
C ILE A 59 7.13 3.70 3.79
N GLU A 60 8.32 3.12 3.63
CA GLU A 60 8.75 2.50 2.36
C GLU A 60 7.77 1.41 1.90
N THR A 61 7.43 0.48 2.80
CA THR A 61 6.49 -0.60 2.48
C THR A 61 5.19 -0.06 1.85
N THR A 62 4.83 1.17 2.22
CA THR A 62 3.61 1.80 1.71
C THR A 62 3.85 2.57 0.40
N ASN A 63 4.69 3.60 0.44
CA ASN A 63 4.89 4.48 -0.73
C ASN A 63 5.58 3.77 -1.90
N ARG A 64 6.30 2.67 -1.61
CA ARG A 64 6.98 1.91 -2.67
C ARG A 64 5.96 1.22 -3.58
N ALA A 65 4.99 0.53 -2.98
CA ALA A 65 3.91 -0.11 -3.76
C ALA A 65 3.24 0.90 -4.69
N ILE A 66 2.94 2.09 -4.14
CA ILE A 66 2.40 3.20 -4.94
C ILE A 66 3.29 3.49 -6.16
N SER A 67 4.60 3.58 -5.93
CA SER A 67 5.57 3.84 -7.00
C SER A 67 5.55 2.74 -8.07
N LEU A 68 5.54 1.49 -7.63
CA LEU A 68 5.50 0.34 -8.53
C LEU A 68 4.23 0.35 -9.39
N TYR A 69 3.07 0.63 -8.77
CA TYR A 69 1.81 0.73 -9.50
C TYR A 69 1.88 1.78 -10.62
N MET A 70 2.64 2.85 -10.38
CA MET A 70 2.86 3.89 -11.40
C MET A 70 3.70 3.34 -12.57
N ALA A 71 4.96 3.01 -12.29
CA ALA A 71 5.89 2.54 -13.32
C ALA A 71 5.34 1.32 -14.09
N ASN A 72 4.72 0.40 -13.36
CA ASN A 72 4.16 -0.81 -13.96
C ASN A 72 3.07 -0.47 -14.98
N LEU A 73 2.04 0.27 -14.55
CA LEU A 73 0.91 0.63 -15.42
C LEU A 73 1.38 1.45 -16.64
N GLU A 74 2.19 2.47 -16.38
CA GLU A 74 2.67 3.38 -17.45
C GLU A 74 3.34 2.63 -18.61
N HIS A 75 4.25 1.72 -18.28
CA HIS A 75 5.00 0.99 -19.31
C HIS A 75 4.21 -0.20 -19.87
N HIS A 76 3.44 -0.89 -19.00
CA HIS A 76 2.63 -2.05 -19.43
C HIS A 76 1.63 -1.67 -20.53
N HIS A 77 1.01 -0.49 -20.42
CA HIS A 77 0.04 -0.04 -21.43
C HIS A 77 0.73 0.69 -22.59
N HIS A 78 2.05 0.87 -22.47
CA HIS A 78 2.87 1.58 -23.48
C HIS A 78 2.37 3.02 -23.70
N HIS A 79 2.96 3.71 -24.68
CA HIS A 79 2.47 5.01 -25.12
C HIS A 79 2.32 5.05 -26.65
N HIS A 80 2.64 3.93 -27.30
CA HIS A 80 2.52 3.78 -28.75
C HIS A 80 2.07 2.36 -29.13
N MET A 1 -15.57 2.06 -5.84
CA MET A 1 -15.19 0.70 -6.28
C MET A 1 -15.08 0.60 -7.81
N ALA A 2 -13.88 0.85 -8.33
CA ALA A 2 -13.63 0.70 -9.77
C ALA A 2 -12.36 -0.15 -10.03
N GLY A 3 -12.56 -1.38 -10.50
CA GLY A 3 -11.44 -2.28 -10.73
C GLY A 3 -10.93 -2.93 -9.45
N ASP A 4 -10.21 -2.14 -8.66
CA ASP A 4 -9.71 -2.59 -7.36
C ASP A 4 -9.14 -1.43 -6.53
N PRO A 5 -9.86 -0.98 -5.48
CA PRO A 5 -9.37 0.06 -4.57
C PRO A 5 -8.21 -0.42 -3.68
N MET A 6 -8.09 -1.74 -3.54
CA MET A 6 -7.09 -2.34 -2.65
C MET A 6 -5.65 -2.08 -3.14
N THR A 7 -5.27 -2.70 -4.27
CA THR A 7 -3.91 -2.58 -4.85
C THR A 7 -2.80 -2.72 -3.78
N PHE A 8 -2.47 -1.62 -3.11
CA PHE A 8 -1.49 -1.62 -2.01
C PHE A 8 -1.87 -2.67 -0.97
N TYR A 9 -3.12 -2.63 -0.50
CA TYR A 9 -3.63 -3.61 0.48
C TYR A 9 -3.57 -5.03 -0.09
N ASN A 10 -3.76 -5.14 -1.39
CA ASN A 10 -3.72 -6.43 -2.10
C ASN A 10 -2.27 -6.97 -2.22
N PHE A 11 -1.30 -6.07 -2.32
CA PHE A 11 0.10 -6.46 -2.52
C PHE A 11 0.85 -6.64 -1.20
N ILE A 12 0.60 -5.76 -0.23
CA ILE A 12 1.31 -5.76 1.05
C ILE A 12 1.13 -7.09 1.82
N MET A 13 -0.07 -7.69 1.71
CA MET A 13 -0.34 -8.98 2.36
C MET A 13 0.56 -10.09 1.78
N GLY A 14 1.07 -9.87 0.57
CA GLY A 14 2.00 -10.82 -0.04
C GLY A 14 3.31 -10.93 0.73
N PHE A 15 3.64 -9.89 1.50
CA PHE A 15 4.82 -9.91 2.37
C PHE A 15 4.50 -10.60 3.71
N GLN A 16 3.24 -10.52 4.13
CA GLN A 16 2.76 -11.22 5.34
C GLN A 16 2.74 -12.74 5.11
N ASN A 17 2.94 -13.16 3.86
CA ASN A 17 3.08 -14.57 3.51
C ASN A 17 4.31 -15.19 4.20
N ASP A 18 5.22 -14.32 4.67
CA ASP A 18 6.41 -14.77 5.40
C ASP A 18 6.68 -13.83 6.61
N ASN A 19 7.38 -14.34 7.62
CA ASN A 19 7.69 -13.55 8.82
C ASN A 19 8.63 -12.38 8.51
N THR A 20 8.05 -11.25 8.12
CA THR A 20 8.83 -10.06 7.74
C THR A 20 8.29 -8.79 8.41
N PRO A 21 9.14 -7.76 8.60
CA PRO A 21 8.69 -6.45 9.11
C PRO A 21 7.60 -5.83 8.23
N PHE A 22 7.62 -6.20 6.94
CA PHE A 22 6.61 -5.76 5.98
C PHE A 22 5.21 -6.25 6.40
N GLY A 23 5.15 -7.49 6.90
CA GLY A 23 3.89 -8.07 7.35
C GLY A 23 3.27 -7.31 8.52
N ILE A 24 4.12 -6.76 9.39
CA ILE A 24 3.67 -5.93 10.51
C ILE A 24 2.81 -4.76 10.00
N LEU A 25 3.32 -4.07 8.98
CA LEU A 25 2.59 -2.98 8.33
C LEU A 25 1.25 -3.49 7.78
N ALA A 26 1.29 -4.63 7.07
CA ALA A 26 0.10 -5.23 6.46
C ALA A 26 -1.06 -5.40 7.46
N GLU A 27 -0.80 -6.08 8.58
CA GLU A 27 -1.87 -6.35 9.56
C GLU A 27 -2.15 -5.12 10.45
N HIS A 28 -1.23 -4.16 10.49
CA HIS A 28 -1.44 -2.93 11.26
C HIS A 28 -2.32 -1.92 10.49
N VAL A 29 -2.21 -1.90 9.16
CA VAL A 29 -3.11 -1.08 8.34
C VAL A 29 -4.47 -1.77 8.14
N SER A 30 -4.43 -3.12 8.06
CA SER A 30 -5.67 -3.92 8.04
C SER A 30 -6.39 -3.85 9.39
N GLU A 31 -5.65 -3.48 10.43
CA GLU A 31 -6.18 -3.32 11.78
C GLU A 31 -7.38 -2.37 11.81
N ASP A 32 -7.20 -1.17 11.23
CA ASP A 32 -8.27 -0.18 11.20
C ASP A 32 -9.28 -0.47 10.08
N LYS A 33 -10.18 -1.40 10.35
CA LYS A 33 -11.34 -1.64 9.49
C LYS A 33 -12.61 -1.14 10.18
N ALA A 34 -12.41 -0.44 11.29
CA ALA A 34 -13.51 0.19 12.04
C ALA A 34 -13.97 1.48 11.33
N PHE A 35 -13.03 2.16 10.67
CA PHE A 35 -13.34 3.32 9.83
C PHE A 35 -13.08 2.99 8.35
N PRO A 36 -14.10 2.47 7.62
CA PRO A 36 -13.95 2.12 6.20
C PRO A 36 -13.73 3.34 5.30
N ARG A 37 -12.48 3.58 4.89
CA ARG A 37 -12.16 4.69 4.00
C ARG A 37 -12.45 4.32 2.54
N LEU A 38 -11.70 3.34 2.02
CA LEU A 38 -11.86 2.89 0.61
C LEU A 38 -11.72 4.06 -0.37
N GLU A 39 -10.82 4.99 -0.04
CA GLU A 39 -10.58 6.21 -0.86
C GLU A 39 -10.37 5.90 -2.35
N GLU A 40 -9.85 4.70 -2.65
CA GLU A 40 -9.61 4.24 -4.02
C GLU A 40 -8.40 4.95 -4.67
N ARG A 41 -8.40 6.28 -4.64
CA ARG A 41 -7.24 7.07 -5.10
C ARG A 41 -5.97 6.67 -4.32
N HIS A 42 -5.05 6.00 -4.99
CA HIS A 42 -3.90 5.39 -4.31
C HIS A 42 -2.83 6.42 -3.90
N GLN A 43 -2.78 7.54 -4.62
CA GLN A 43 -1.77 8.58 -4.38
C GLN A 43 -1.84 9.16 -2.94
N VAL A 44 -3.05 9.23 -2.37
CA VAL A 44 -3.24 9.83 -1.04
C VAL A 44 -2.72 8.92 0.09
N ILE A 45 -2.68 7.61 -0.16
CA ILE A 45 -2.27 6.63 0.86
C ILE A 45 -0.84 6.91 1.37
N ARG A 46 0.09 7.14 0.44
CA ARG A 46 1.50 7.39 0.78
C ARG A 46 1.67 8.65 1.64
N ALA A 47 0.74 9.60 1.50
CA ALA A 47 0.78 10.83 2.30
C ALA A 47 0.40 10.55 3.77
N TYR A 48 -0.72 9.85 3.97
CA TYR A 48 -1.22 9.56 5.32
C TYR A 48 -0.25 8.68 6.13
N VAL A 49 0.43 7.74 5.48
CA VAL A 49 1.40 6.88 6.18
C VAL A 49 2.58 7.68 6.74
N MET A 50 2.95 8.77 6.06
CA MET A 50 4.02 9.65 6.54
C MET A 50 3.59 10.42 7.81
N SER A 51 2.30 10.69 7.92
CA SER A 51 1.75 11.38 9.11
C SER A 51 1.66 10.45 10.32
N ASN A 52 1.31 9.18 10.08
CA ASN A 52 1.10 8.21 11.16
C ASN A 52 2.41 7.48 11.56
N TYR A 53 3.18 7.04 10.57
CA TYR A 53 4.36 6.21 10.84
C TYR A 53 5.67 7.00 10.70
N THR A 54 6.41 7.13 11.79
CA THR A 54 7.77 7.70 11.74
C THR A 54 8.80 6.62 11.44
N ASP A 55 8.39 5.36 11.62
CA ASP A 55 9.26 4.21 11.34
C ASP A 55 9.61 4.12 9.84
N HIS A 56 10.82 4.58 9.51
CA HIS A 56 11.28 4.64 8.12
C HIS A 56 11.20 3.28 7.42
N GLN A 57 11.25 2.20 8.20
CA GLN A 57 11.08 0.85 7.67
C GLN A 57 9.70 0.71 6.99
N LEU A 58 8.65 1.04 7.73
CA LEU A 58 7.28 0.92 7.23
C LEU A 58 7.01 1.92 6.10
N ILE A 59 7.66 3.09 6.17
CA ILE A 59 7.53 4.11 5.12
C ILE A 59 8.14 3.63 3.79
N GLU A 60 9.39 3.20 3.83
CA GLU A 60 10.07 2.62 2.64
C GLU A 60 9.30 1.39 2.12
N THR A 61 8.69 0.65 3.04
CA THR A 61 7.84 -0.49 2.67
C THR A 61 6.61 -0.02 1.88
N THR A 62 5.94 1.01 2.38
CA THR A 62 4.70 1.53 1.77
C THR A 62 4.97 2.21 0.42
N ASN A 63 5.91 3.16 0.40
CA ASN A 63 6.15 3.98 -0.80
C ASN A 63 6.62 3.12 -1.99
N ARG A 64 7.45 2.11 -1.72
CA ARG A 64 7.95 1.22 -2.77
C ARG A 64 6.82 0.30 -3.30
N ALA A 65 6.01 -0.24 -2.40
CA ALA A 65 4.88 -1.09 -2.77
C ALA A 65 3.92 -0.35 -3.71
N ILE A 66 3.58 0.89 -3.37
CA ILE A 66 2.72 1.74 -4.21
C ILE A 66 3.44 2.15 -5.51
N SER A 67 4.72 2.48 -5.39
CA SER A 67 5.54 2.88 -6.55
C SER A 67 5.52 1.81 -7.65
N LEU A 68 5.54 0.54 -7.25
CA LEU A 68 5.45 -0.57 -8.21
C LEU A 68 4.16 -0.47 -9.06
N TYR A 69 3.04 -0.12 -8.41
CA TYR A 69 1.77 0.08 -9.12
C TYR A 69 1.79 1.37 -9.97
N MET A 70 2.76 2.24 -9.70
CA MET A 70 2.95 3.46 -10.50
C MET A 70 3.92 3.21 -11.68
N ALA A 71 4.80 2.23 -11.52
CA ALA A 71 5.76 1.87 -12.58
C ALA A 71 5.23 0.78 -13.51
N ASN A 72 4.96 -0.40 -12.95
CA ASN A 72 4.47 -1.56 -13.71
C ASN A 72 3.25 -1.18 -14.58
N LEU A 73 2.35 -0.37 -14.02
CA LEU A 73 1.15 0.08 -14.74
C LEU A 73 1.54 0.80 -16.05
N GLU A 74 2.44 1.77 -15.96
CA GLU A 74 2.95 2.48 -17.14
C GLU A 74 3.66 1.53 -18.11
N HIS A 75 4.46 0.63 -17.56
CA HIS A 75 5.16 -0.40 -18.35
C HIS A 75 4.15 -1.31 -19.08
N HIS A 76 2.99 -1.49 -18.47
CA HIS A 76 1.90 -2.27 -19.07
C HIS A 76 1.04 -1.40 -20.01
N HIS A 77 0.99 -0.09 -19.72
CA HIS A 77 0.20 0.85 -20.51
C HIS A 77 0.83 1.12 -21.90
N HIS A 78 2.15 0.96 -21.98
CA HIS A 78 2.88 1.17 -23.24
C HIS A 78 4.05 0.18 -23.36
N HIS A 79 3.76 -1.00 -23.92
CA HIS A 79 4.78 -2.04 -24.09
C HIS A 79 5.45 -1.95 -25.47
N HIS A 80 4.77 -1.25 -26.40
CA HIS A 80 5.32 -0.97 -27.73
C HIS A 80 5.22 0.54 -28.05
N MET A 1 -14.85 6.82 -5.97
CA MET A 1 -16.23 6.49 -5.53
C MET A 1 -16.77 5.26 -6.27
N ALA A 2 -17.73 4.56 -5.66
CA ALA A 2 -18.36 3.38 -6.26
C ALA A 2 -17.35 2.25 -6.51
N GLY A 3 -16.30 2.20 -5.69
CA GLY A 3 -15.28 1.16 -5.86
C GLY A 3 -14.43 0.92 -4.61
N ASP A 4 -13.50 -0.03 -4.72
CA ASP A 4 -12.58 -0.35 -3.63
C ASP A 4 -11.37 -1.15 -4.15
N PRO A 5 -10.42 -0.49 -4.85
CA PRO A 5 -9.23 -1.14 -5.43
C PRO A 5 -8.40 -1.91 -4.39
N MET A 6 -7.89 -1.19 -3.38
CA MET A 6 -7.09 -1.81 -2.30
C MET A 6 -5.89 -2.60 -2.87
N THR A 7 -5.38 -2.17 -4.03
CA THR A 7 -4.26 -2.87 -4.70
C THR A 7 -3.06 -3.05 -3.76
N PHE A 8 -2.66 -1.97 -3.10
CA PHE A 8 -1.57 -2.01 -2.11
C PHE A 8 -1.81 -3.11 -1.05
N TYR A 9 -3.05 -3.23 -0.59
CA TYR A 9 -3.43 -4.22 0.42
C TYR A 9 -3.13 -5.65 -0.06
N ASN A 10 -3.68 -6.01 -1.23
CA ASN A 10 -3.46 -7.35 -1.81
C ASN A 10 -1.96 -7.60 -2.07
N PHE A 11 -1.23 -6.56 -2.47
CA PHE A 11 0.21 -6.64 -2.73
C PHE A 11 0.99 -6.98 -1.44
N ILE A 12 0.73 -6.25 -0.37
CA ILE A 12 1.48 -6.41 0.87
C ILE A 12 1.08 -7.71 1.61
N MET A 13 -0.08 -8.29 1.27
CA MET A 13 -0.52 -9.56 1.87
C MET A 13 0.54 -10.67 1.79
N GLY A 14 1.29 -10.70 0.68
CA GLY A 14 2.35 -11.68 0.52
C GLY A 14 3.43 -11.56 1.61
N PHE A 15 3.78 -10.32 1.97
CA PHE A 15 4.77 -10.05 3.01
C PHE A 15 4.19 -10.26 4.42
N GLN A 16 2.86 -10.39 4.48
CA GLN A 16 2.15 -10.64 5.74
C GLN A 16 2.03 -12.15 6.02
N ASN A 17 2.07 -12.94 4.94
CA ASN A 17 2.01 -14.41 5.05
C ASN A 17 3.10 -14.93 5.99
N ASP A 18 4.37 -14.70 5.62
CA ASP A 18 5.49 -14.94 6.52
C ASP A 18 5.87 -13.63 7.23
N ASN A 19 5.79 -13.63 8.55
CA ASN A 19 5.90 -12.40 9.34
C ASN A 19 7.25 -11.67 9.16
N THR A 20 7.27 -10.74 8.22
CA THR A 20 8.44 -9.89 7.98
C THR A 20 8.28 -8.52 8.66
N PRO A 21 9.39 -7.80 8.95
CA PRO A 21 9.34 -6.44 9.54
C PRO A 21 8.51 -5.48 8.68
N PHE A 22 8.39 -5.80 7.40
CA PHE A 22 7.56 -5.02 6.46
C PHE A 22 6.10 -5.48 6.51
N GLY A 23 5.91 -6.80 6.64
CA GLY A 23 4.57 -7.38 6.74
C GLY A 23 3.77 -6.88 7.95
N ILE A 24 4.48 -6.35 8.95
CA ILE A 24 3.84 -5.74 10.12
C ILE A 24 2.90 -4.60 9.69
N LEU A 25 3.31 -3.87 8.64
CA LEU A 25 2.49 -2.80 8.06
C LEU A 25 1.14 -3.37 7.58
N ALA A 26 1.19 -4.50 6.88
CA ALA A 26 -0.02 -5.18 6.39
C ALA A 26 -0.95 -5.56 7.55
N GLU A 27 -0.37 -6.06 8.63
CA GLU A 27 -1.14 -6.44 9.82
C GLU A 27 -1.89 -5.24 10.41
N HIS A 28 -1.19 -4.11 10.52
CA HIS A 28 -1.79 -2.90 11.11
C HIS A 28 -2.86 -2.27 10.19
N VAL A 29 -2.57 -2.18 8.88
CA VAL A 29 -3.55 -1.57 7.95
C VAL A 29 -4.83 -2.40 7.88
N SER A 30 -4.74 -3.69 8.22
CA SER A 30 -5.93 -4.55 8.36
C SER A 30 -6.78 -4.11 9.56
N GLU A 31 -6.11 -3.69 10.64
CA GLU A 31 -6.79 -3.12 11.81
C GLU A 31 -7.54 -1.84 11.43
N ASP A 32 -6.82 -0.91 10.81
CA ASP A 32 -7.40 0.37 10.36
C ASP A 32 -8.42 0.19 9.22
N LYS A 33 -8.61 -1.04 8.74
CA LYS A 33 -9.61 -1.31 7.70
C LYS A 33 -11.02 -0.94 8.19
N ALA A 34 -11.24 -1.08 9.50
CA ALA A 34 -12.53 -0.71 10.12
C ALA A 34 -12.61 0.80 10.43
N PHE A 35 -11.76 1.59 9.78
CA PHE A 35 -11.72 3.04 9.96
C PHE A 35 -11.94 3.75 8.62
N PRO A 36 -12.72 4.87 8.60
CA PRO A 36 -12.94 5.68 7.38
C PRO A 36 -11.62 6.08 6.69
N ARG A 37 -11.29 5.37 5.62
CA ARG A 37 -10.06 5.64 4.84
C ARG A 37 -10.39 5.76 3.33
N LEU A 38 -11.11 4.77 2.81
CA LEU A 38 -11.52 4.74 1.39
C LEU A 38 -10.32 4.99 0.46
N GLU A 39 -9.39 4.05 0.44
CA GLU A 39 -8.15 4.19 -0.32
C GLU A 39 -8.29 3.63 -1.74
N GLU A 40 -8.77 4.49 -2.65
CA GLU A 40 -8.87 4.15 -4.08
C GLU A 40 -7.67 4.73 -4.85
N ARG A 41 -7.51 6.05 -4.70
CA ARG A 41 -6.43 6.79 -5.35
C ARG A 41 -5.06 6.32 -4.84
N HIS A 42 -4.22 5.84 -5.74
CA HIS A 42 -2.96 5.20 -5.37
C HIS A 42 -2.05 6.12 -4.53
N GLN A 43 -2.25 7.43 -4.64
CA GLN A 43 -1.41 8.41 -3.94
C GLN A 43 -1.83 8.60 -2.46
N VAL A 44 -3.12 8.48 -2.16
CA VAL A 44 -3.63 8.80 -0.81
C VAL A 44 -2.97 7.94 0.29
N ILE A 45 -2.73 6.66 -0.01
CA ILE A 45 -2.12 5.73 0.95
C ILE A 45 -0.77 6.27 1.46
N ARG A 46 -0.01 6.89 0.57
CA ARG A 46 1.29 7.49 0.93
C ARG A 46 1.13 8.62 1.96
N ALA A 47 0.02 9.36 1.86
CA ALA A 47 -0.27 10.44 2.80
C ALA A 47 -0.51 9.90 4.22
N TYR A 48 -1.32 8.85 4.33
CA TYR A 48 -1.59 8.21 5.62
C TYR A 48 -0.29 7.80 6.34
N VAL A 49 0.57 7.06 5.64
CA VAL A 49 1.81 6.56 6.25
C VAL A 49 2.84 7.67 6.55
N MET A 50 3.22 8.45 5.55
CA MET A 50 4.32 9.41 5.69
C MET A 50 4.00 10.53 6.71
N SER A 51 2.71 10.76 6.95
CA SER A 51 2.28 11.79 7.91
C SER A 51 2.26 11.28 9.35
N ASN A 52 1.85 10.03 9.55
CA ASN A 52 1.64 9.51 10.91
C ASN A 52 2.67 8.42 11.29
N TYR A 53 3.54 8.02 10.36
CA TYR A 53 4.51 6.96 10.62
C TYR A 53 5.97 7.47 10.51
N THR A 54 6.82 7.00 11.42
CA THR A 54 8.24 7.37 11.43
C THR A 54 9.13 6.22 10.97
N ASP A 55 8.70 4.99 11.25
CA ASP A 55 9.48 3.79 10.92
C ASP A 55 9.81 3.68 9.42
N HIS A 56 11.10 3.79 9.09
CA HIS A 56 11.56 3.65 7.71
C HIS A 56 11.12 2.30 7.11
N GLN A 57 11.12 1.25 7.92
CA GLN A 57 10.67 -0.08 7.49
C GLN A 57 9.24 -0.02 6.90
N LEU A 58 8.39 0.81 7.49
CA LEU A 58 7.00 0.94 7.05
C LEU A 58 6.87 1.99 5.92
N ILE A 59 7.61 3.10 6.05
CA ILE A 59 7.60 4.16 5.05
C ILE A 59 8.12 3.67 3.68
N GLU A 60 9.32 3.09 3.68
CA GLU A 60 9.94 2.57 2.44
C GLU A 60 9.02 1.58 1.72
N THR A 61 8.46 0.63 2.48
CA THR A 61 7.56 -0.38 1.92
C THR A 61 6.39 0.24 1.14
N THR A 62 5.69 1.17 1.79
CA THR A 62 4.54 1.85 1.17
C THR A 62 5.00 2.71 -0.03
N ASN A 63 6.02 3.54 0.20
CA ASN A 63 6.59 4.41 -0.84
C ASN A 63 6.98 3.60 -2.09
N ARG A 64 7.53 2.41 -1.87
CA ARG A 64 7.97 1.54 -2.96
C ARG A 64 6.79 0.83 -3.64
N ALA A 65 5.95 0.18 -2.84
CA ALA A 65 4.82 -0.61 -3.34
C ALA A 65 3.87 0.22 -4.24
N ILE A 66 3.59 1.44 -3.83
CA ILE A 66 2.73 2.34 -4.63
C ILE A 66 3.36 2.62 -6.01
N SER A 67 4.69 2.75 -6.04
CA SER A 67 5.41 2.98 -7.31
C SER A 67 5.17 1.83 -8.30
N LEU A 68 4.90 0.63 -7.78
CA LEU A 68 4.53 -0.50 -8.63
C LEU A 68 3.18 -0.27 -9.32
N TYR A 69 2.16 0.08 -8.54
CA TYR A 69 0.81 0.32 -9.08
C TYR A 69 0.68 1.73 -9.66
N MET A 70 1.81 2.39 -9.89
CA MET A 70 1.85 3.65 -10.63
C MET A 70 2.85 3.56 -11.79
N ALA A 71 4.14 3.68 -11.48
CA ALA A 71 5.20 3.67 -12.50
C ALA A 71 5.22 2.35 -13.29
N ASN A 72 5.32 1.22 -12.58
CA ASN A 72 5.35 -0.09 -13.22
C ASN A 72 4.04 -0.35 -13.99
N LEU A 73 2.91 0.03 -13.39
CA LEU A 73 1.62 -0.08 -14.06
C LEU A 73 1.61 0.73 -15.37
N GLU A 74 2.25 1.90 -15.36
CA GLU A 74 2.42 2.70 -16.58
C GLU A 74 3.26 1.97 -17.62
N HIS A 75 4.23 1.15 -17.17
CA HIS A 75 5.00 0.30 -18.09
C HIS A 75 4.13 -0.82 -18.69
N HIS A 76 3.06 -1.16 -17.97
CA HIS A 76 2.12 -2.21 -18.40
C HIS A 76 1.10 -1.68 -19.43
N HIS A 77 1.29 -0.43 -19.87
CA HIS A 77 0.40 0.19 -20.86
C HIS A 77 1.17 1.20 -21.73
N HIS A 78 1.82 2.18 -21.08
CA HIS A 78 2.67 3.16 -21.77
C HIS A 78 4.15 2.76 -21.68
N HIS A 79 5.04 3.66 -22.10
CA HIS A 79 6.49 3.44 -21.99
C HIS A 79 7.11 4.37 -20.94
N HIS A 80 6.32 4.73 -19.94
CA HIS A 80 6.74 5.63 -18.86
C HIS A 80 7.67 4.91 -17.85
N MET A 1 -16.12 2.52 0.09
CA MET A 1 -17.23 3.43 -0.30
C MET A 1 -17.83 3.02 -1.66
N ALA A 2 -17.06 3.19 -2.74
CA ALA A 2 -17.52 2.79 -4.07
C ALA A 2 -16.39 2.12 -4.87
N GLY A 3 -15.34 2.89 -5.17
CA GLY A 3 -14.20 2.35 -5.90
C GLY A 3 -13.16 1.70 -4.98
N ASP A 4 -13.45 0.49 -4.51
CA ASP A 4 -12.56 -0.22 -3.59
C ASP A 4 -12.03 -1.52 -4.23
N PRO A 5 -10.88 -1.47 -4.95
CA PRO A 5 -10.26 -2.64 -5.56
C PRO A 5 -9.24 -3.34 -4.64
N MET A 6 -8.97 -2.73 -3.48
CA MET A 6 -7.98 -3.25 -2.51
C MET A 6 -6.59 -3.42 -3.13
N THR A 7 -6.28 -2.64 -4.18
CA THR A 7 -4.99 -2.80 -4.89
C THR A 7 -3.79 -2.43 -4.02
N PHE A 8 -4.03 -1.76 -2.88
CA PHE A 8 -2.99 -1.52 -1.89
C PHE A 8 -2.89 -2.70 -0.90
N TYR A 9 -4.00 -2.97 -0.21
CA TYR A 9 -4.07 -4.04 0.80
C TYR A 9 -3.70 -5.41 0.21
N ASN A 10 -4.26 -5.74 -0.95
CA ASN A 10 -3.98 -7.02 -1.62
C ASN A 10 -2.50 -7.15 -2.00
N PHE A 11 -1.94 -6.07 -2.55
CA PHE A 11 -0.55 -6.06 -3.01
C PHE A 11 0.43 -6.39 -1.86
N ILE A 12 0.29 -5.67 -0.74
CA ILE A 12 1.18 -5.86 0.41
C ILE A 12 1.06 -7.28 1.01
N MET A 13 -0.16 -7.84 0.99
CA MET A 13 -0.39 -9.21 1.49
C MET A 13 0.34 -10.25 0.63
N GLY A 14 0.76 -9.86 -0.58
CA GLY A 14 1.55 -10.73 -1.42
C GLY A 14 2.88 -11.13 -0.78
N PHE A 15 3.30 -10.35 0.22
CA PHE A 15 4.54 -10.64 0.98
C PHE A 15 4.21 -11.15 2.40
N GLN A 16 2.91 -11.24 2.72
CA GLN A 16 2.47 -11.66 4.04
C GLN A 16 2.43 -13.19 4.16
N ASN A 17 3.61 -13.79 4.32
CA ASN A 17 3.74 -15.25 4.49
C ASN A 17 4.88 -15.58 5.47
N ASP A 18 6.08 -15.09 5.16
CA ASP A 18 7.24 -15.27 6.03
C ASP A 18 7.46 -14.04 6.92
N ASN A 19 8.47 -14.09 7.79
CA ASN A 19 8.84 -12.94 8.61
C ASN A 19 9.56 -11.90 7.74
N THR A 20 8.81 -10.91 7.26
CA THR A 20 9.35 -9.87 6.36
C THR A 20 9.02 -8.47 6.87
N PRO A 21 9.85 -7.45 6.53
CA PRO A 21 9.56 -6.05 6.84
C PRO A 21 8.18 -5.60 6.30
N PHE A 22 7.75 -6.26 5.21
CA PHE A 22 6.45 -5.98 4.60
C PHE A 22 5.30 -6.44 5.50
N GLY A 23 5.51 -7.54 6.22
CA GLY A 23 4.51 -8.06 7.14
C GLY A 23 4.14 -7.06 8.24
N ILE A 24 5.08 -6.21 8.60
CA ILE A 24 4.83 -5.15 9.59
C ILE A 24 3.76 -4.17 9.07
N LEU A 25 3.82 -3.87 7.79
CA LEU A 25 2.85 -2.98 7.15
C LEU A 25 1.51 -3.71 6.92
N ALA A 26 1.59 -4.91 6.35
CA ALA A 26 0.40 -5.71 6.02
C ALA A 26 -0.55 -5.90 7.21
N GLU A 27 -0.05 -6.53 8.28
CA GLU A 27 -0.88 -6.81 9.47
C GLU A 27 -1.23 -5.54 10.27
N HIS A 28 -0.60 -4.42 9.92
CA HIS A 28 -0.90 -3.14 10.57
C HIS A 28 -2.02 -2.39 9.85
N VAL A 29 -1.96 -2.35 8.51
CA VAL A 29 -3.01 -1.71 7.70
C VAL A 29 -4.27 -2.59 7.64
N SER A 30 -4.10 -3.90 7.88
CA SER A 30 -5.24 -4.83 7.97
C SER A 30 -6.22 -4.39 9.05
N GLU A 31 -5.72 -3.73 10.08
CA GLU A 31 -6.56 -3.22 11.17
C GLU A 31 -5.94 -1.98 11.82
N ASP A 32 -6.20 -0.80 11.25
CA ASP A 32 -5.80 0.46 11.86
C ASP A 32 -6.84 0.88 12.91
N LYS A 33 -8.09 0.93 12.45
CA LYS A 33 -9.26 1.23 13.26
C LYS A 33 -10.50 0.71 12.50
N ALA A 34 -10.63 1.18 11.25
CA ALA A 34 -11.68 0.72 10.30
C ALA A 34 -11.86 1.70 9.13
N PHE A 35 -10.81 2.42 8.74
CA PHE A 35 -10.96 3.54 7.78
C PHE A 35 -10.08 3.41 6.53
N PRO A 36 -10.59 2.73 5.47
CA PRO A 36 -9.97 2.78 4.15
C PRO A 36 -10.24 4.14 3.48
N ARG A 37 -9.25 5.03 3.54
CA ARG A 37 -9.44 6.43 3.14
C ARG A 37 -9.89 6.60 1.68
N LEU A 38 -9.06 6.18 0.73
CA LEU A 38 -9.36 6.44 -0.69
C LEU A 38 -8.46 5.61 -1.62
N GLU A 39 -9.07 4.68 -2.36
CA GLU A 39 -8.33 3.87 -3.36
C GLU A 39 -8.37 4.53 -4.75
N GLU A 40 -8.95 5.74 -4.83
CA GLU A 40 -8.99 6.51 -6.08
C GLU A 40 -7.56 6.72 -6.60
N ARG A 41 -6.75 7.44 -5.82
CA ARG A 41 -5.32 7.59 -6.10
C ARG A 41 -4.51 7.34 -4.82
N HIS A 42 -3.68 6.29 -4.83
CA HIS A 42 -2.94 5.88 -3.64
C HIS A 42 -1.91 6.93 -3.17
N GLN A 43 -1.78 8.02 -3.93
CA GLN A 43 -0.94 9.16 -3.54
C GLN A 43 -1.39 9.72 -2.18
N VAL A 44 -2.69 9.68 -1.90
CA VAL A 44 -3.22 10.14 -0.61
C VAL A 44 -2.61 9.33 0.55
N ILE A 45 -2.53 8.01 0.38
CA ILE A 45 -1.88 7.14 1.34
C ILE A 45 -0.40 7.50 1.47
N ARG A 46 0.27 7.54 0.32
CA ARG A 46 1.70 7.91 0.23
C ARG A 46 2.03 9.16 1.05
N ALA A 47 1.22 10.21 0.88
CA ALA A 47 1.46 11.49 1.56
C ALA A 47 1.21 11.43 3.07
N TYR A 48 0.08 10.81 3.46
CA TYR A 48 -0.33 10.82 4.87
C TYR A 48 0.43 9.80 5.74
N VAL A 49 0.89 8.70 5.15
CA VAL A 49 1.68 7.70 5.92
C VAL A 49 2.99 8.30 6.44
N MET A 50 3.56 9.24 5.68
CA MET A 50 4.79 9.92 6.08
C MET A 50 4.52 10.96 7.19
N SER A 51 3.24 11.24 7.44
CA SER A 51 2.84 12.22 8.46
C SER A 51 2.35 11.54 9.74
N ASN A 52 1.42 10.60 9.58
CA ASN A 52 0.77 9.93 10.73
C ASN A 52 1.67 8.86 11.36
N TYR A 53 2.26 8.00 10.52
CA TYR A 53 3.04 6.85 11.02
C TYR A 53 4.47 7.23 11.41
N THR A 54 5.07 6.41 12.27
CA THR A 54 6.42 6.66 12.79
C THR A 54 7.47 5.71 12.18
N ASP A 55 7.29 4.40 12.41
CA ASP A 55 8.18 3.37 11.86
C ASP A 55 8.30 3.44 10.33
N HIS A 56 9.53 3.49 9.81
CA HIS A 56 9.74 3.44 8.35
C HIS A 56 9.32 2.08 7.79
N GLN A 57 9.33 1.05 8.65
CA GLN A 57 8.79 -0.27 8.30
C GLN A 57 7.31 -0.16 7.89
N LEU A 58 6.67 0.93 8.31
CA LEU A 58 5.32 1.28 7.87
C LEU A 58 5.38 2.34 6.75
N ILE A 59 6.03 3.46 7.05
CA ILE A 59 6.14 4.59 6.12
C ILE A 59 6.80 4.20 4.78
N GLU A 60 8.09 3.82 4.84
CA GLU A 60 8.87 3.55 3.64
C GLU A 60 8.34 2.33 2.88
N THR A 61 7.95 1.29 3.60
CA THR A 61 7.33 0.10 2.98
C THR A 61 6.12 0.49 2.13
N THR A 62 5.30 1.41 2.65
CA THR A 62 4.11 1.89 1.91
C THR A 62 4.49 2.59 0.61
N ASN A 63 5.21 3.70 0.70
CA ASN A 63 5.54 4.48 -0.50
C ASN A 63 6.43 3.70 -1.47
N ARG A 64 7.26 2.79 -0.93
CA ARG A 64 8.07 1.89 -1.76
C ARG A 64 7.16 0.96 -2.58
N ALA A 65 6.22 0.32 -1.89
CA ALA A 65 5.24 -0.55 -2.54
C ALA A 65 4.41 0.22 -3.58
N ILE A 66 4.01 1.45 -3.23
CA ILE A 66 3.27 2.32 -4.15
C ILE A 66 4.13 2.71 -5.37
N SER A 67 5.43 2.92 -5.15
CA SER A 67 6.36 3.23 -6.25
C SER A 67 6.45 2.09 -7.24
N LEU A 68 6.69 0.86 -6.74
CA LEU A 68 6.71 -0.32 -7.60
C LEU A 68 5.32 -0.62 -8.19
N TYR A 69 4.27 -0.34 -7.41
CA TYR A 69 2.89 -0.49 -7.87
C TYR A 69 2.59 0.40 -9.08
N MET A 70 2.80 1.71 -8.93
CA MET A 70 2.53 2.67 -10.00
C MET A 70 3.47 2.45 -11.20
N ALA A 71 4.72 2.06 -10.92
CA ALA A 71 5.70 1.79 -11.98
C ALA A 71 5.32 0.55 -12.80
N ASN A 72 4.96 -0.55 -12.12
CA ASN A 72 4.56 -1.78 -12.79
C ASN A 72 3.22 -1.59 -13.52
N LEU A 73 2.25 -0.96 -12.84
CA LEU A 73 0.95 -0.65 -13.45
C LEU A 73 1.15 0.21 -14.71
N GLU A 74 1.99 1.25 -14.58
CA GLU A 74 2.37 2.10 -15.71
C GLU A 74 2.94 1.28 -16.87
N HIS A 75 3.91 0.43 -16.58
CA HIS A 75 4.58 -0.38 -17.60
C HIS A 75 3.64 -1.47 -18.17
N HIS A 76 2.67 -1.90 -17.37
CA HIS A 76 1.70 -2.92 -17.80
C HIS A 76 0.58 -2.28 -18.66
N HIS A 77 0.20 -1.06 -18.30
CA HIS A 77 -0.81 -0.30 -19.06
C HIS A 77 -0.20 0.28 -20.34
N HIS A 78 1.05 0.71 -20.25
CA HIS A 78 1.80 1.21 -21.41
C HIS A 78 2.36 0.04 -22.25
N HIS A 79 2.64 -1.08 -21.59
CA HIS A 79 3.14 -2.30 -22.22
C HIS A 79 4.57 -2.12 -22.79
N HIS A 80 4.68 -1.41 -23.92
CA HIS A 80 5.99 -1.24 -24.59
C HIS A 80 6.28 0.24 -24.88
N MET A 1 -20.20 0.49 0.95
CA MET A 1 -18.87 0.54 0.30
C MET A 1 -18.97 0.27 -1.21
N ALA A 2 -18.51 1.22 -2.03
CA ALA A 2 -18.53 1.05 -3.49
C ALA A 2 -17.46 1.91 -4.18
N GLY A 3 -16.40 1.27 -4.68
CA GLY A 3 -15.37 2.00 -5.42
C GLY A 3 -13.98 1.41 -5.28
N ASP A 4 -13.57 1.13 -4.04
CA ASP A 4 -12.21 0.67 -3.76
C ASP A 4 -12.13 -0.87 -3.68
N PRO A 5 -11.30 -1.49 -4.54
CA PRO A 5 -11.04 -2.94 -4.49
C PRO A 5 -9.85 -3.32 -3.58
N MET A 6 -9.37 -2.36 -2.79
CA MET A 6 -8.26 -2.59 -1.84
C MET A 6 -6.97 -3.04 -2.56
N THR A 7 -6.55 -2.27 -3.56
CA THR A 7 -5.36 -2.62 -4.37
C THR A 7 -4.09 -2.71 -3.52
N PHE A 8 -3.79 -1.64 -2.77
CA PHE A 8 -2.61 -1.62 -1.88
C PHE A 8 -2.64 -2.78 -0.86
N TYR A 9 -3.76 -2.90 -0.15
CA TYR A 9 -3.94 -3.96 0.84
C TYR A 9 -3.77 -5.36 0.21
N ASN A 10 -4.34 -5.55 -0.97
CA ASN A 10 -4.29 -6.84 -1.69
C ASN A 10 -2.83 -7.28 -1.94
N PHE A 11 -1.95 -6.34 -2.23
CA PHE A 11 -0.54 -6.63 -2.47
C PHE A 11 0.23 -6.87 -1.16
N ILE A 12 0.20 -5.87 -0.27
CA ILE A 12 1.01 -5.89 0.95
C ILE A 12 0.65 -7.06 1.89
N MET A 13 -0.61 -7.48 1.87
CA MET A 13 -1.08 -8.55 2.78
C MET A 13 -0.27 -9.85 2.60
N GLY A 14 0.24 -10.08 1.39
CA GLY A 14 1.04 -11.28 1.13
C GLY A 14 2.27 -11.39 2.02
N PHE A 15 2.83 -10.24 2.41
CA PHE A 15 4.02 -10.21 3.27
C PHE A 15 3.67 -10.57 4.72
N GLN A 16 2.40 -10.48 5.07
CA GLN A 16 1.92 -10.80 6.43
C GLN A 16 1.81 -12.33 6.60
N ASN A 17 1.52 -13.02 5.50
CA ASN A 17 1.35 -14.48 5.51
C ASN A 17 2.64 -15.23 5.88
N ASP A 18 3.77 -14.53 5.87
CA ASP A 18 5.06 -15.10 6.28
C ASP A 18 5.80 -14.13 7.21
N ASN A 19 6.64 -14.67 8.10
CA ASN A 19 7.39 -13.85 9.04
C ASN A 19 8.45 -12.99 8.32
N THR A 20 8.01 -11.85 7.80
CA THR A 20 8.88 -10.90 7.09
C THR A 20 8.92 -9.55 7.80
N PRO A 21 10.00 -8.77 7.64
CA PRO A 21 10.08 -7.40 8.20
C PRO A 21 9.03 -6.46 7.60
N PHE A 22 8.67 -6.72 6.33
CA PHE A 22 7.62 -5.94 5.65
C PHE A 22 6.22 -6.32 6.15
N GLY A 23 6.07 -7.57 6.61
CA GLY A 23 4.80 -8.04 7.14
C GLY A 23 4.25 -7.19 8.28
N ILE A 24 5.12 -6.45 8.95
CA ILE A 24 4.70 -5.52 10.00
C ILE A 24 3.74 -4.45 9.45
N LEU A 25 4.05 -3.91 8.28
CA LEU A 25 3.18 -2.94 7.62
C LEU A 25 1.87 -3.61 7.19
N ALA A 26 1.98 -4.81 6.63
CA ALA A 26 0.81 -5.59 6.21
C ALA A 26 -0.14 -5.89 7.37
N GLU A 27 0.43 -6.30 8.51
CA GLU A 27 -0.36 -6.55 9.71
C GLU A 27 -0.99 -5.25 10.22
N HIS A 28 -0.21 -4.17 10.18
CA HIS A 28 -0.67 -2.88 10.69
C HIS A 28 -1.85 -2.33 9.87
N VAL A 29 -1.77 -2.42 8.54
CA VAL A 29 -2.89 -1.96 7.69
C VAL A 29 -4.14 -2.83 7.89
N SER A 30 -3.95 -4.11 8.25
CA SER A 30 -5.07 -4.98 8.63
C SER A 30 -5.74 -4.48 9.92
N GLU A 31 -4.96 -3.77 10.73
CA GLU A 31 -5.47 -3.11 11.94
C GLU A 31 -6.02 -1.71 11.63
N ASP A 32 -5.35 -1.01 10.71
CA ASP A 32 -5.65 0.38 10.37
C ASP A 32 -6.89 0.50 9.46
N LYS A 33 -7.35 -0.63 8.91
CA LYS A 33 -8.50 -0.64 8.00
C LYS A 33 -9.84 -0.37 8.74
N ALA A 34 -9.76 -0.11 10.04
CA ALA A 34 -10.96 0.25 10.83
C ALA A 34 -11.56 1.59 10.38
N PHE A 35 -10.72 2.44 9.79
CA PHE A 35 -11.17 3.72 9.22
C PHE A 35 -11.70 3.53 7.80
N PRO A 36 -12.87 4.13 7.45
CA PRO A 36 -13.43 4.06 6.09
C PRO A 36 -12.38 4.42 5.02
N ARG A 37 -11.89 3.40 4.32
CA ARG A 37 -10.75 3.56 3.41
C ARG A 37 -11.15 4.20 2.06
N LEU A 38 -11.74 3.40 1.17
CA LEU A 38 -12.06 3.85 -0.20
C LEU A 38 -10.81 4.45 -0.87
N GLU A 39 -9.66 3.89 -0.54
CA GLU A 39 -8.35 4.45 -0.92
C GLU A 39 -8.04 4.28 -2.43
N GLU A 40 -7.94 3.03 -2.89
CA GLU A 40 -7.56 2.65 -4.28
C GLU A 40 -6.37 3.48 -4.88
N ARG A 41 -6.59 4.77 -5.13
CA ARG A 41 -5.58 5.63 -5.77
C ARG A 41 -4.31 5.74 -4.91
N HIS A 42 -3.18 5.36 -5.49
CA HIS A 42 -1.91 5.24 -4.73
C HIS A 42 -1.32 6.61 -4.33
N GLN A 43 -1.81 7.70 -4.93
CA GLN A 43 -1.33 9.05 -4.60
C GLN A 43 -1.65 9.39 -3.13
N VAL A 44 -2.95 9.42 -2.81
CA VAL A 44 -3.41 9.75 -1.45
C VAL A 44 -2.78 8.83 -0.39
N ILE A 45 -2.45 7.60 -0.79
CA ILE A 45 -1.78 6.65 0.10
C ILE A 45 -0.47 7.23 0.65
N ARG A 46 0.38 7.73 -0.25
CA ARG A 46 1.67 8.30 0.14
C ARG A 46 1.50 9.46 1.14
N ALA A 47 0.47 10.28 0.92
CA ALA A 47 0.17 11.41 1.80
C ALA A 47 -0.24 10.92 3.21
N TYR A 48 -1.21 10.01 3.26
CA TYR A 48 -1.73 9.53 4.54
C TYR A 48 -0.71 8.68 5.32
N VAL A 49 0.09 7.87 4.63
CA VAL A 49 1.11 7.05 5.31
C VAL A 49 2.22 7.92 5.92
N MET A 50 2.64 8.97 5.21
CA MET A 50 3.63 9.92 5.74
C MET A 50 3.04 10.73 6.91
N SER A 51 1.72 10.86 6.93
CA SER A 51 1.01 11.56 8.01
C SER A 51 0.85 10.68 9.26
N ASN A 52 0.51 9.41 9.04
CA ASN A 52 0.21 8.49 10.14
C ASN A 52 1.45 7.69 10.60
N TYR A 53 2.03 6.92 9.68
CA TYR A 53 3.14 6.01 10.02
C TYR A 53 4.46 6.77 10.22
N THR A 54 4.84 6.97 11.48
CA THR A 54 6.08 7.69 11.81
C THR A 54 7.30 6.77 11.78
N ASP A 55 7.06 5.45 11.72
CA ASP A 55 8.14 4.46 11.69
C ASP A 55 8.81 4.38 10.31
N HIS A 56 10.14 4.46 10.29
CA HIS A 56 10.91 4.45 9.05
C HIS A 56 10.68 3.19 8.22
N GLN A 57 10.63 2.02 8.87
CA GLN A 57 10.45 0.74 8.16
C GLN A 57 9.07 0.66 7.49
N LEU A 58 8.04 1.16 8.16
CA LEU A 58 6.70 1.23 7.58
C LEU A 58 6.69 2.11 6.32
N ILE A 59 7.38 3.25 6.40
CA ILE A 59 7.54 4.15 5.26
C ILE A 59 8.32 3.48 4.12
N GLU A 60 9.44 2.83 4.45
CA GLU A 60 10.26 2.10 3.48
C GLU A 60 9.41 1.11 2.67
N THR A 61 8.69 0.26 3.38
CA THR A 61 7.81 -0.74 2.76
C THR A 61 6.78 -0.08 1.83
N THR A 62 6.11 0.95 2.34
CA THR A 62 5.02 1.62 1.60
C THR A 62 5.51 2.32 0.32
N ASN A 63 6.45 3.27 0.46
CA ASN A 63 6.87 4.11 -0.68
C ASN A 63 7.39 3.26 -1.84
N ARG A 64 8.11 2.18 -1.53
CA ARG A 64 8.68 1.30 -2.54
C ARG A 64 7.59 0.48 -3.25
N ALA A 65 6.60 0.03 -2.48
CA ALA A 65 5.44 -0.68 -3.04
C ALA A 65 4.64 0.23 -3.98
N ILE A 66 4.44 1.48 -3.55
CA ILE A 66 3.78 2.49 -4.37
C ILE A 66 4.55 2.73 -5.68
N SER A 67 5.87 2.90 -5.57
CA SER A 67 6.74 3.06 -6.74
C SER A 67 6.47 1.98 -7.79
N LEU A 68 6.42 0.72 -7.33
CA LEU A 68 6.14 -0.42 -8.21
C LEU A 68 4.75 -0.29 -8.87
N TYR A 69 3.71 -0.17 -8.06
CA TYR A 69 2.33 -0.13 -8.56
C TYR A 69 1.91 1.25 -9.11
N MET A 70 2.90 2.08 -9.43
CA MET A 70 2.66 3.31 -10.20
C MET A 70 3.48 3.28 -11.49
N ALA A 71 4.80 3.13 -11.37
CA ALA A 71 5.70 3.07 -12.52
C ALA A 71 5.32 1.91 -13.46
N ASN A 72 5.10 0.72 -12.90
CA ASN A 72 4.72 -0.46 -13.69
C ASN A 72 3.38 -0.24 -14.40
N LEU A 73 2.42 0.37 -13.70
CA LEU A 73 1.10 0.65 -14.27
C LEU A 73 1.20 1.60 -15.47
N GLU A 74 1.81 2.77 -15.26
CA GLU A 74 2.03 3.76 -16.32
C GLU A 74 2.78 3.13 -17.51
N HIS A 75 3.88 2.43 -17.20
CA HIS A 75 4.70 1.78 -18.22
C HIS A 75 3.93 0.67 -18.97
N HIS A 76 2.91 0.12 -18.30
CA HIS A 76 2.08 -0.94 -18.89
C HIS A 76 0.91 -0.39 -19.72
N HIS A 77 0.65 0.92 -19.62
CA HIS A 77 -0.43 1.57 -20.38
C HIS A 77 -0.29 1.30 -21.89
N HIS A 78 0.94 1.33 -22.38
CA HIS A 78 1.23 1.01 -23.79
C HIS A 78 2.74 0.78 -23.99
N HIS A 79 3.52 1.83 -23.79
CA HIS A 79 4.98 1.77 -23.89
C HIS A 79 5.59 3.12 -23.52
N HIS A 80 6.12 3.22 -22.30
CA HIS A 80 6.63 4.48 -21.73
C HIS A 80 5.49 5.51 -21.59
N MET A 1 -21.67 2.13 -0.30
CA MET A 1 -20.88 0.92 0.02
C MET A 1 -20.29 0.27 -1.24
N ALA A 2 -19.12 0.75 -1.67
CA ALA A 2 -18.48 0.25 -2.89
C ALA A 2 -17.12 0.93 -3.12
N GLY A 3 -16.50 0.68 -4.27
CA GLY A 3 -15.26 1.35 -4.63
C GLY A 3 -14.00 0.58 -4.23
N ASP A 4 -13.81 0.39 -2.93
CA ASP A 4 -12.57 -0.22 -2.39
C ASP A 4 -12.35 -1.67 -2.85
N PRO A 5 -11.31 -1.91 -3.66
CA PRO A 5 -10.83 -3.25 -4.01
C PRO A 5 -9.57 -3.65 -3.23
N MET A 6 -9.21 -2.83 -2.22
CA MET A 6 -7.97 -3.02 -1.44
C MET A 6 -6.71 -3.01 -2.34
N THR A 7 -6.55 -1.93 -3.10
CA THR A 7 -5.41 -1.80 -4.04
C THR A 7 -4.06 -1.96 -3.33
N PHE A 8 -3.79 -1.09 -2.35
CA PHE A 8 -2.55 -1.17 -1.58
C PHE A 8 -2.46 -2.46 -0.76
N TYR A 9 -3.55 -2.79 -0.06
CA TYR A 9 -3.57 -3.95 0.84
C TYR A 9 -3.29 -5.27 0.09
N ASN A 10 -3.87 -5.42 -1.10
CA ASN A 10 -3.75 -6.67 -1.88
C ASN A 10 -2.28 -7.04 -2.16
N PHE A 11 -1.40 -6.03 -2.20
CA PHE A 11 0.03 -6.27 -2.45
C PHE A 11 0.82 -6.41 -1.14
N ILE A 12 0.64 -5.45 -0.23
CA ILE A 12 1.40 -5.43 1.02
C ILE A 12 1.15 -6.70 1.87
N MET A 13 -0.06 -7.25 1.77
CA MET A 13 -0.40 -8.49 2.50
C MET A 13 0.49 -9.67 2.05
N GLY A 14 1.09 -9.53 0.86
CA GLY A 14 2.02 -10.54 0.38
C GLY A 14 3.22 -10.75 1.30
N PHE A 15 3.61 -9.68 2.01
CA PHE A 15 4.70 -9.75 3.00
C PHE A 15 4.19 -10.26 4.35
N GLN A 16 2.87 -10.32 4.51
CA GLN A 16 2.22 -10.82 5.73
C GLN A 16 2.00 -12.34 5.66
N ASN A 17 2.01 -12.89 4.45
CA ASN A 17 1.90 -14.35 4.25
C ASN A 17 2.94 -15.10 5.11
N ASP A 18 4.15 -14.58 5.17
CA ASP A 18 5.19 -15.09 6.06
C ASP A 18 5.58 -14.01 7.09
N ASN A 19 5.77 -14.42 8.35
CA ASN A 19 6.07 -13.46 9.43
C ASN A 19 7.40 -12.72 9.19
N THR A 20 7.31 -11.56 8.54
CA THR A 20 8.48 -10.72 8.25
C THR A 20 8.36 -9.35 8.94
N PRO A 21 9.49 -8.69 9.24
CA PRO A 21 9.48 -7.33 9.82
C PRO A 21 8.66 -6.32 8.99
N PHE A 22 8.51 -6.61 7.70
CA PHE A 22 7.74 -5.75 6.79
C PHE A 22 6.24 -6.09 6.87
N GLY A 23 5.93 -7.37 7.04
CA GLY A 23 4.54 -7.82 7.15
C GLY A 23 3.78 -7.15 8.29
N ILE A 24 4.50 -6.78 9.35
CA ILE A 24 3.92 -6.07 10.50
C ILE A 24 3.07 -4.86 10.03
N LEU A 25 3.59 -4.14 9.03
CA LEU A 25 2.87 -3.01 8.44
C LEU A 25 1.56 -3.49 7.80
N ALA A 26 1.63 -4.60 7.08
CA ALA A 26 0.44 -5.19 6.44
C ALA A 26 -0.63 -5.59 7.46
N GLU A 27 -0.21 -6.20 8.57
CA GLU A 27 -1.14 -6.55 9.65
C GLU A 27 -1.72 -5.30 10.32
N HIS A 28 -0.92 -4.23 10.41
CA HIS A 28 -1.37 -2.98 11.03
C HIS A 28 -2.42 -2.27 10.16
N VAL A 29 -2.17 -2.18 8.85
CA VAL A 29 -3.16 -1.59 7.93
C VAL A 29 -4.40 -2.52 7.82
N SER A 30 -4.18 -3.82 7.96
CA SER A 30 -5.26 -4.82 8.01
C SER A 30 -6.18 -4.56 9.21
N GLU A 31 -5.64 -3.92 10.24
CA GLU A 31 -6.38 -3.59 11.45
C GLU A 31 -7.31 -2.37 11.22
N ASP A 32 -7.02 -1.56 10.20
CA ASP A 32 -7.75 -0.31 9.96
C ASP A 32 -8.58 -0.35 8.65
N LYS A 33 -8.52 -1.47 7.92
CA LYS A 33 -9.24 -1.61 6.63
C LYS A 33 -10.77 -1.83 6.83
N ALA A 34 -11.33 -1.26 7.89
CA ALA A 34 -12.75 -1.42 8.21
C ALA A 34 -13.63 -0.47 7.39
N PHE A 35 -13.17 0.77 7.21
CA PHE A 35 -13.96 1.80 6.52
C PHE A 35 -13.22 2.35 5.28
N PRO A 36 -13.83 2.21 4.08
CA PRO A 36 -13.27 2.79 2.85
C PRO A 36 -13.35 4.33 2.85
N ARG A 37 -12.37 4.97 3.45
CA ARG A 37 -12.33 6.44 3.56
C ARG A 37 -12.09 7.09 2.18
N LEU A 38 -10.83 7.16 1.77
CA LEU A 38 -10.47 7.60 0.41
C LEU A 38 -9.08 7.07 0.04
N GLU A 39 -8.59 6.13 0.83
CA GLU A 39 -7.24 5.55 0.68
C GLU A 39 -7.20 4.43 -0.37
N GLU A 40 -8.29 4.27 -1.11
CA GLU A 40 -8.37 3.24 -2.16
C GLU A 40 -7.40 3.54 -3.32
N ARG A 41 -6.76 4.71 -3.30
CA ARG A 41 -5.84 5.14 -4.34
C ARG A 41 -4.40 5.18 -3.82
N HIS A 42 -3.47 4.46 -4.47
CA HIS A 42 -2.06 4.44 -4.04
C HIS A 42 -1.48 5.86 -3.87
N GLN A 43 -1.90 6.77 -4.74
CA GLN A 43 -1.47 8.17 -4.69
C GLN A 43 -1.65 8.80 -3.30
N VAL A 44 -2.85 8.64 -2.72
CA VAL A 44 -3.15 9.23 -1.41
C VAL A 44 -2.56 8.42 -0.25
N ILE A 45 -2.33 7.12 -0.48
CA ILE A 45 -1.67 6.26 0.52
C ILE A 45 -0.27 6.79 0.86
N ARG A 46 0.51 7.12 -0.17
CA ARG A 46 1.88 7.62 0.01
C ARG A 46 1.91 8.82 0.98
N ALA A 47 0.97 9.75 0.80
CA ALA A 47 0.86 10.92 1.68
C ALA A 47 0.27 10.54 3.06
N TYR A 48 -0.74 9.67 3.04
CA TYR A 48 -1.43 9.24 4.26
C TYR A 48 -0.47 8.55 5.24
N VAL A 49 0.35 7.63 4.72
CA VAL A 49 1.31 6.90 5.57
C VAL A 49 2.34 7.83 6.21
N MET A 50 2.80 8.83 5.46
CA MET A 50 3.74 9.83 5.99
C MET A 50 3.05 10.77 7.01
N SER A 51 1.72 10.74 7.03
CA SER A 51 0.92 11.54 7.97
C SER A 51 0.62 10.76 9.27
N ASN A 52 1.05 9.50 9.33
CA ASN A 52 0.80 8.63 10.51
C ASN A 52 2.07 7.88 10.95
N TYR A 53 2.70 7.18 10.02
CA TYR A 53 3.91 6.40 10.31
C TYR A 53 5.18 7.27 10.24
N THR A 54 6.14 6.98 11.11
CA THR A 54 7.39 7.75 11.17
C THR A 54 8.62 6.89 10.88
N ASP A 55 8.71 5.73 11.53
CA ASP A 55 9.86 4.83 11.38
C ASP A 55 10.20 4.51 9.92
N HIS A 56 11.51 4.39 9.67
CA HIS A 56 12.06 4.20 8.31
C HIS A 56 11.35 3.08 7.53
N GLN A 57 11.33 1.87 8.10
CA GLN A 57 10.77 0.69 7.41
C GLN A 57 9.29 0.89 7.03
N LEU A 58 8.52 1.53 7.91
CA LEU A 58 7.09 1.74 7.70
C LEU A 58 6.80 2.52 6.40
N ILE A 59 7.61 3.54 6.14
CA ILE A 59 7.45 4.36 4.93
C ILE A 59 8.18 3.73 3.73
N GLU A 60 9.38 3.20 3.98
CA GLU A 60 10.24 2.60 2.93
C GLU A 60 9.52 1.50 2.14
N THR A 61 8.97 0.50 2.85
CA THR A 61 8.27 -0.61 2.20
C THR A 61 7.01 -0.12 1.47
N THR A 62 6.25 0.75 2.13
CA THR A 62 5.00 1.29 1.56
C THR A 62 5.23 2.02 0.23
N ASN A 63 6.22 2.92 0.21
CA ASN A 63 6.52 3.74 -0.99
C ASN A 63 6.70 2.86 -2.24
N ARG A 64 7.29 1.68 -2.05
CA ARG A 64 7.49 0.73 -3.15
C ARG A 64 6.14 0.25 -3.72
N ALA A 65 5.26 -0.20 -2.84
CA ALA A 65 3.93 -0.69 -3.24
C ALA A 65 3.10 0.40 -3.93
N ILE A 66 3.45 1.65 -3.68
CA ILE A 66 2.79 2.79 -4.33
C ILE A 66 3.21 2.94 -5.79
N SER A 67 4.53 3.03 -6.01
CA SER A 67 5.09 3.23 -7.35
C SER A 67 4.78 2.07 -8.31
N LEU A 68 4.82 0.84 -7.79
CA LEU A 68 4.58 -0.36 -8.62
C LEU A 68 3.25 -0.30 -9.40
N TYR A 69 2.13 -0.27 -8.68
CA TYR A 69 0.80 -0.26 -9.33
C TYR A 69 0.41 1.13 -9.87
N MET A 70 1.42 1.98 -10.12
CA MET A 70 1.19 3.27 -10.79
C MET A 70 2.19 3.46 -11.94
N ALA A 71 3.48 3.63 -11.59
CA ALA A 71 4.54 3.86 -12.59
C ALA A 71 4.78 2.62 -13.46
N ASN A 72 4.84 1.44 -12.84
CA ASN A 72 5.07 0.19 -13.57
C ASN A 72 3.86 -0.12 -14.49
N LEU A 73 2.66 0.14 -13.98
CA LEU A 73 1.42 -0.05 -14.74
C LEU A 73 1.47 0.74 -16.06
N GLU A 74 1.66 2.06 -15.98
CA GLU A 74 1.74 2.91 -17.17
C GLU A 74 2.99 2.59 -18.02
N HIS A 75 4.04 2.05 -17.38
CA HIS A 75 5.23 1.62 -18.11
C HIS A 75 4.89 0.47 -19.07
N HIS A 76 4.05 -0.46 -18.59
CA HIS A 76 3.56 -1.56 -19.44
C HIS A 76 2.65 -1.03 -20.57
N HIS A 77 1.94 0.07 -20.29
CA HIS A 77 1.13 0.74 -21.31
C HIS A 77 1.99 1.17 -22.50
N HIS A 78 3.23 1.57 -22.21
CA HIS A 78 4.21 1.87 -23.26
C HIS A 78 4.99 0.60 -23.64
N HIS A 79 4.49 -0.13 -24.64
CA HIS A 79 5.17 -1.33 -25.13
C HIS A 79 6.52 -0.96 -25.78
N HIS A 80 6.66 0.31 -26.12
CA HIS A 80 7.92 0.85 -26.66
C HIS A 80 7.90 2.40 -26.63
N MET A 1 -22.82 2.31 -5.23
CA MET A 1 -22.12 3.62 -5.15
C MET A 1 -20.66 3.51 -5.62
N ALA A 2 -19.89 2.63 -4.96
CA ALA A 2 -18.48 2.42 -5.30
C ALA A 2 -18.08 0.94 -5.18
N GLY A 3 -16.79 0.68 -5.34
CA GLY A 3 -16.29 -0.70 -5.21
C GLY A 3 -14.93 -0.75 -4.51
N ASP A 4 -14.64 -1.87 -3.85
CA ASP A 4 -13.37 -2.05 -3.13
C ASP A 4 -12.34 -2.79 -3.99
N PRO A 5 -11.38 -2.07 -4.59
CA PRO A 5 -10.34 -2.70 -5.45
C PRO A 5 -9.24 -3.40 -4.64
N MET A 6 -9.02 -2.92 -3.41
CA MET A 6 -7.98 -3.48 -2.51
C MET A 6 -6.59 -3.49 -3.17
N THR A 7 -6.41 -2.65 -4.20
CA THR A 7 -5.17 -2.63 -5.00
C THR A 7 -3.98 -1.98 -4.25
N PHE A 8 -4.01 -2.02 -2.92
CA PHE A 8 -2.86 -1.64 -2.10
C PHE A 8 -2.44 -2.85 -1.25
N TYR A 9 -3.36 -3.30 -0.38
CA TYR A 9 -3.14 -4.51 0.42
C TYR A 9 -2.92 -5.74 -0.48
N ASN A 10 -3.48 -5.69 -1.68
CA ASN A 10 -3.33 -6.78 -2.67
C ASN A 10 -1.85 -7.10 -2.95
N PHE A 11 -1.02 -6.05 -3.03
CA PHE A 11 0.41 -6.22 -3.26
C PHE A 11 1.10 -6.87 -2.05
N ILE A 12 0.88 -6.29 -0.88
CA ILE A 12 1.56 -6.72 0.34
C ILE A 12 0.87 -7.95 0.99
N MET A 13 -0.24 -8.38 0.41
CA MET A 13 -0.96 -9.58 0.88
C MET A 13 -0.05 -10.81 0.83
N GLY A 14 -0.18 -11.69 1.80
CA GLY A 14 0.74 -12.82 1.92
C GLY A 14 1.83 -12.57 2.94
N PHE A 15 2.36 -11.34 2.96
CA PHE A 15 3.34 -10.93 3.96
C PHE A 15 2.71 -10.80 5.35
N GLN A 16 1.38 -10.61 5.38
CA GLN A 16 0.61 -10.62 6.64
C GLN A 16 0.58 -12.05 7.21
N ASN A 17 1.77 -12.53 7.62
CA ASN A 17 1.97 -13.92 8.01
C ASN A 17 3.45 -14.19 8.33
N ASP A 18 4.34 -13.65 7.48
CA ASP A 18 5.79 -13.84 7.63
C ASP A 18 6.43 -12.65 8.36
N ASN A 19 7.45 -12.95 9.17
CA ASN A 19 8.15 -11.93 9.95
C ASN A 19 9.21 -11.20 9.12
N THR A 20 8.77 -10.22 8.32
CA THR A 20 9.67 -9.41 7.50
C THR A 20 9.32 -7.91 7.64
N PRO A 21 10.27 -6.99 7.34
CA PRO A 21 10.01 -5.53 7.34
C PRO A 21 8.75 -5.16 6.52
N PHE A 22 8.46 -5.95 5.49
CA PHE A 22 7.26 -5.78 4.68
C PHE A 22 6.04 -6.41 5.38
N GLY A 23 6.25 -7.56 6.02
CA GLY A 23 5.19 -8.22 6.78
C GLY A 23 4.66 -7.36 7.93
N ILE A 24 5.56 -6.62 8.58
CA ILE A 24 5.18 -5.68 9.63
C ILE A 24 4.11 -4.69 9.14
N LEU A 25 4.37 -4.09 7.99
CA LEU A 25 3.44 -3.15 7.36
C LEU A 25 2.11 -3.87 7.01
N ALA A 26 2.22 -4.99 6.31
CA ALA A 26 1.04 -5.79 5.93
C ALA A 26 0.14 -6.10 7.13
N GLU A 27 0.76 -6.44 8.25
CA GLU A 27 0.04 -6.75 9.48
C GLU A 27 -0.60 -5.50 10.10
N HIS A 28 0.12 -4.39 10.07
CA HIS A 28 -0.34 -3.15 10.72
C HIS A 28 -1.46 -2.44 9.92
N VAL A 29 -1.45 -2.59 8.60
CA VAL A 29 -2.51 -2.00 7.77
C VAL A 29 -3.80 -2.82 7.81
N SER A 30 -3.68 -4.09 8.20
CA SER A 30 -4.85 -4.98 8.37
C SER A 30 -5.23 -5.07 9.86
N GLU A 31 -4.80 -4.08 10.64
CA GLU A 31 -5.03 -4.06 12.09
C GLU A 31 -6.47 -3.69 12.45
N ASP A 32 -7.08 -2.76 11.69
CA ASP A 32 -8.43 -2.27 12.00
C ASP A 32 -9.45 -2.76 10.95
N LYS A 33 -10.66 -2.16 10.97
CA LYS A 33 -11.75 -2.53 10.05
C LYS A 33 -11.33 -2.59 8.58
N ALA A 34 -10.44 -1.68 8.17
CA ALA A 34 -9.87 -1.68 6.81
C ALA A 34 -10.91 -1.38 5.71
N PHE A 35 -12.01 -0.71 6.07
CA PHE A 35 -13.02 -0.30 5.09
C PHE A 35 -12.53 0.95 4.30
N PRO A 36 -12.75 0.96 2.96
CA PRO A 36 -12.29 2.07 2.10
C PRO A 36 -13.06 3.38 2.34
N ARG A 37 -12.37 4.52 2.19
CA ARG A 37 -12.99 5.83 2.39
C ARG A 37 -13.18 6.57 1.04
N LEU A 38 -12.07 6.88 0.38
CA LEU A 38 -12.11 7.61 -0.91
C LEU A 38 -10.81 7.35 -1.72
N GLU A 39 -9.92 6.54 -1.15
CA GLU A 39 -8.57 6.35 -1.68
C GLU A 39 -8.55 5.48 -2.95
N GLU A 40 -8.80 6.10 -4.10
CA GLU A 40 -8.75 5.40 -5.40
C GLU A 40 -7.32 5.42 -5.95
N ARG A 41 -6.75 6.63 -6.04
CA ARG A 41 -5.36 6.80 -6.50
C ARG A 41 -4.37 6.37 -5.42
N HIS A 42 -3.20 5.89 -5.84
CA HIS A 42 -2.23 5.27 -4.92
C HIS A 42 -1.13 6.24 -4.43
N GLN A 43 -0.93 7.36 -5.13
CA GLN A 43 0.16 8.30 -4.77
C GLN A 43 -0.14 8.97 -3.41
N VAL A 44 -1.40 9.36 -3.19
CA VAL A 44 -1.82 10.01 -1.94
C VAL A 44 -1.49 9.15 -0.69
N ILE A 45 -1.38 7.84 -0.89
CA ILE A 45 -1.07 6.92 0.22
C ILE A 45 0.34 7.20 0.78
N ARG A 46 1.23 7.68 -0.08
CA ARG A 46 2.60 8.05 0.32
C ARG A 46 2.60 9.13 1.41
N ALA A 47 1.80 10.17 1.22
CA ALA A 47 1.68 11.25 2.20
C ALA A 47 0.91 10.80 3.45
N TYR A 48 -0.10 9.95 3.25
CA TYR A 48 -0.95 9.46 4.34
C TYR A 48 -0.12 8.89 5.51
N VAL A 49 0.79 7.97 5.20
CA VAL A 49 1.62 7.33 6.24
C VAL A 49 2.69 8.26 6.81
N MET A 50 3.12 9.26 6.04
CA MET A 50 4.11 10.24 6.52
C MET A 50 3.56 11.07 7.69
N SER A 51 2.24 11.13 7.81
CA SER A 51 1.59 11.87 8.91
C SER A 51 1.21 10.95 10.08
N ASN A 52 0.93 9.68 9.79
CA ASN A 52 0.44 8.74 10.82
C ASN A 52 1.57 7.87 11.40
N TYR A 53 2.43 7.32 10.54
CA TYR A 53 3.45 6.35 10.98
C TYR A 53 4.81 7.00 11.28
N THR A 54 5.49 6.47 12.30
CA THR A 54 6.84 6.93 12.68
C THR A 54 7.90 5.89 12.33
N ASP A 55 7.55 4.61 12.48
CA ASP A 55 8.46 3.51 12.18
C ASP A 55 8.83 3.44 10.69
N HIS A 56 10.13 3.40 10.40
CA HIS A 56 10.63 3.41 9.01
C HIS A 56 10.04 2.25 8.18
N GLN A 57 9.93 1.07 8.80
CA GLN A 57 9.37 -0.10 8.11
C GLN A 57 7.89 0.12 7.73
N LEU A 58 7.20 0.95 8.49
CA LEU A 58 5.81 1.30 8.19
C LEU A 58 5.73 2.47 7.18
N ILE A 59 6.74 3.33 7.19
CA ILE A 59 6.80 4.48 6.29
C ILE A 59 7.21 4.06 4.85
N GLU A 60 8.44 3.55 4.70
CA GLU A 60 8.98 3.24 3.37
C GLU A 60 8.15 2.18 2.63
N THR A 61 7.96 1.01 3.25
CA THR A 61 7.25 -0.11 2.63
C THR A 61 5.96 0.34 1.93
N THR A 62 5.19 1.19 2.61
CA THR A 62 3.94 1.74 2.05
C THR A 62 4.18 2.51 0.75
N ASN A 63 4.94 3.61 0.82
CA ASN A 63 5.16 4.47 -0.34
C ASN A 63 6.08 3.81 -1.37
N ARG A 64 6.72 2.72 -0.98
CA ARG A 64 7.59 1.94 -1.87
C ARG A 64 6.75 0.97 -2.73
N ALA A 65 5.78 0.32 -2.10
CA ALA A 65 4.87 -0.60 -2.81
C ALA A 65 4.12 0.11 -3.94
N ILE A 66 3.73 1.37 -3.68
CA ILE A 66 3.06 2.21 -4.68
C ILE A 66 3.86 2.31 -5.98
N SER A 67 5.20 2.38 -5.84
CA SER A 67 6.10 2.48 -6.99
C SER A 67 5.96 1.29 -7.95
N LEU A 68 5.85 0.08 -7.39
CA LEU A 68 5.71 -1.13 -8.20
C LEU A 68 4.46 -1.06 -9.10
N TYR A 69 3.31 -0.72 -8.51
CA TYR A 69 2.07 -0.57 -9.28
C TYR A 69 2.17 0.54 -10.33
N MET A 70 2.52 1.75 -9.90
CA MET A 70 2.57 2.90 -10.81
C MET A 70 3.54 2.69 -11.97
N ALA A 71 4.74 2.15 -11.67
CA ALA A 71 5.76 1.90 -12.69
C ALA A 71 5.30 0.86 -13.73
N ASN A 72 4.66 -0.21 -13.27
CA ASN A 72 4.17 -1.25 -14.18
C ASN A 72 2.97 -0.76 -14.99
N LEU A 73 2.00 -0.16 -14.31
CA LEU A 73 0.77 0.33 -14.95
C LEU A 73 1.08 1.34 -16.06
N GLU A 74 1.94 2.31 -15.78
CA GLU A 74 2.28 3.35 -16.77
C GLU A 74 2.92 2.74 -18.04
N HIS A 75 3.76 1.73 -17.86
CA HIS A 75 4.45 1.09 -18.99
C HIS A 75 3.58 0.02 -19.66
N HIS A 76 2.58 -0.49 -18.93
CA HIS A 76 1.63 -1.43 -19.51
C HIS A 76 0.58 -0.69 -20.36
N HIS A 77 0.05 0.42 -19.82
CA HIS A 77 -0.87 1.28 -20.56
C HIS A 77 -0.12 2.03 -21.67
N HIS A 78 1.00 2.65 -21.28
CA HIS A 78 1.98 3.27 -22.19
C HIS A 78 1.37 4.13 -23.31
N HIS A 79 1.64 5.43 -23.25
CA HIS A 79 1.19 6.37 -24.28
C HIS A 79 1.90 7.73 -24.12
N HIS A 80 2.18 8.12 -22.88
CA HIS A 80 2.93 9.36 -22.60
C HIS A 80 4.37 9.05 -22.16
N MET A 1 -19.43 -2.32 -5.49
CA MET A 1 -18.35 -1.92 -4.56
C MET A 1 -17.51 -0.77 -5.15
N ALA A 2 -16.60 -1.10 -6.07
CA ALA A 2 -15.69 -0.11 -6.69
C ALA A 2 -14.69 -0.79 -7.63
N GLY A 3 -13.88 0.00 -8.32
CA GLY A 3 -12.84 -0.55 -9.20
C GLY A 3 -11.62 -1.04 -8.43
N ASP A 4 -11.82 -2.04 -7.57
CA ASP A 4 -10.79 -2.60 -6.69
C ASP A 4 -10.12 -1.52 -5.81
N PRO A 5 -10.67 -1.29 -4.60
CA PRO A 5 -10.11 -0.32 -3.64
C PRO A 5 -9.12 -0.96 -2.65
N MET A 6 -8.83 -2.25 -2.81
CA MET A 6 -8.00 -2.99 -1.85
C MET A 6 -6.65 -3.39 -2.45
N THR A 7 -6.34 -2.86 -3.64
CA THR A 7 -5.06 -3.13 -4.33
C THR A 7 -3.84 -3.08 -3.39
N PHE A 8 -3.75 -2.03 -2.56
CA PHE A 8 -2.65 -1.88 -1.60
C PHE A 8 -2.49 -3.13 -0.71
N TYR A 9 -3.60 -3.57 -0.12
CA TYR A 9 -3.60 -4.77 0.72
C TYR A 9 -3.32 -6.02 -0.12
N ASN A 10 -3.90 -6.09 -1.32
CA ASN A 10 -3.73 -7.22 -2.23
C ASN A 10 -2.25 -7.38 -2.65
N PHE A 11 -1.48 -6.29 -2.57
CA PHE A 11 -0.04 -6.33 -2.88
C PHE A 11 0.76 -6.88 -1.69
N ILE A 12 0.56 -6.30 -0.51
CA ILE A 12 1.31 -6.68 0.68
C ILE A 12 0.80 -8.01 1.28
N MET A 13 -0.36 -8.45 0.83
CA MET A 13 -0.94 -9.74 1.25
C MET A 13 0.00 -10.91 0.92
N GLY A 14 0.15 -11.84 1.86
CA GLY A 14 1.10 -12.93 1.71
C GLY A 14 2.36 -12.72 2.53
N PHE A 15 2.91 -11.52 2.48
CA PHE A 15 4.08 -11.15 3.29
C PHE A 15 3.75 -11.20 4.79
N GLN A 16 2.48 -10.99 5.11
CA GLN A 16 1.98 -11.05 6.49
C GLN A 16 2.31 -12.40 7.16
N ASN A 17 2.39 -13.45 6.35
CA ASN A 17 2.62 -14.81 6.85
C ASN A 17 4.02 -14.96 7.47
N ASP A 18 5.00 -14.23 6.95
CA ASP A 18 6.37 -14.30 7.47
C ASP A 18 6.73 -13.04 8.28
N ASN A 19 7.25 -13.24 9.48
CA ASN A 19 7.62 -12.14 10.38
C ASN A 19 8.75 -11.29 9.78
N THR A 20 8.36 -10.27 9.03
CA THR A 20 9.28 -9.35 8.35
C THR A 20 8.78 -7.91 8.40
N PRO A 21 9.62 -6.91 8.04
CA PRO A 21 9.17 -5.52 7.87
C PRO A 21 7.89 -5.42 7.02
N PHE A 22 7.80 -6.29 6.01
CA PHE A 22 6.61 -6.37 5.15
C PHE A 22 5.43 -6.99 5.90
N GLY A 23 5.70 -8.08 6.63
CA GLY A 23 4.69 -8.73 7.45
C GLY A 23 4.06 -7.81 8.49
N ILE A 24 4.89 -6.99 9.13
CA ILE A 24 4.42 -6.01 10.10
C ILE A 24 3.50 -4.97 9.44
N LEU A 25 3.90 -4.46 8.28
CA LEU A 25 3.09 -3.51 7.53
C LEU A 25 1.71 -4.11 7.20
N ALA A 26 1.71 -5.31 6.62
CA ALA A 26 0.46 -6.01 6.27
C ALA A 26 -0.41 -6.26 7.50
N GLU A 27 0.20 -6.71 8.59
CA GLU A 27 -0.51 -6.95 9.85
C GLU A 27 -1.09 -5.64 10.44
N HIS A 28 -0.33 -4.55 10.30
CA HIS A 28 -0.74 -3.25 10.84
C HIS A 28 -1.94 -2.68 10.06
N VAL A 29 -1.90 -2.76 8.74
CA VAL A 29 -3.01 -2.27 7.91
C VAL A 29 -4.27 -3.15 8.08
N SER A 30 -4.07 -4.42 8.47
CA SER A 30 -5.19 -5.32 8.79
C SER A 30 -5.95 -4.86 10.04
N GLU A 31 -5.28 -4.07 10.88
CA GLU A 31 -5.89 -3.49 12.09
C GLU A 31 -6.82 -2.32 11.75
N ASP A 32 -6.71 -1.79 10.54
CA ASP A 32 -7.46 -0.60 10.13
C ASP A 32 -8.92 -0.95 9.69
N LYS A 33 -9.57 -0.04 8.97
CA LYS A 33 -10.98 -0.19 8.57
C LYS A 33 -11.23 -1.45 7.73
N ALA A 34 -10.27 -1.80 6.87
CA ALA A 34 -10.38 -2.96 5.95
C ALA A 34 -11.46 -2.74 4.87
N PHE A 35 -12.02 -1.53 4.82
CA PHE A 35 -13.01 -1.15 3.82
C PHE A 35 -12.56 0.13 3.09
N PRO A 36 -12.97 0.30 1.81
CA PRO A 36 -12.53 1.44 0.97
C PRO A 36 -12.70 2.82 1.66
N ARG A 37 -11.58 3.39 2.11
CA ARG A 37 -11.58 4.72 2.71
C ARG A 37 -11.25 5.79 1.65
N LEU A 38 -9.98 5.83 1.24
CA LEU A 38 -9.50 6.81 0.25
C LEU A 38 -8.54 6.15 -0.78
N GLU A 39 -8.52 4.82 -0.82
CA GLU A 39 -7.56 4.08 -1.65
C GLU A 39 -7.95 4.03 -3.14
N GLU A 40 -8.38 5.17 -3.69
CA GLU A 40 -8.78 5.24 -5.11
C GLU A 40 -7.57 5.38 -6.04
N ARG A 41 -6.88 6.53 -5.97
CA ARG A 41 -5.73 6.80 -6.83
C ARG A 41 -4.39 6.40 -6.18
N HIS A 42 -4.46 5.84 -4.97
CA HIS A 42 -3.28 5.25 -4.28
C HIS A 42 -2.30 6.31 -3.74
N GLN A 43 -1.86 7.25 -4.58
CA GLN A 43 -0.86 8.26 -4.21
C GLN A 43 -1.17 8.97 -2.88
N VAL A 44 -2.44 9.20 -2.59
CA VAL A 44 -2.86 9.85 -1.34
C VAL A 44 -2.34 9.10 -0.10
N ILE A 45 -2.32 7.77 -0.18
CA ILE A 45 -1.84 6.93 0.93
C ILE A 45 -0.39 7.27 1.31
N ARG A 46 0.44 7.51 0.29
CA ARG A 46 1.86 7.83 0.49
C ARG A 46 2.01 9.13 1.29
N ALA A 47 1.07 10.04 1.11
CA ALA A 47 1.06 11.30 1.87
C ALA A 47 0.70 11.07 3.34
N TYR A 48 -0.40 10.34 3.57
CA TYR A 48 -0.88 10.08 4.94
C TYR A 48 0.15 9.31 5.78
N VAL A 49 0.82 8.31 5.19
CA VAL A 49 1.78 7.49 5.94
C VAL A 49 2.97 8.32 6.45
N MET A 50 3.35 9.37 5.71
CA MET A 50 4.45 10.25 6.14
C MET A 50 4.02 11.11 7.34
N SER A 51 2.72 11.23 7.56
CA SER A 51 2.18 12.00 8.70
C SER A 51 1.76 11.11 9.86
N ASN A 52 1.32 9.89 9.55
CA ASN A 52 0.82 8.96 10.58
C ASN A 52 1.94 8.02 11.11
N TYR A 53 2.88 7.65 10.25
CA TYR A 53 3.96 6.74 10.63
C TYR A 53 5.30 7.49 10.80
N THR A 54 6.11 7.03 11.73
CA THR A 54 7.41 7.65 12.01
C THR A 54 8.59 6.74 11.63
N ASP A 55 8.35 5.43 11.64
CA ASP A 55 9.42 4.44 11.41
C ASP A 55 9.62 4.13 9.92
N HIS A 56 10.86 3.73 9.58
CA HIS A 56 11.24 3.42 8.20
C HIS A 56 10.44 2.26 7.60
N GLN A 57 10.37 1.14 8.33
CA GLN A 57 9.73 -0.08 7.80
C GLN A 57 8.28 0.17 7.36
N LEU A 58 7.56 0.99 8.12
CA LEU A 58 6.16 1.31 7.79
C LEU A 58 6.04 2.24 6.57
N ILE A 59 6.89 3.28 6.51
CA ILE A 59 6.82 4.27 5.43
C ILE A 59 7.44 3.74 4.12
N GLU A 60 8.67 3.22 4.22
CA GLU A 60 9.42 2.74 3.05
C GLU A 60 8.63 1.69 2.26
N THR A 61 8.13 0.67 2.95
CA THR A 61 7.36 -0.42 2.33
C THR A 61 6.12 0.13 1.58
N THR A 62 5.47 1.14 2.17
CA THR A 62 4.25 1.72 1.58
C THR A 62 4.52 2.38 0.23
N ASN A 63 5.43 3.35 0.19
CA ASN A 63 5.75 4.05 -1.07
C ASN A 63 6.32 3.07 -2.11
N ARG A 64 7.03 2.07 -1.61
CA ARG A 64 7.57 0.99 -2.45
C ARG A 64 6.44 0.28 -3.21
N ALA A 65 5.45 -0.21 -2.46
CA ALA A 65 4.29 -0.91 -3.04
C ALA A 65 3.57 -0.05 -4.11
N ILE A 66 3.30 1.21 -3.76
CA ILE A 66 2.60 2.14 -4.66
C ILE A 66 3.37 2.30 -6.00
N SER A 67 4.70 2.34 -5.92
CA SER A 67 5.54 2.49 -7.12
C SER A 67 5.36 1.32 -8.09
N LEU A 68 5.19 0.11 -7.55
CA LEU A 68 4.96 -1.09 -8.38
C LEU A 68 3.56 -1.11 -9.01
N TYR A 69 2.76 -0.07 -8.73
CA TYR A 69 1.47 0.12 -9.40
C TYR A 69 1.54 1.27 -10.40
N MET A 70 1.95 2.44 -9.94
CA MET A 70 2.00 3.64 -10.78
C MET A 70 3.02 3.50 -11.93
N ALA A 71 4.32 3.46 -11.58
CA ALA A 71 5.40 3.36 -12.57
C ALA A 71 5.27 2.10 -13.44
N ASN A 72 4.67 1.06 -12.88
CA ASN A 72 4.48 -0.20 -13.60
C ASN A 72 3.35 -0.07 -14.64
N LEU A 73 2.20 0.45 -14.22
CA LEU A 73 1.05 0.67 -15.11
C LEU A 73 1.46 1.53 -16.31
N GLU A 74 2.09 2.67 -16.02
CA GLU A 74 2.57 3.59 -17.06
C GLU A 74 3.47 2.89 -18.08
N HIS A 75 4.38 2.04 -17.58
CA HIS A 75 5.34 1.33 -18.43
C HIS A 75 4.66 0.29 -19.34
N HIS A 76 3.53 -0.26 -18.90
CA HIS A 76 2.79 -1.25 -19.69
C HIS A 76 1.84 -0.58 -20.69
N HIS A 77 1.14 0.46 -20.25
CA HIS A 77 0.18 1.15 -21.12
C HIS A 77 0.90 2.01 -22.17
N HIS A 78 2.01 2.64 -21.78
CA HIS A 78 2.84 3.39 -22.73
C HIS A 78 3.63 2.41 -23.61
N HIS A 79 3.10 2.15 -24.80
CA HIS A 79 3.66 1.14 -25.71
C HIS A 79 5.13 1.38 -26.05
N HIS A 80 5.58 2.64 -25.91
CA HIS A 80 6.95 3.04 -26.27
C HIS A 80 7.17 3.00 -27.78
#